data_6TID
# 
_entry.id   6TID 
# 
_audit_conform.dict_name       mmcif_pdbx.dic 
_audit_conform.dict_version    5.383 
_audit_conform.dict_location   http://mmcif.pdb.org/dictionaries/ascii/mmcif_pdbx.dic 
# 
loop_
_database_2.database_id 
_database_2.database_code 
_database_2.pdbx_database_accession 
_database_2.pdbx_DOI 
PDB   6TID         pdb_00006tid 10.2210/pdb6tid/pdb 
WWPDB D_1292105532 ?            ?                   
# 
loop_
_pdbx_audit_revision_history.ordinal 
_pdbx_audit_revision_history.data_content_type 
_pdbx_audit_revision_history.major_revision 
_pdbx_audit_revision_history.minor_revision 
_pdbx_audit_revision_history.revision_date 
1 'Structure model' 1 0 2020-01-22 
2 'Structure model' 1 1 2020-01-29 
3 'Structure model' 2 0 2020-07-29 
4 'Structure model' 2 1 2024-01-24 
# 
loop_
_pdbx_audit_revision_details.ordinal 
_pdbx_audit_revision_details.revision_ordinal 
_pdbx_audit_revision_details.data_content_type 
_pdbx_audit_revision_details.provider 
_pdbx_audit_revision_details.type 
_pdbx_audit_revision_details.description 
_pdbx_audit_revision_details.details 
1 1 'Structure model' repository 'Initial release' ?                          ? 
2 3 'Structure model' repository Remediation       'Carbohydrate remediation' ? 
# 
loop_
_pdbx_audit_revision_group.ordinal 
_pdbx_audit_revision_group.revision_ordinal 
_pdbx_audit_revision_group.data_content_type 
_pdbx_audit_revision_group.group 
1  2 'Structure model' 'Database references'    
2  3 'Structure model' 'Atomic model'           
3  3 'Structure model' 'Data collection'        
4  3 'Structure model' 'Derived calculations'   
5  3 'Structure model' 'Structure summary'      
6  4 'Structure model' 'Data collection'        
7  4 'Structure model' 'Database references'    
8  4 'Structure model' 'Derived calculations'   
9  4 'Structure model' 'Refinement description' 
10 4 'Structure model' 'Structure summary'      
# 
loop_
_pdbx_audit_revision_category.ordinal 
_pdbx_audit_revision_category.revision_ordinal 
_pdbx_audit_revision_category.data_content_type 
_pdbx_audit_revision_category.category 
1  2 'Structure model' citation                      
2  2 'Structure model' citation_author               
3  3 'Structure model' atom_site                     
4  3 'Structure model' chem_comp                     
5  3 'Structure model' entity                        
6  3 'Structure model' entity_name_com               
7  3 'Structure model' pdbx_branch_scheme            
8  3 'Structure model' pdbx_chem_comp_identifier     
9  3 'Structure model' pdbx_entity_branch            
10 3 'Structure model' pdbx_entity_branch_descriptor 
11 3 'Structure model' pdbx_entity_branch_link       
12 3 'Structure model' pdbx_entity_branch_list       
13 3 'Structure model' pdbx_entity_nonpoly           
14 3 'Structure model' pdbx_molecule_features        
15 3 'Structure model' pdbx_nonpoly_scheme           
16 3 'Structure model' pdbx_struct_assembly_gen      
17 3 'Structure model' pdbx_struct_special_symmetry  
18 3 'Structure model' struct_asym                   
19 3 'Structure model' struct_conn                   
20 4 'Structure model' atom_type                     
21 4 'Structure model' chem_comp                     
22 4 'Structure model' chem_comp_atom                
23 4 'Structure model' chem_comp_bond                
24 4 'Structure model' database_2                    
25 4 'Structure model' pdbx_initial_refinement_model 
# 
loop_
_pdbx_audit_revision_item.ordinal 
_pdbx_audit_revision_item.revision_ordinal 
_pdbx_audit_revision_item.data_content_type 
_pdbx_audit_revision_item.item 
1  2 'Structure model' '_citation.country'                           
2  2 'Structure model' '_citation.journal_abbrev'                    
3  2 'Structure model' '_citation.journal_id_CSD'                    
4  2 'Structure model' '_citation.journal_id_ISSN'                   
5  2 'Structure model' '_citation.journal_volume'                    
6  2 'Structure model' '_citation.pdbx_database_id_DOI'              
7  2 'Structure model' '_citation.pdbx_database_id_PubMed'           
8  2 'Structure model' '_citation.title'                             
9  2 'Structure model' '_citation.year'                              
10 2 'Structure model' '_citation_author.identifier_ORCID'           
11 2 'Structure model' '_citation_author.name'                       
12 3 'Structure model' '_atom_site.B_iso_or_equiv'                   
13 3 'Structure model' '_atom_site.Cartn_x'                          
14 3 'Structure model' '_atom_site.Cartn_y'                          
15 3 'Structure model' '_atom_site.Cartn_z'                          
16 3 'Structure model' '_atom_site.auth_asym_id'                     
17 3 'Structure model' '_atom_site.auth_atom_id'                     
18 3 'Structure model' '_atom_site.auth_comp_id'                     
19 3 'Structure model' '_atom_site.auth_seq_id'                      
20 3 'Structure model' '_atom_site.label_asym_id'                    
21 3 'Structure model' '_atom_site.label_atom_id'                    
22 3 'Structure model' '_atom_site.label_comp_id'                    
23 3 'Structure model' '_atom_site.label_entity_id'                  
24 3 'Structure model' '_atom_site.occupancy'                        
25 3 'Structure model' '_atom_site.type_symbol'                      
26 3 'Structure model' '_chem_comp.name'                             
27 3 'Structure model' '_chem_comp.type'                             
28 3 'Structure model' '_pdbx_struct_assembly_gen.asym_id_list'      
29 3 'Structure model' '_pdbx_struct_special_symmetry.label_asym_id' 
30 3 'Structure model' '_struct_conn.pdbx_dist_value'                
31 3 'Structure model' '_struct_conn.pdbx_leaving_atom_flag'         
32 3 'Structure model' '_struct_conn.ptnr1_auth_asym_id'             
33 3 'Structure model' '_struct_conn.ptnr1_auth_comp_id'             
34 3 'Structure model' '_struct_conn.ptnr1_auth_seq_id'              
35 3 'Structure model' '_struct_conn.ptnr1_label_asym_id'            
36 3 'Structure model' '_struct_conn.ptnr1_label_atom_id'            
37 3 'Structure model' '_struct_conn.ptnr1_label_comp_id'            
38 3 'Structure model' '_struct_conn.ptnr2_auth_asym_id'             
39 3 'Structure model' '_struct_conn.ptnr2_auth_comp_id'             
40 3 'Structure model' '_struct_conn.ptnr2_auth_seq_id'              
41 3 'Structure model' '_struct_conn.ptnr2_label_asym_id'            
42 3 'Structure model' '_struct_conn.ptnr2_label_atom_id'            
43 3 'Structure model' '_struct_conn.ptnr2_label_comp_id'            
44 4 'Structure model' '_atom_type.pdbx_N_electrons'                 
45 4 'Structure model' '_atom_type.pdbx_scat_Z'                      
46 4 'Structure model' '_chem_comp.pdbx_synonyms'                    
47 4 'Structure model' '_database_2.pdbx_DOI'                        
48 4 'Structure model' '_database_2.pdbx_database_accession'         
# 
_pdbx_database_status.status_code                     REL 
_pdbx_database_status.status_code_sf                  REL 
_pdbx_database_status.status_code_mr                  ? 
_pdbx_database_status.entry_id                        6TID 
_pdbx_database_status.recvd_initial_deposition_date   2019-11-22 
_pdbx_database_status.SG_entry                        N 
_pdbx_database_status.deposit_site                    PDBE 
_pdbx_database_status.process_site                    PDBE 
_pdbx_database_status.status_code_cs                  ? 
_pdbx_database_status.methods_development_category    ? 
_pdbx_database_status.pdb_format_compatible           N 
_pdbx_database_status.status_code_nmr_data            ? 
# 
loop_
_audit_author.name 
_audit_author.pdbx_ordinal 
_audit_author.identifier_ORCID 
'Varrot, A.' 1 0000-0001-6667-8162 
'Bermeo, R.' 2 0000-0002-4451-878X 
# 
_citation.abstract                  ? 
_citation.abstract_id_CAS           ? 
_citation.book_id_ISBN              ? 
_citation.book_publisher            ? 
_citation.book_publisher_city       ? 
_citation.book_title                ? 
_citation.coordinate_linkage        ? 
_citation.country                   CH 
_citation.database_id_Medline       ? 
_citation.details                   ? 
_citation.id                        primary 
_citation.journal_abbrev            Molecules 
_citation.journal_id_ASTM           ? 
_citation.journal_id_CSD            ? 
_citation.journal_id_ISSN           1420-3049 
_citation.journal_full              ? 
_citation.journal_issue             ? 
_citation.journal_volume            25 
_citation.language                  ? 
_citation.page_first                ? 
_citation.page_last                 ? 
_citation.title                     
'BC2L-C N-Terminal Lectin Domain Complexed with Histo Blood Group Oligosaccharides Provides New Structural Information.' 
_citation.year                      2020 
_citation.database_id_CSD           ? 
_citation.pdbx_database_id_DOI      10.3390/molecules25020248 
_citation.pdbx_database_id_PubMed   31936166 
_citation.unpublished_flag          ? 
# 
loop_
_citation_author.citation_id 
_citation_author.name 
_citation_author.ordinal 
_citation_author.identifier_ORCID 
primary 'Bermeo, R.'   1 ?                   
primary 'Bernardi, A.' 2 ?                   
primary 'Varrot, A.'   3 0000-0001-6667-8162 
# 
loop_
_entity.id 
_entity.type 
_entity.src_method 
_entity.pdbx_description 
_entity.formula_weight 
_entity.pdbx_number_of_molecules 
_entity.pdbx_ec 
_entity.pdbx_mutation 
_entity.pdbx_fragment 
_entity.details 
1 polymer  man Lectin                                                                                             14010.936 1   ? 
? ? ? 
2 branched man 'alpha-L-fucopyranose-(1-2)-beta-D-galactopyranose-(1-3)-2-acetamido-2-deoxy-beta-D-glucopyranose' 529.490   1   ? 
? ? ? 
3 water    nat water                                                                                              18.015    132 ? 
? ? ? 
# 
_entity_name_com.entity_id   2 
_entity_name_com.name        'H type 1 antigen, beta anomer' 
# 
_entity_poly.entity_id                      1 
_entity_poly.type                           'polypeptide(L)' 
_entity_poly.nstd_linkage                   no 
_entity_poly.nstd_monomer                   no 
_entity_poly.pdbx_seq_one_letter_code       
;GHMPLLSASIVSAPVVTSETYVDIPGLYLDVAKAGIRDGKLQVILNVPTPYATGNNFPGIYFAIATNQGVVADGCFTYSS
KVPESTGRMPFTLVATIDVGSGVTFVKGQWKSVRGSAMHIDSYASLSAIWGTAA
;
_entity_poly.pdbx_seq_one_letter_code_can   
;GHMPLLSASIVSAPVVTSETYVDIPGLYLDVAKAGIRDGKLQVILNVPTPYATGNNFPGIYFAIATNQGVVADGCFTYSS
KVPESTGRMPFTLVATIDVGSGVTFVKGQWKSVRGSAMHIDSYASLSAIWGTAA
;
_entity_poly.pdbx_strand_id                 AAA 
_entity_poly.pdbx_target_identifier         ? 
# 
_pdbx_entity_nonpoly.entity_id   3 
_pdbx_entity_nonpoly.name        water 
_pdbx_entity_nonpoly.comp_id     HOH 
# 
loop_
_entity_poly_seq.entity_id 
_entity_poly_seq.num 
_entity_poly_seq.mon_id 
_entity_poly_seq.hetero 
1 1   GLY n 
1 2   HIS n 
1 3   MET n 
1 4   PRO n 
1 5   LEU n 
1 6   LEU n 
1 7   SER n 
1 8   ALA n 
1 9   SER n 
1 10  ILE n 
1 11  VAL n 
1 12  SER n 
1 13  ALA n 
1 14  PRO n 
1 15  VAL n 
1 16  VAL n 
1 17  THR n 
1 18  SER n 
1 19  GLU n 
1 20  THR n 
1 21  TYR n 
1 22  VAL n 
1 23  ASP n 
1 24  ILE n 
1 25  PRO n 
1 26  GLY n 
1 27  LEU n 
1 28  TYR n 
1 29  LEU n 
1 30  ASP n 
1 31  VAL n 
1 32  ALA n 
1 33  LYS n 
1 34  ALA n 
1 35  GLY n 
1 36  ILE n 
1 37  ARG n 
1 38  ASP n 
1 39  GLY n 
1 40  LYS n 
1 41  LEU n 
1 42  GLN n 
1 43  VAL n 
1 44  ILE n 
1 45  LEU n 
1 46  ASN n 
1 47  VAL n 
1 48  PRO n 
1 49  THR n 
1 50  PRO n 
1 51  TYR n 
1 52  ALA n 
1 53  THR n 
1 54  GLY n 
1 55  ASN n 
1 56  ASN n 
1 57  PHE n 
1 58  PRO n 
1 59  GLY n 
1 60  ILE n 
1 61  TYR n 
1 62  PHE n 
1 63  ALA n 
1 64  ILE n 
1 65  ALA n 
1 66  THR n 
1 67  ASN n 
1 68  GLN n 
1 69  GLY n 
1 70  VAL n 
1 71  VAL n 
1 72  ALA n 
1 73  ASP n 
1 74  GLY n 
1 75  CYS n 
1 76  PHE n 
1 77  THR n 
1 78  TYR n 
1 79  SER n 
1 80  SER n 
1 81  LYS n 
1 82  VAL n 
1 83  PRO n 
1 84  GLU n 
1 85  SER n 
1 86  THR n 
1 87  GLY n 
1 88  ARG n 
1 89  MET n 
1 90  PRO n 
1 91  PHE n 
1 92  THR n 
1 93  LEU n 
1 94  VAL n 
1 95  ALA n 
1 96  THR n 
1 97  ILE n 
1 98  ASP n 
1 99  VAL n 
1 100 GLY n 
1 101 SER n 
1 102 GLY n 
1 103 VAL n 
1 104 THR n 
1 105 PHE n 
1 106 VAL n 
1 107 LYS n 
1 108 GLY n 
1 109 GLN n 
1 110 TRP n 
1 111 LYS n 
1 112 SER n 
1 113 VAL n 
1 114 ARG n 
1 115 GLY n 
1 116 SER n 
1 117 ALA n 
1 118 MET n 
1 119 HIS n 
1 120 ILE n 
1 121 ASP n 
1 122 SER n 
1 123 TYR n 
1 124 ALA n 
1 125 SER n 
1 126 LEU n 
1 127 SER n 
1 128 ALA n 
1 129 ILE n 
1 130 TRP n 
1 131 GLY n 
1 132 THR n 
1 133 ALA n 
1 134 ALA n 
# 
_entity_src_gen.entity_id                          1 
_entity_src_gen.pdbx_src_id                        1 
_entity_src_gen.pdbx_alt_source_flag               sample 
_entity_src_gen.pdbx_seq_type                      'Biological sequence' 
_entity_src_gen.pdbx_beg_seq_num                   1 
_entity_src_gen.pdbx_end_seq_num                   134 
_entity_src_gen.gene_src_common_name               ? 
_entity_src_gen.gene_src_genus                     ? 
_entity_src_gen.pdbx_gene_src_gene                 BCAM0185 
_entity_src_gen.gene_src_species                   ? 
_entity_src_gen.gene_src_strain                    'ATCC BAA-245 / DSM 16553 / LMG 16656 / NCTC 13227 / J2315 / CF5610' 
_entity_src_gen.gene_src_tissue                    ? 
_entity_src_gen.gene_src_tissue_fraction           ? 
_entity_src_gen.gene_src_details                   ? 
_entity_src_gen.pdbx_gene_src_fragment             ? 
_entity_src_gen.pdbx_gene_src_scientific_name      
'Burkholderia cenocepacia (strain ATCC BAA-245 / DSM 16553 / LMG 16656 / NCTC 13227 / J2315 / CF5610)' 
_entity_src_gen.pdbx_gene_src_ncbi_taxonomy_id     216591 
_entity_src_gen.pdbx_gene_src_variant              ? 
_entity_src_gen.pdbx_gene_src_cell_line            ? 
_entity_src_gen.pdbx_gene_src_atcc                 ? 
_entity_src_gen.pdbx_gene_src_organ                ? 
_entity_src_gen.pdbx_gene_src_organelle            ? 
_entity_src_gen.pdbx_gene_src_cell                 ? 
_entity_src_gen.pdbx_gene_src_cellular_location    ? 
_entity_src_gen.host_org_common_name               ? 
_entity_src_gen.pdbx_host_org_scientific_name      'Escherichia coli BL21(DE3)' 
_entity_src_gen.pdbx_host_org_ncbi_taxonomy_id     469008 
_entity_src_gen.host_org_genus                     ? 
_entity_src_gen.pdbx_host_org_gene                 ? 
_entity_src_gen.pdbx_host_org_organ                ? 
_entity_src_gen.host_org_species                   ? 
_entity_src_gen.pdbx_host_org_tissue               ? 
_entity_src_gen.pdbx_host_org_tissue_fraction      ? 
_entity_src_gen.pdbx_host_org_strain               ? 
_entity_src_gen.pdbx_host_org_variant              Star 
_entity_src_gen.pdbx_host_org_cell_line            ? 
_entity_src_gen.pdbx_host_org_atcc                 ? 
_entity_src_gen.pdbx_host_org_culture_collection   ? 
_entity_src_gen.pdbx_host_org_cell                 ? 
_entity_src_gen.pdbx_host_org_organelle            ? 
_entity_src_gen.pdbx_host_org_cellular_location    ? 
_entity_src_gen.pdbx_host_org_vector_type          PcoldTF-TEV 
_entity_src_gen.pdbx_host_org_vector               ? 
_entity_src_gen.host_org_details                   ? 
_entity_src_gen.expression_system_id               ? 
_entity_src_gen.plasmid_name                       ? 
_entity_src_gen.plasmid_details                    ? 
_entity_src_gen.pdbx_description                   ? 
# 
_pdbx_entity_branch.entity_id   2 
_pdbx_entity_branch.type        oligosaccharide 
# 
loop_
_pdbx_entity_branch_descriptor.ordinal 
_pdbx_entity_branch_descriptor.entity_id 
_pdbx_entity_branch_descriptor.descriptor 
_pdbx_entity_branch_descriptor.type 
_pdbx_entity_branch_descriptor.program 
_pdbx_entity_branch_descriptor.program_version 
1 2 LFucpa1-2DGalpb1-3DGlcpNAcb1-ROH                                                            'Glycam Condensed Sequence' GMML 
1.0   
2 2 'WURCS=2.0/3,3,2/[a2122h-1b_1-5_2*NCC/3=O][a2112h-1b_1-5][a1221m-1a_1-5]/1-2-3/a3-b1_b2-c1' WURCS                       
PDB2Glycan 1.1.0 
3 2 '[][b-D-GlcpNAc]{[(3+1)][b-D-Galp]{[(2+1)][a-L-Fucp]{}}}'                                   LINUCS                      
PDB-CARE   ?     
# 
loop_
_pdbx_entity_branch_link.link_id 
_pdbx_entity_branch_link.entity_id 
_pdbx_entity_branch_link.entity_branch_list_num_1 
_pdbx_entity_branch_link.comp_id_1 
_pdbx_entity_branch_link.atom_id_1 
_pdbx_entity_branch_link.leaving_atom_id_1 
_pdbx_entity_branch_link.entity_branch_list_num_2 
_pdbx_entity_branch_link.comp_id_2 
_pdbx_entity_branch_link.atom_id_2 
_pdbx_entity_branch_link.leaving_atom_id_2 
_pdbx_entity_branch_link.value_order 
_pdbx_entity_branch_link.details 
1 2 2 GAL C1 O1 1 NAG O3 HO3 sing ? 
2 2 3 FUC C1 O1 2 GAL O2 HO2 sing ? 
# 
loop_
_chem_comp.id 
_chem_comp.type 
_chem_comp.mon_nstd_flag 
_chem_comp.name 
_chem_comp.pdbx_synonyms 
_chem_comp.formula 
_chem_comp.formula_weight 
ALA 'L-peptide linking'           y ALANINE                                  ? 'C3 H7 N O2'     89.093  
ARG 'L-peptide linking'           y ARGININE                                 ? 'C6 H15 N4 O2 1' 175.209 
ASN 'L-peptide linking'           y ASPARAGINE                               ? 'C4 H8 N2 O3'    132.118 
ASP 'L-peptide linking'           y 'ASPARTIC ACID'                          ? 'C4 H7 N O4'     133.103 
CYS 'L-peptide linking'           y CYSTEINE                                 ? 'C3 H7 N O2 S'   121.158 
FUC 'L-saccharide, alpha linking' . alpha-L-fucopyranose                     
'alpha-L-fucose; 6-deoxy-alpha-L-galactopyranose; L-fucose; fucose' 'C6 H12 O5'      164.156 
GAL 'D-saccharide, beta linking'  . beta-D-galactopyranose                   'beta-D-galactose; D-galactose; galactose' 
'C6 H12 O6'      180.156 
GLN 'L-peptide linking'           y GLUTAMINE                                ? 'C5 H10 N2 O3'   146.144 
GLU 'L-peptide linking'           y 'GLUTAMIC ACID'                          ? 'C5 H9 N O4'     147.129 
GLY 'peptide linking'             y GLYCINE                                  ? 'C2 H5 N O2'     75.067  
HIS 'L-peptide linking'           y HISTIDINE                                ? 'C6 H10 N3 O2 1' 156.162 
HOH non-polymer                   . WATER                                    ? 'H2 O'           18.015  
ILE 'L-peptide linking'           y ISOLEUCINE                               ? 'C6 H13 N O2'    131.173 
LEU 'L-peptide linking'           y LEUCINE                                  ? 'C6 H13 N O2'    131.173 
LYS 'L-peptide linking'           y LYSINE                                   ? 'C6 H15 N2 O2 1' 147.195 
MET 'L-peptide linking'           y METHIONINE                               ? 'C5 H11 N O2 S'  149.211 
NAG 'D-saccharide, beta linking'  . 2-acetamido-2-deoxy-beta-D-glucopyranose 
;N-acetyl-beta-D-glucosamine; 2-acetamido-2-deoxy-beta-D-glucose; 2-acetamido-2-deoxy-D-glucose; 2-acetamido-2-deoxy-glucose; N-ACETYL-D-GLUCOSAMINE
;
'C8 H15 N O6'    221.208 
PHE 'L-peptide linking'           y PHENYLALANINE                            ? 'C9 H11 N O2'    165.189 
PRO 'L-peptide linking'           y PROLINE                                  ? 'C5 H9 N O2'     115.130 
SER 'L-peptide linking'           y SERINE                                   ? 'C3 H7 N O3'     105.093 
THR 'L-peptide linking'           y THREONINE                                ? 'C4 H9 N O3'     119.119 
TRP 'L-peptide linking'           y TRYPTOPHAN                               ? 'C11 H12 N2 O2'  204.225 
TYR 'L-peptide linking'           y TYROSINE                                 ? 'C9 H11 N O3'    181.189 
VAL 'L-peptide linking'           y VALINE                                   ? 'C5 H11 N O2'    117.146 
# 
loop_
_pdbx_chem_comp_identifier.comp_id 
_pdbx_chem_comp_identifier.type 
_pdbx_chem_comp_identifier.program 
_pdbx_chem_comp_identifier.program_version 
_pdbx_chem_comp_identifier.identifier 
FUC 'CONDENSED IUPAC CARBOHYDRATE SYMBOL' GMML     1.0 LFucpa                         
FUC 'COMMON NAME'                         GMML     1.0 a-L-fucopyranose               
FUC 'IUPAC CARBOHYDRATE SYMBOL'           PDB-CARE 1.0 a-L-Fucp                       
FUC 'SNFG CARBOHYDRATE SYMBOL'            GMML     1.0 Fuc                            
GAL 'CONDENSED IUPAC CARBOHYDRATE SYMBOL' GMML     1.0 DGalpb                         
GAL 'COMMON NAME'                         GMML     1.0 b-D-galactopyranose            
GAL 'IUPAC CARBOHYDRATE SYMBOL'           PDB-CARE 1.0 b-D-Galp                       
GAL 'SNFG CARBOHYDRATE SYMBOL'            GMML     1.0 Gal                            
NAG 'CONDENSED IUPAC CARBOHYDRATE SYMBOL' GMML     1.0 DGlcpNAcb                      
NAG 'COMMON NAME'                         GMML     1.0 N-acetyl-b-D-glucopyranosamine 
NAG 'IUPAC CARBOHYDRATE SYMBOL'           PDB-CARE 1.0 b-D-GlcpNAc                    
NAG 'SNFG CARBOHYDRATE SYMBOL'            GMML     1.0 GlcNAc                         
# 
loop_
_pdbx_poly_seq_scheme.asym_id 
_pdbx_poly_seq_scheme.entity_id 
_pdbx_poly_seq_scheme.seq_id 
_pdbx_poly_seq_scheme.mon_id 
_pdbx_poly_seq_scheme.ndb_seq_num 
_pdbx_poly_seq_scheme.pdb_seq_num 
_pdbx_poly_seq_scheme.auth_seq_num 
_pdbx_poly_seq_scheme.pdb_mon_id 
_pdbx_poly_seq_scheme.auth_mon_id 
_pdbx_poly_seq_scheme.pdb_strand_id 
_pdbx_poly_seq_scheme.pdb_ins_code 
_pdbx_poly_seq_scheme.hetero 
A 1 1   GLY 1   -2  -2  GLY GLY AAA . n 
A 1 2   HIS 2   -1  -1  HIS HIS AAA . n 
A 1 3   MET 3   0   0   MET MET AAA . n 
A 1 4   PRO 4   1   1   PRO PRO AAA . n 
A 1 5   LEU 5   2   2   LEU LEU AAA . n 
A 1 6   LEU 6   3   3   LEU LEU AAA . n 
A 1 7   SER 7   4   4   SER SER AAA . n 
A 1 8   ALA 8   5   5   ALA ALA AAA . n 
A 1 9   SER 9   6   6   SER SER AAA . n 
A 1 10  ILE 10  7   7   ILE ILE AAA . n 
A 1 11  VAL 11  8   8   VAL VAL AAA . n 
A 1 12  SER 12  9   9   SER SER AAA . n 
A 1 13  ALA 13  10  10  ALA ALA AAA . n 
A 1 14  PRO 14  11  11  PRO PRO AAA . n 
A 1 15  VAL 15  12  12  VAL VAL AAA . n 
A 1 16  VAL 16  13  13  VAL VAL AAA . n 
A 1 17  THR 17  14  14  THR THR AAA . n 
A 1 18  SER 18  15  15  SER SER AAA . n 
A 1 19  GLU 19  16  16  GLU GLU AAA . n 
A 1 20  THR 20  17  17  THR THR AAA . n 
A 1 21  TYR 21  18  18  TYR TYR AAA . n 
A 1 22  VAL 22  19  19  VAL VAL AAA . n 
A 1 23  ASP 23  20  20  ASP ASP AAA . n 
A 1 24  ILE 24  21  21  ILE ILE AAA . n 
A 1 25  PRO 25  22  22  PRO PRO AAA . n 
A 1 26  GLY 26  23  23  GLY GLY AAA . n 
A 1 27  LEU 27  24  24  LEU LEU AAA . n 
A 1 28  TYR 28  25  25  TYR TYR AAA . n 
A 1 29  LEU 29  26  26  LEU LEU AAA . n 
A 1 30  ASP 30  27  27  ASP ASP AAA . n 
A 1 31  VAL 31  28  28  VAL VAL AAA . n 
A 1 32  ALA 32  29  29  ALA ALA AAA . n 
A 1 33  LYS 33  30  30  LYS LYS AAA . n 
A 1 34  ALA 34  31  ?   ?   ?   AAA . n 
A 1 35  GLY 35  32  ?   ?   ?   AAA . n 
A 1 36  ILE 36  33  33  ILE ILE AAA . n 
A 1 37  ARG 37  34  34  ARG ARG AAA . n 
A 1 38  ASP 38  35  35  ASP ASP AAA . n 
A 1 39  GLY 39  36  36  GLY GLY AAA . n 
A 1 40  LYS 40  37  37  LYS LYS AAA . n 
A 1 41  LEU 41  38  38  LEU LEU AAA . n 
A 1 42  GLN 42  39  39  GLN GLN AAA . n 
A 1 43  VAL 43  40  40  VAL VAL AAA . n 
A 1 44  ILE 44  41  41  ILE ILE AAA . n 
A 1 45  LEU 45  42  42  LEU LEU AAA . n 
A 1 46  ASN 46  43  43  ASN ASN AAA . n 
A 1 47  VAL 47  44  44  VAL VAL AAA . n 
A 1 48  PRO 48  45  45  PRO PRO AAA . n 
A 1 49  THR 49  46  46  THR THR AAA . n 
A 1 50  PRO 50  47  47  PRO PRO AAA . n 
A 1 51  TYR 51  48  48  TYR TYR AAA . n 
A 1 52  ALA 52  49  49  ALA ALA AAA . n 
A 1 53  THR 53  50  50  THR THR AAA . n 
A 1 54  GLY 54  51  51  GLY GLY AAA . n 
A 1 55  ASN 55  52  52  ASN ASN AAA . n 
A 1 56  ASN 56  53  53  ASN ASN AAA . n 
A 1 57  PHE 57  54  54  PHE PHE AAA . n 
A 1 58  PRO 58  55  55  PRO PRO AAA . n 
A 1 59  GLY 59  56  56  GLY GLY AAA . n 
A 1 60  ILE 60  57  57  ILE ILE AAA . n 
A 1 61  TYR 61  58  58  TYR TYR AAA . n 
A 1 62  PHE 62  59  59  PHE PHE AAA . n 
A 1 63  ALA 63  60  60  ALA ALA AAA . n 
A 1 64  ILE 64  61  61  ILE ILE AAA . n 
A 1 65  ALA 65  62  62  ALA ALA AAA . n 
A 1 66  THR 66  63  63  THR THR AAA . n 
A 1 67  ASN 67  64  64  ASN ASN AAA . n 
A 1 68  GLN 68  65  65  GLN GLN AAA . n 
A 1 69  GLY 69  66  66  GLY GLY AAA . n 
A 1 70  VAL 70  67  67  VAL VAL AAA . n 
A 1 71  VAL 71  68  68  VAL VAL AAA . n 
A 1 72  ALA 72  69  69  ALA ALA AAA . n 
A 1 73  ASP 73  70  70  ASP ASP AAA . n 
A 1 74  GLY 74  71  71  GLY GLY AAA . n 
A 1 75  CYS 75  72  72  CYS CYS AAA . n 
A 1 76  PHE 76  73  73  PHE PHE AAA . n 
A 1 77  THR 77  74  74  THR THR AAA . n 
A 1 78  TYR 78  75  75  TYR TYR AAA . n 
A 1 79  SER 79  76  76  SER SER AAA . n 
A 1 80  SER 80  77  77  SER SER AAA . n 
A 1 81  LYS 81  78  78  LYS LYS AAA . n 
A 1 82  VAL 82  79  79  VAL VAL AAA . n 
A 1 83  PRO 83  80  80  PRO PRO AAA . n 
A 1 84  GLU 84  81  81  GLU GLU AAA . n 
A 1 85  SER 85  82  82  SER SER AAA . n 
A 1 86  THR 86  83  83  THR THR AAA . n 
A 1 87  GLY 87  84  84  GLY GLY AAA . n 
A 1 88  ARG 88  85  85  ARG ARG AAA . n 
A 1 89  MET 89  86  86  MET MET AAA . n 
A 1 90  PRO 90  87  87  PRO PRO AAA . n 
A 1 91  PHE 91  88  88  PHE PHE AAA . n 
A 1 92  THR 92  89  89  THR THR AAA . n 
A 1 93  LEU 93  90  90  LEU LEU AAA . n 
A 1 94  VAL 94  91  91  VAL VAL AAA . n 
A 1 95  ALA 95  92  92  ALA ALA AAA . n 
A 1 96  THR 96  93  93  THR THR AAA . n 
A 1 97  ILE 97  94  94  ILE ILE AAA . n 
A 1 98  ASP 98  95  95  ASP ASP AAA . n 
A 1 99  VAL 99  96  96  VAL VAL AAA . n 
A 1 100 GLY 100 97  97  GLY GLY AAA . n 
A 1 101 SER 101 98  ?   ?   ?   AAA . n 
A 1 102 GLY 102 99  99  GLY GLY AAA . n 
A 1 103 VAL 103 100 100 VAL VAL AAA . n 
A 1 104 THR 104 101 101 THR THR AAA . n 
A 1 105 PHE 105 102 102 PHE PHE AAA . n 
A 1 106 VAL 106 103 103 VAL VAL AAA . n 
A 1 107 LYS 107 104 104 LYS LYS AAA . n 
A 1 108 GLY 108 105 105 GLY GLY AAA . n 
A 1 109 GLN 109 106 106 GLN GLN AAA . n 
A 1 110 TRP 110 107 107 TRP TRP AAA . n 
A 1 111 LYS 111 108 108 LYS LYS AAA . n 
A 1 112 SER 112 109 109 SER SER AAA . n 
A 1 113 VAL 113 110 110 VAL VAL AAA . n 
A 1 114 ARG 114 111 111 ARG ARG AAA . n 
A 1 115 GLY 115 112 112 GLY GLY AAA . n 
A 1 116 SER 116 113 113 SER SER AAA . n 
A 1 117 ALA 117 114 114 ALA ALA AAA . n 
A 1 118 MET 118 115 115 MET MET AAA . n 
A 1 119 HIS 119 116 116 HIS HIS AAA . n 
A 1 120 ILE 120 117 117 ILE ILE AAA . n 
A 1 121 ASP 121 118 118 ASP ASP AAA . n 
A 1 122 SER 122 119 119 SER SER AAA . n 
A 1 123 TYR 123 120 120 TYR TYR AAA . n 
A 1 124 ALA 124 121 121 ALA ALA AAA . n 
A 1 125 SER 125 122 122 SER SER AAA . n 
A 1 126 LEU 126 123 123 LEU LEU AAA . n 
A 1 127 SER 127 124 124 SER SER AAA . n 
A 1 128 ALA 128 125 125 ALA ALA AAA . n 
A 1 129 ILE 129 126 126 ILE ILE AAA . n 
A 1 130 TRP 130 127 127 TRP TRP AAA . n 
A 1 131 GLY 131 128 128 GLY GLY AAA . n 
A 1 132 THR 132 129 129 THR THR AAA . n 
A 1 133 ALA 133 130 130 ALA ALA AAA . n 
A 1 134 ALA 134 131 131 ALA ALA AAA . n 
# 
loop_
_pdbx_branch_scheme.asym_id 
_pdbx_branch_scheme.entity_id 
_pdbx_branch_scheme.mon_id 
_pdbx_branch_scheme.num 
_pdbx_branch_scheme.pdb_asym_id 
_pdbx_branch_scheme.pdb_mon_id 
_pdbx_branch_scheme.pdb_seq_num 
_pdbx_branch_scheme.auth_asym_id 
_pdbx_branch_scheme.auth_mon_id 
_pdbx_branch_scheme.auth_seq_num 
_pdbx_branch_scheme.hetero 
B 2 NAG 1 A NAG 1 AcA NAG 203 n 
B 2 GAL 2 A GAL 2 AbA GAL 202 n 
B 2 FUC 3 A FUC 3 AaA FUC 201 n 
# 
loop_
_pdbx_nonpoly_scheme.asym_id 
_pdbx_nonpoly_scheme.entity_id 
_pdbx_nonpoly_scheme.mon_id 
_pdbx_nonpoly_scheme.ndb_seq_num 
_pdbx_nonpoly_scheme.pdb_seq_num 
_pdbx_nonpoly_scheme.auth_seq_num 
_pdbx_nonpoly_scheme.pdb_mon_id 
_pdbx_nonpoly_scheme.auth_mon_id 
_pdbx_nonpoly_scheme.pdb_strand_id 
_pdbx_nonpoly_scheme.pdb_ins_code 
C 3 HOH 1   301 15  HOH HOH AAA . 
C 3 HOH 2   302 111 HOH HOH AAA . 
C 3 HOH 3   303 69  HOH HOH AAA . 
C 3 HOH 4   304 88  HOH HOH AAA . 
C 3 HOH 5   305 58  HOH HOH AAA . 
C 3 HOH 6   306 132 HOH HOH AAA . 
C 3 HOH 7   307 63  HOH HOH AAA . 
C 3 HOH 8   308 115 HOH HOH AAA . 
C 3 HOH 9   309 82  HOH HOH AAA . 
C 3 HOH 10  310 100 HOH HOH AAA . 
C 3 HOH 11  311 101 HOH HOH AAA . 
C 3 HOH 12  312 61  HOH HOH AAA . 
C 3 HOH 13  313 24  HOH HOH AAA . 
C 3 HOH 14  314 90  HOH HOH AAA . 
C 3 HOH 15  315 16  HOH HOH AAA . 
C 3 HOH 16  316 71  HOH HOH AAA . 
C 3 HOH 17  317 37  HOH HOH AAA . 
C 3 HOH 18  318 29  HOH HOH AAA . 
C 3 HOH 19  319 91  HOH HOH AAA . 
C 3 HOH 20  320 9   HOH HOH AAA . 
C 3 HOH 21  321 70  HOH HOH AAA . 
C 3 HOH 22  322 98  HOH HOH AAA . 
C 3 HOH 23  323 17  HOH HOH AAA . 
C 3 HOH 24  324 5   HOH HOH AAA . 
C 3 HOH 25  325 26  HOH HOH AAA . 
C 3 HOH 26  326 27  HOH HOH AAA . 
C 3 HOH 27  327 92  HOH HOH AAA . 
C 3 HOH 28  328 12  HOH HOH AAA . 
C 3 HOH 29  329 51  HOH HOH AAA . 
C 3 HOH 30  330 23  HOH HOH AAA . 
C 3 HOH 31  331 47  HOH HOH AAA . 
C 3 HOH 32  332 8   HOH HOH AAA . 
C 3 HOH 33  333 36  HOH HOH AAA . 
C 3 HOH 34  334 40  HOH HOH AAA . 
C 3 HOH 35  335 19  HOH HOH AAA . 
C 3 HOH 36  336 10  HOH HOH AAA . 
C 3 HOH 37  337 33  HOH HOH AAA . 
C 3 HOH 38  338 43  HOH HOH AAA . 
C 3 HOH 39  339 124 HOH HOH AAA . 
C 3 HOH 40  340 114 HOH HOH AAA . 
C 3 HOH 41  341 64  HOH HOH AAA . 
C 3 HOH 42  342 60  HOH HOH AAA . 
C 3 HOH 43  343 56  HOH HOH AAA . 
C 3 HOH 44  344 3   HOH HOH AAA . 
C 3 HOH 45  345 106 HOH HOH AAA . 
C 3 HOH 46  346 80  HOH HOH AAA . 
C 3 HOH 47  347 7   HOH HOH AAA . 
C 3 HOH 48  348 20  HOH HOH AAA . 
C 3 HOH 49  349 46  HOH HOH AAA . 
C 3 HOH 50  350 126 HOH HOH AAA . 
C 3 HOH 51  351 35  HOH HOH AAA . 
C 3 HOH 52  352 83  HOH HOH AAA . 
C 3 HOH 53  353 110 HOH HOH AAA . 
C 3 HOH 54  354 32  HOH HOH AAA . 
C 3 HOH 55  355 6   HOH HOH AAA . 
C 3 HOH 56  356 4   HOH HOH AAA . 
C 3 HOH 57  357 11  HOH HOH AAA . 
C 3 HOH 58  358 78  HOH HOH AAA . 
C 3 HOH 59  359 14  HOH HOH AAA . 
C 3 HOH 60  360 65  HOH HOH AAA . 
C 3 HOH 61  361 53  HOH HOH AAA . 
C 3 HOH 62  362 50  HOH HOH AAA . 
C 3 HOH 63  363 45  HOH HOH AAA . 
C 3 HOH 64  364 84  HOH HOH AAA . 
C 3 HOH 65  365 21  HOH HOH AAA . 
C 3 HOH 66  366 72  HOH HOH AAA . 
C 3 HOH 67  367 62  HOH HOH AAA . 
C 3 HOH 68  368 85  HOH HOH AAA . 
C 3 HOH 69  369 52  HOH HOH AAA . 
C 3 HOH 70  370 28  HOH HOH AAA . 
C 3 HOH 71  371 54  HOH HOH AAA . 
C 3 HOH 72  372 86  HOH HOH AAA . 
C 3 HOH 73  373 57  HOH HOH AAA . 
C 3 HOH 74  374 105 HOH HOH AAA . 
C 3 HOH 75  375 128 HOH HOH AAA . 
C 3 HOH 76  376 55  HOH HOH AAA . 
C 3 HOH 77  377 125 HOH HOH AAA . 
C 3 HOH 78  378 18  HOH HOH AAA . 
C 3 HOH 79  379 67  HOH HOH AAA . 
C 3 HOH 80  380 2   HOH HOH AAA . 
C 3 HOH 81  381 42  HOH HOH AAA . 
C 3 HOH 82  382 44  HOH HOH AAA . 
C 3 HOH 83  383 68  HOH HOH AAA . 
C 3 HOH 84  384 1   HOH HOH AAA . 
C 3 HOH 85  385 39  HOH HOH AAA . 
C 3 HOH 86  386 48  HOH HOH AAA . 
C 3 HOH 87  387 74  HOH HOH AAA . 
C 3 HOH 88  388 87  HOH HOH AAA . 
C 3 HOH 89  389 38  HOH HOH AAA . 
C 3 HOH 90  390 30  HOH HOH AAA . 
C 3 HOH 91  391 31  HOH HOH AAA . 
C 3 HOH 92  392 117 HOH HOH AAA . 
C 3 HOH 93  393 89  HOH HOH AAA . 
C 3 HOH 94  394 73  HOH HOH AAA . 
C 3 HOH 95  395 25  HOH HOH AAA . 
C 3 HOH 96  396 49  HOH HOH AAA . 
C 3 HOH 97  397 41  HOH HOH AAA . 
C 3 HOH 98  398 99  HOH HOH AAA . 
C 3 HOH 99  399 129 HOH HOH AAA . 
C 3 HOH 100 400 13  HOH HOH AAA . 
C 3 HOH 101 401 79  HOH HOH AAA . 
C 3 HOH 102 402 22  HOH HOH AAA . 
C 3 HOH 103 403 77  HOH HOH AAA . 
C 3 HOH 104 404 59  HOH HOH AAA . 
C 3 HOH 105 405 66  HOH HOH AAA . 
C 3 HOH 106 406 76  HOH HOH AAA . 
C 3 HOH 107 407 75  HOH HOH AAA . 
C 3 HOH 108 408 118 HOH HOH AAA . 
C 3 HOH 109 409 95  HOH HOH AAA . 
C 3 HOH 110 410 34  HOH HOH AAA . 
C 3 HOH 111 411 97  HOH HOH AAA . 
C 3 HOH 112 412 131 HOH HOH AAA . 
C 3 HOH 113 413 112 HOH HOH AAA . 
C 3 HOH 114 414 93  HOH HOH AAA . 
C 3 HOH 115 415 123 HOH HOH AAA . 
C 3 HOH 116 416 81  HOH HOH AAA . 
C 3 HOH 117 417 120 HOH HOH AAA . 
C 3 HOH 118 418 116 HOH HOH AAA . 
C 3 HOH 119 419 113 HOH HOH AAA . 
C 3 HOH 120 420 119 HOH HOH AAA . 
C 3 HOH 121 421 121 HOH HOH AAA . 
C 3 HOH 122 422 127 HOH HOH AAA . 
C 3 HOH 123 423 107 HOH HOH AAA . 
C 3 HOH 124 424 94  HOH HOH AAA . 
C 3 HOH 125 425 109 HOH HOH AAA . 
C 3 HOH 126 426 130 HOH HOH AAA . 
C 3 HOH 127 427 102 HOH HOH AAA . 
C 3 HOH 128 428 96  HOH HOH AAA . 
C 3 HOH 129 429 103 HOH HOH AAA . 
C 3 HOH 130 430 104 HOH HOH AAA . 
C 3 HOH 131 431 122 HOH HOH AAA . 
C 3 HOH 132 432 108 HOH HOH AAA . 
# 
loop_
_pdbx_unobs_or_zero_occ_atoms.id 
_pdbx_unobs_or_zero_occ_atoms.PDB_model_num 
_pdbx_unobs_or_zero_occ_atoms.polymer_flag 
_pdbx_unobs_or_zero_occ_atoms.occupancy_flag 
_pdbx_unobs_or_zero_occ_atoms.auth_asym_id 
_pdbx_unobs_or_zero_occ_atoms.auth_comp_id 
_pdbx_unobs_or_zero_occ_atoms.auth_seq_id 
_pdbx_unobs_or_zero_occ_atoms.PDB_ins_code 
_pdbx_unobs_or_zero_occ_atoms.auth_atom_id 
_pdbx_unobs_or_zero_occ_atoms.label_alt_id 
_pdbx_unobs_or_zero_occ_atoms.label_asym_id 
_pdbx_unobs_or_zero_occ_atoms.label_comp_id 
_pdbx_unobs_or_zero_occ_atoms.label_seq_id 
_pdbx_unobs_or_zero_occ_atoms.label_atom_id 
1 1 Y 1 AAA LYS 30 ? CG  ? A LYS 33 CG  
2 1 Y 1 AAA LYS 30 ? CD  ? A LYS 33 CD  
3 1 Y 1 AAA LYS 30 ? CE  ? A LYS 33 CE  
4 1 Y 1 AAA LYS 30 ? NZ  ? A LYS 33 NZ  
5 1 Y 1 AAA ASN 52 ? ND2 ? A ASN 55 ND2 
# 
loop_
_software.citation_id 
_software.classification 
_software.compiler_name 
_software.compiler_version 
_software.contact_author 
_software.contact_author_email 
_software.date 
_software.description 
_software.dependencies 
_software.hardware 
_software.language 
_software.location 
_software.mods 
_software.name 
_software.os 
_software.os_version 
_software.type 
_software.version 
_software.pdbx_ordinal 
? refinement       ? ? ? ? ? ? ? ? ? ? ? REFMAC  ? ? ? 5.8.0257 1 
? 'data reduction' ? ? ? ? ? ? ? ? ? ? ? XDS     ? ? ? .        2 
? 'data scaling'   ? ? ? ? ? ? ? ? ? ? ? Aimless ? ? ? 0.7.3    3 
? phasing          ? ? ? ? ? ? ? ? ? ? ? PHASER  ? ? ? 2.8.2    4 
# 
_cell.angle_alpha                  90.000 
_cell.angle_alpha_esd              ? 
_cell.angle_beta                   90.000 
_cell.angle_beta_esd               ? 
_cell.angle_gamma                  120.000 
_cell.angle_gamma_esd              ? 
_cell.entry_id                     6TID 
_cell.details                      ? 
_cell.formula_units_Z              ? 
_cell.length_a                     42.696 
_cell.length_a_esd                 ? 
_cell.length_b                     42.696 
_cell.length_b_esd                 ? 
_cell.length_c                     308.584 
_cell.length_c_esd                 ? 
_cell.volume                       ? 
_cell.volume_esd                   ? 
_cell.Z_PDB                        18 
_cell.reciprocal_angle_alpha       ? 
_cell.reciprocal_angle_beta        ? 
_cell.reciprocal_angle_gamma       ? 
_cell.reciprocal_angle_alpha_esd   ? 
_cell.reciprocal_angle_beta_esd    ? 
_cell.reciprocal_angle_gamma_esd   ? 
_cell.reciprocal_length_a          ? 
_cell.reciprocal_length_b          ? 
_cell.reciprocal_length_c          ? 
_cell.reciprocal_length_a_esd      ? 
_cell.reciprocal_length_b_esd      ? 
_cell.reciprocal_length_c_esd      ? 
_cell.pdbx_unique_axis             ? 
# 
_symmetry.entry_id                         6TID 
_symmetry.cell_setting                     ? 
_symmetry.Int_Tables_number                155 
_symmetry.space_group_name_Hall            ? 
_symmetry.space_group_name_H-M             'H 3 2' 
_symmetry.pdbx_full_space_group_name_H-M   ? 
# 
_exptl.absorpt_coefficient_mu     ? 
_exptl.absorpt_correction_T_max   ? 
_exptl.absorpt_correction_T_min   ? 
_exptl.absorpt_correction_type    ? 
_exptl.absorpt_process_details    ? 
_exptl.entry_id                   6TID 
_exptl.crystals_number            1 
_exptl.details                    ? 
_exptl.method                     'X-RAY DIFFRACTION' 
_exptl.method_details             ? 
# 
_exptl_crystal.colour                      ? 
_exptl_crystal.density_diffrn              ? 
_exptl_crystal.density_Matthews            1.97 
_exptl_crystal.density_method              ? 
_exptl_crystal.density_percent_sol         37.45 
_exptl_crystal.description                 'Thick square' 
_exptl_crystal.F_000                       ? 
_exptl_crystal.id                          1 
_exptl_crystal.preparation                 ? 
_exptl_crystal.size_max                    ? 
_exptl_crystal.size_mid                    ? 
_exptl_crystal.size_min                    ? 
_exptl_crystal.size_rad                    ? 
_exptl_crystal.colour_lustre               ? 
_exptl_crystal.colour_modifier             ? 
_exptl_crystal.colour_primary              ? 
_exptl_crystal.density_meas                ? 
_exptl_crystal.density_meas_esd            ? 
_exptl_crystal.density_meas_gt             ? 
_exptl_crystal.density_meas_lt             ? 
_exptl_crystal.density_meas_temp           ? 
_exptl_crystal.density_meas_temp_esd       ? 
_exptl_crystal.density_meas_temp_gt        ? 
_exptl_crystal.density_meas_temp_lt        ? 
_exptl_crystal.pdbx_crystal_image_url      ? 
_exptl_crystal.pdbx_crystal_image_format   ? 
_exptl_crystal.pdbx_mosaicity              ? 
_exptl_crystal.pdbx_mosaicity_esd          ? 
# 
_exptl_crystal_grow.apparatus       ? 
_exptl_crystal_grow.atmosphere      ? 
_exptl_crystal_grow.crystal_id      1 
_exptl_crystal_grow.details         ? 
_exptl_crystal_grow.method          'VAPOR DIFFUSION, HANGING DROP' 
_exptl_crystal_grow.method_ref      ? 
_exptl_crystal_grow.pH              7 
_exptl_crystal_grow.pressure        ? 
_exptl_crystal_grow.pressure_esd    ? 
_exptl_crystal_grow.seeding         ? 
_exptl_crystal_grow.seeding_ref     ? 
_exptl_crystal_grow.temp            292 
_exptl_crystal_grow.temp_details    ? 
_exptl_crystal_grow.temp_esd        ? 
_exptl_crystal_grow.time            ? 
_exptl_crystal_grow.pdbx_details    
;1.2 M Na citrate pH 7.0
cryoprotected in 2.5 M sodium malonate
;
_exptl_crystal_grow.pdbx_pH_range   ? 
# 
_diffrn.ambient_environment              ? 
_diffrn.ambient_temp                     100 
_diffrn.ambient_temp_details             ? 
_diffrn.ambient_temp_esd                 ? 
_diffrn.crystal_id                       1 
_diffrn.crystal_support                  ? 
_diffrn.crystal_treatment                ? 
_diffrn.details                          ? 
_diffrn.id                               1 
_diffrn.ambient_pressure                 ? 
_diffrn.ambient_pressure_esd             ? 
_diffrn.ambient_pressure_gt              ? 
_diffrn.ambient_pressure_lt              ? 
_diffrn.ambient_temp_gt                  ? 
_diffrn.ambient_temp_lt                  ? 
_diffrn.pdbx_serial_crystal_experiment   N 
# 
_diffrn_detector.details                      ? 
_diffrn_detector.detector                     CCD 
_diffrn_detector.diffrn_id                    1 
_diffrn_detector.type                         'ADSC QUANTUM 315' 
_diffrn_detector.area_resol_mean              ? 
_diffrn_detector.dtime                        ? 
_diffrn_detector.pdbx_frames_total            ? 
_diffrn_detector.pdbx_collection_time_total   ? 
_diffrn_detector.pdbx_collection_date         2018-10-26 
_diffrn_detector.pdbx_frequency               ? 
# 
_diffrn_radiation.collimation                      ? 
_diffrn_radiation.diffrn_id                        1 
_diffrn_radiation.filter_edge                      ? 
_diffrn_radiation.inhomogeneity                    ? 
_diffrn_radiation.monochromator                    ? 
_diffrn_radiation.polarisn_norm                    ? 
_diffrn_radiation.polarisn_ratio                   ? 
_diffrn_radiation.probe                            ? 
_diffrn_radiation.type                             ? 
_diffrn_radiation.xray_symbol                      ? 
_diffrn_radiation.wavelength_id                    1 
_diffrn_radiation.pdbx_monochromatic_or_laue_m_l   M 
_diffrn_radiation.pdbx_wavelength_list             ? 
_diffrn_radiation.pdbx_wavelength                  ? 
_diffrn_radiation.pdbx_diffrn_protocol             'SINGLE WAVELENGTH' 
_diffrn_radiation.pdbx_analyzer                    ? 
_diffrn_radiation.pdbx_scattering_type             x-ray 
# 
_diffrn_radiation_wavelength.id           1 
_diffrn_radiation_wavelength.wavelength   0.98096 
_diffrn_radiation_wavelength.wt           1.0 
# 
_diffrn_source.current                     ? 
_diffrn_source.details                     ? 
_diffrn_source.diffrn_id                   1 
_diffrn_source.power                       ? 
_diffrn_source.size                        ? 
_diffrn_source.source                      SYNCHROTRON 
_diffrn_source.target                      ? 
_diffrn_source.type                        'ESRF BEAMLINE BM30A' 
_diffrn_source.voltage                     ? 
_diffrn_source.take-off_angle              ? 
_diffrn_source.pdbx_wavelength_list        0.98096 
_diffrn_source.pdbx_wavelength             ? 
_diffrn_source.pdbx_synchrotron_beamline   BM30A 
_diffrn_source.pdbx_synchrotron_site       ESRF 
# 
_reflns.B_iso_Wilson_estimate            18.4 
_reflns.entry_id                         6TID 
_reflns.data_reduction_details           ? 
_reflns.data_reduction_method            ? 
_reflns.d_resolution_high                1.61 
_reflns.d_resolution_low                 36.71 
_reflns.details                          ? 
_reflns.limit_h_max                      ? 
_reflns.limit_h_min                      ? 
_reflns.limit_k_max                      ? 
_reflns.limit_k_min                      ? 
_reflns.limit_l_max                      ? 
_reflns.limit_l_min                      ? 
_reflns.number_all                       ? 
_reflns.number_obs                       14606 
_reflns.observed_criterion               ? 
_reflns.observed_criterion_F_max         ? 
_reflns.observed_criterion_F_min         ? 
_reflns.observed_criterion_I_max         ? 
_reflns.observed_criterion_I_min         ? 
_reflns.observed_criterion_sigma_F       ? 
_reflns.observed_criterion_sigma_I       ? 
_reflns.percent_possible_obs             99.7 
_reflns.R_free_details                   ? 
_reflns.Rmerge_F_all                     ? 
_reflns.Rmerge_F_obs                     ? 
_reflns.Friedel_coverage                 ? 
_reflns.number_gt                        ? 
_reflns.threshold_expression             ? 
_reflns.pdbx_redundancy                  7.8 
_reflns.pdbx_Rmerge_I_obs                0.049 
_reflns.pdbx_Rmerge_I_all                ? 
_reflns.pdbx_Rsym_value                  ? 
_reflns.pdbx_netI_over_av_sigmaI         ? 
_reflns.pdbx_netI_over_sigmaI            23.9 
_reflns.pdbx_res_netI_over_av_sigmaI_2   ? 
_reflns.pdbx_res_netI_over_sigmaI_2      ? 
_reflns.pdbx_chi_squared                 ? 
_reflns.pdbx_scaling_rejects             ? 
_reflns.pdbx_d_res_high_opt              ? 
_reflns.pdbx_d_res_low_opt               ? 
_reflns.pdbx_d_res_opt_method            ? 
_reflns.phase_calculation_details        ? 
_reflns.pdbx_Rrim_I_all                  0.056 
_reflns.pdbx_Rpim_I_all                  0.027 
_reflns.pdbx_d_opt                       ? 
_reflns.pdbx_number_measured_all         ? 
_reflns.pdbx_diffrn_id                   1 
_reflns.pdbx_ordinal                     1 
_reflns.pdbx_CC_half                     0.999 
_reflns.pdbx_CC_star                     ? 
_reflns.pdbx_R_split                     ? 
# 
_reflns_shell.d_res_high                  1.61 
_reflns_shell.d_res_low                   1.64 
_reflns_shell.meanI_over_sigI_all         ? 
_reflns_shell.meanI_over_sigI_obs         3.7 
_reflns_shell.number_measured_all         ? 
_reflns_shell.number_measured_obs         ? 
_reflns_shell.number_possible             ? 
_reflns_shell.number_unique_all           ? 
_reflns_shell.number_unique_obs           712 
_reflns_shell.percent_possible_all        97.5 
_reflns_shell.percent_possible_obs        ? 
_reflns_shell.Rmerge_F_all                ? 
_reflns_shell.Rmerge_F_obs                ? 
_reflns_shell.Rmerge_I_all                ? 
_reflns_shell.Rmerge_I_obs                0.588 
_reflns_shell.meanI_over_sigI_gt          ? 
_reflns_shell.meanI_over_uI_all           ? 
_reflns_shell.meanI_over_uI_gt            ? 
_reflns_shell.number_measured_gt          ? 
_reflns_shell.number_unique_gt            ? 
_reflns_shell.percent_possible_gt         ? 
_reflns_shell.Rmerge_F_gt                 ? 
_reflns_shell.Rmerge_I_gt                 ? 
_reflns_shell.pdbx_redundancy             7.7 
_reflns_shell.pdbx_Rsym_value             ? 
_reflns_shell.pdbx_chi_squared            ? 
_reflns_shell.pdbx_netI_over_sigmaI_all   ? 
_reflns_shell.pdbx_netI_over_sigmaI_obs   ? 
_reflns_shell.pdbx_Rrim_I_all             0.643 
_reflns_shell.pdbx_Rpim_I_all             0.320 
_reflns_shell.pdbx_rejects                ? 
_reflns_shell.pdbx_ordinal                1 
_reflns_shell.pdbx_diffrn_id              1 
_reflns_shell.pdbx_CC_half                0.874 
_reflns_shell.pdbx_CC_star                ? 
_reflns_shell.pdbx_R_split                ? 
# 
_refine.aniso_B[1][1]                            -0.186 
_refine.aniso_B[1][2]                            -0.093 
_refine.aniso_B[1][3]                            0.000 
_refine.aniso_B[2][2]                            -0.186 
_refine.aniso_B[2][3]                            0.000 
_refine.aniso_B[3][3]                            0.603 
_refine.B_iso_max                                ? 
_refine.B_iso_mean                               18.654 
_refine.B_iso_min                                ? 
_refine.correlation_coeff_Fo_to_Fc               0.970 
_refine.correlation_coeff_Fo_to_Fc_free          0.955 
_refine.details                                  'Hydrogens have been added in their riding positions' 
_refine.diff_density_max                         ? 
_refine.diff_density_max_esd                     ? 
_refine.diff_density_min                         ? 
_refine.diff_density_min_esd                     ? 
_refine.diff_density_rms                         ? 
_refine.diff_density_rms_esd                     ? 
_refine.entry_id                                 6TID 
_refine.pdbx_refine_id                           'X-RAY DIFFRACTION' 
_refine.ls_abs_structure_details                 ? 
_refine.ls_abs_structure_Flack                   ? 
_refine.ls_abs_structure_Flack_esd               ? 
_refine.ls_abs_structure_Rogers                  ? 
_refine.ls_abs_structure_Rogers_esd              ? 
_refine.ls_d_res_high                            1.614 
_refine.ls_d_res_low                             36.71 
_refine.ls_extinction_coef                       ? 
_refine.ls_extinction_coef_esd                   ? 
_refine.ls_extinction_expression                 ? 
_refine.ls_extinction_method                     ? 
_refine.ls_goodness_of_fit_all                   ? 
_refine.ls_goodness_of_fit_all_esd               ? 
_refine.ls_goodness_of_fit_obs                   ? 
_refine.ls_goodness_of_fit_obs_esd               ? 
_refine.ls_hydrogen_treatment                    ? 
_refine.ls_matrix_type                           ? 
_refine.ls_number_constraints                    ? 
_refine.ls_number_parameters                     ? 
_refine.ls_number_reflns_all                     ? 
_refine.ls_number_reflns_obs                     14605 
_refine.ls_number_reflns_R_free                  751 
_refine.ls_number_reflns_R_work                  ? 
_refine.ls_number_restraints                     ? 
_refine.ls_percent_reflns_obs                    99.652 
_refine.ls_percent_reflns_R_free                 5.142 
_refine.ls_R_factor_all                          0.161 
_refine.ls_R_factor_obs                          ? 
_refine.ls_R_factor_R_free                       0.2027 
_refine.ls_R_factor_R_free_error                 ? 
_refine.ls_R_factor_R_free_error_details         ? 
_refine.ls_R_factor_R_work                       0.1583 
_refine.ls_R_Fsqd_factor_obs                     ? 
_refine.ls_R_I_factor_obs                        ? 
_refine.ls_redundancy_reflns_all                 ? 
_refine.ls_redundancy_reflns_obs                 ? 
_refine.ls_restrained_S_all                      ? 
_refine.ls_restrained_S_obs                      ? 
_refine.ls_shift_over_esd_max                    ? 
_refine.ls_shift_over_esd_mean                   ? 
_refine.ls_structure_factor_coef                 ? 
_refine.ls_weighting_details                     ? 
_refine.ls_weighting_scheme                      ? 
_refine.ls_wR_factor_all                         ? 
_refine.ls_wR_factor_obs                         ? 
_refine.ls_wR_factor_R_free                      ? 
_refine.ls_wR_factor_R_work                      ? 
_refine.occupancy_max                            ? 
_refine.occupancy_min                            ? 
_refine.solvent_model_details                    ? 
_refine.solvent_model_param_bsol                 ? 
_refine.solvent_model_param_ksol                 ? 
_refine.pdbx_R_complete                          ? 
_refine.ls_R_factor_gt                           ? 
_refine.ls_goodness_of_fit_gt                    ? 
_refine.ls_goodness_of_fit_ref                   ? 
_refine.ls_shift_over_su_max                     ? 
_refine.ls_shift_over_su_max_lt                  ? 
_refine.ls_shift_over_su_mean                    ? 
_refine.ls_shift_over_su_mean_lt                 ? 
_refine.pdbx_ls_sigma_I                          ? 
_refine.pdbx_ls_sigma_F                          ? 
_refine.pdbx_ls_sigma_Fsqd                       ? 
_refine.pdbx_data_cutoff_high_absF               ? 
_refine.pdbx_data_cutoff_high_rms_absF           ? 
_refine.pdbx_data_cutoff_low_absF                ? 
_refine.pdbx_isotropic_thermal_model             ? 
_refine.pdbx_ls_cross_valid_method               'FREE R-VALUE' 
_refine.pdbx_method_to_determine_struct          'MOLECULAR REPLACEMENT' 
_refine.pdbx_starting_model                      2wq4 
_refine.pdbx_stereochemistry_target_values       ? 
_refine.pdbx_R_Free_selection_details            ? 
_refine.pdbx_stereochem_target_val_spec_case     ? 
_refine.pdbx_overall_ESU_R                       0.093 
_refine.pdbx_overall_ESU_R_Free                  0.097 
_refine.pdbx_solvent_vdw_probe_radii             1.200 
_refine.pdbx_solvent_ion_probe_radii             0.800 
_refine.pdbx_solvent_shrinkage_radii             0.800 
_refine.pdbx_real_space_R                        ? 
_refine.pdbx_density_correlation                 ? 
_refine.pdbx_pd_number_of_powder_patterns        ? 
_refine.pdbx_pd_number_of_points                 ? 
_refine.pdbx_pd_meas_number_of_points            ? 
_refine.pdbx_pd_proc_ls_prof_R_factor            ? 
_refine.pdbx_pd_proc_ls_prof_wR_factor           ? 
_refine.pdbx_pd_Marquardt_correlation_coeff      ? 
_refine.pdbx_pd_Fsqrd_R_factor                   ? 
_refine.pdbx_pd_ls_matrix_band_width             ? 
_refine.pdbx_overall_phase_error                 ? 
_refine.pdbx_overall_SU_R_free_Cruickshank_DPI   ? 
_refine.pdbx_overall_SU_R_free_Blow_DPI          ? 
_refine.pdbx_overall_SU_R_Blow_DPI               ? 
_refine.pdbx_TLS_residual_ADP_flag               ? 
_refine.pdbx_diffrn_id                           1 
_refine.overall_SU_B                             1.606 
_refine.overall_SU_ML                            0.057 
_refine.overall_SU_R_Cruickshank_DPI             ? 
_refine.overall_SU_R_free                        ? 
_refine.overall_FOM_free_R_set                   ? 
_refine.overall_FOM_work_R_set                   ? 
_refine.pdbx_average_fsc_overall                 ? 
_refine.pdbx_average_fsc_work                    ? 
_refine.pdbx_average_fsc_free                    ? 
# 
_refine_hist.pdbx_refine_id                   'X-RAY DIFFRACTION' 
_refine_hist.cycle_id                         LAST 
_refine_hist.pdbx_number_atoms_protein        967 
_refine_hist.pdbx_number_atoms_nucleic_acid   0 
_refine_hist.pdbx_number_atoms_ligand         36 
_refine_hist.number_atoms_solvent             132 
_refine_hist.number_atoms_total               1135 
_refine_hist.d_res_high                       1.614 
_refine_hist.d_res_low                        36.71 
# 
loop_
_refine_ls_restr.pdbx_refine_id 
_refine_ls_restr.criterion 
_refine_ls_restr.dev_ideal 
_refine_ls_restr.dev_ideal_target 
_refine_ls_restr.number 
_refine_ls_restr.rejects 
_refine_ls_restr.type 
_refine_ls_restr.weight 
_refine_ls_restr.pdbx_restraint_function 
'X-RAY DIFFRACTION' ? 0.014  0.013  1056 ? r_bond_refined_d               ? ? 
'X-RAY DIFFRACTION' ? 0.001  0.017  971  ? r_bond_other_d                 ? ? 
'X-RAY DIFFRACTION' ? 1.779  1.691  1454 ? r_angle_refined_deg            ? ? 
'X-RAY DIFFRACTION' ? 1.555  1.612  2257 ? r_angle_other_deg              ? ? 
'X-RAY DIFFRACTION' ? 8.033  5.000  134  ? r_dihedral_angle_1_deg         ? ? 
'X-RAY DIFFRACTION' ? 32.225 22.500 36   ? r_dihedral_angle_2_deg         ? ? 
'X-RAY DIFFRACTION' ? 11.052 15.000 146  ? r_dihedral_angle_3_deg         ? ? 
'X-RAY DIFFRACTION' ? 13.944 15.000 3    ? r_dihedral_angle_4_deg         ? ? 
'X-RAY DIFFRACTION' ? 0.099  0.200  159  ? r_chiral_restr                 ? ? 
'X-RAY DIFFRACTION' ? 0.010  0.020  1158 ? r_gen_planes_refined           ? ? 
'X-RAY DIFFRACTION' ? 0.002  0.020  208  ? r_gen_planes_other             ? ? 
'X-RAY DIFFRACTION' ? 0.208  0.200  148  ? r_nbd_refined                  ? ? 
'X-RAY DIFFRACTION' ? 0.196  0.200  859  ? r_symmetry_nbd_other           ? ? 
'X-RAY DIFFRACTION' ? 0.179  0.200  517  ? r_nbtor_refined                ? ? 
'X-RAY DIFFRACTION' ? 0.092  0.200  488  ? r_symmetry_nbtor_other         ? ? 
'X-RAY DIFFRACTION' ? 0.163  0.200  87   ? r_xyhbond_nbd_refined          ? ? 
'X-RAY DIFFRACTION' ? 0.151  0.200  13   ? r_symmetry_nbd_refined         ? ? 
'X-RAY DIFFRACTION' ? 0.173  0.200  84   ? r_nbd_other                    ? ? 
'X-RAY DIFFRACTION' ? 0.196  0.200  37   ? r_symmetry_xyhbond_nbd_refined ? ? 
'X-RAY DIFFRACTION' ? 1.789  1.842  537  ? r_mcbond_it                    ? ? 
'X-RAY DIFFRACTION' ? 1.782  1.836  536  ? r_mcbond_other                 ? ? 
'X-RAY DIFFRACTION' ? 2.526  2.732  672  ? r_mcangle_it                   ? ? 
'X-RAY DIFFRACTION' ? 2.526  2.739  673  ? r_mcangle_other                ? ? 
'X-RAY DIFFRACTION' ? 2.285  2.024  519  ? r_scbond_it                    ? ? 
'X-RAY DIFFRACTION' ? 2.283  2.024  520  ? r_scbond_other                 ? ? 
'X-RAY DIFFRACTION' ? 3.389  2.976  782  ? r_scangle_it                   ? ? 
'X-RAY DIFFRACTION' ? 3.387  2.976  783  ? r_scangle_other                ? ? 
'X-RAY DIFFRACTION' ? 5.047  22.799 1113 ? r_lrange_it                    ? ? 
'X-RAY DIFFRACTION' ? 4.897  22.238 1091 ? r_lrange_other                 ? ? 
# 
loop_
_refine_ls_shell.pdbx_refine_id 
_refine_ls_shell.d_res_high 
_refine_ls_shell.d_res_low 
_refine_ls_shell.number_reflns_all 
_refine_ls_shell.number_reflns_obs 
_refine_ls_shell.number_reflns_R_free 
_refine_ls_shell.number_reflns_R_work 
_refine_ls_shell.percent_reflns_obs 
_refine_ls_shell.percent_reflns_R_free 
_refine_ls_shell.R_factor_all 
_refine_ls_shell.R_factor_obs 
_refine_ls_shell.R_factor_R_free 
_refine_ls_shell.R_factor_R_free_error 
_refine_ls_shell.R_factor_R_work 
_refine_ls_shell.redundancy_reflns_all 
_refine_ls_shell.redundancy_reflns_obs 
_refine_ls_shell.wR_factor_all 
_refine_ls_shell.wR_factor_obs 
_refine_ls_shell.wR_factor_R_free 
_refine_ls_shell.wR_factor_R_work 
_refine_ls_shell.pdbx_R_complete 
_refine_ls_shell.pdbx_total_number_of_bins_used 
_refine_ls_shell.pdbx_phase_error 
_refine_ls_shell.pdbx_fsc_work 
_refine_ls_shell.pdbx_fsc_free 
'X-RAY DIFFRACTION' 1.614 1.656  1060 . 51 999 99.0566  . 0.237 . 0.344 . 0.231 . . . . . 0.231 . 20 . 0.929 0.900 
'X-RAY DIFFRACTION' 1.656 1.701  1030 . 46 983 99.9029  . 0.196 . 0.265 . 0.193 . . . . . 0.193 . 20 . 0.949 0.928 
'X-RAY DIFFRACTION' 1.701 1.751  988  . 68 920 100.0000 . 0.179 . 0.230 . 0.176 . . . . . 0.176 . 20 . 0.956 0.944 
'X-RAY DIFFRACTION' 1.751 1.804  985  . 55 929 99.8985  . 0.177 . 0.258 . 0.172 . . . . . 0.172 . 20 . 0.951 0.925 
'X-RAY DIFFRACTION' 1.804 1.863  950  . 49 900 99.8947  . 0.171 . 0.234 . 0.167 . . . . . 0.167 . 20 . 0.955 0.940 
'X-RAY DIFFRACTION' 1.863 1.929  912  . 44 868 100.0000 . 0.169 . 0.238 . 0.166 . . . . . 0.166 . 20 . 0.958 0.943 
'X-RAY DIFFRACTION' 1.929 2.001  895  . 37 858 100.0000 . 0.176 . 0.198 . 0.175 . . . . . 0.175 . 20 . 0.957 0.946 
'X-RAY DIFFRACTION' 2.001 2.083  842  . 48 791 99.6437  . 0.167 . 0.225 . 0.164 . . . . . 0.164 . 20 . 0.965 0.949 
'X-RAY DIFFRACTION' 2.083 2.175  832  . 36 794 99.7596  . 0.161 . 0.167 . 0.161 . . . . . 0.161 . 20 . 0.966 0.964 
'X-RAY DIFFRACTION' 2.175 2.281  778  . 31 747 100.0000 . 0.147 . 0.194 . 0.145 . . . . . 0.145 . 20 . 0.972 0.960 
'X-RAY DIFFRACTION' 2.281 2.404  768  . 41 725 99.7396  . 0.153 . 0.171 . 0.152 . . . . . 0.152 . 20 . 0.970 0.971 
'X-RAY DIFFRACTION' 2.404 2.549  716  . 42 673 99.8603  . 0.160 . 0.223 . 0.156 . . . . . 0.156 . 20 . 0.964 0.949 
'X-RAY DIFFRACTION' 2.549 2.724  671  . 47 623 99.8510  . 0.168 . 0.199 . 0.166 . . . . . 0.166 . 20 . 0.963 0.959 
'X-RAY DIFFRACTION' 2.724 2.941  631  . 37 591 99.5246  . 0.153 . 0.185 . 0.151 . . . . . 0.151 . 20 . 0.967 0.958 
'X-RAY DIFFRACTION' 2.941 3.219  597  . 28 568 99.8325  . 0.154 . 0.194 . 0.151 . . . . . 0.151 . 20 . 0.964 0.956 
'X-RAY DIFFRACTION' 3.219 3.596  538  . 26 506 98.8848  . 0.150 . 0.231 . 0.146 . . . . . 0.146 . 20 . 0.971 0.955 
'X-RAY DIFFRACTION' 3.596 4.146  481  . 22 457 99.5842  . 0.128 . 0.124 . 0.128 . . . . . 0.128 . 20 . 0.977 0.982 
'X-RAY DIFFRACTION' 4.146 5.061  415  . 20 394 99.7590  . 0.107 . 0.110 . 0.107 . . . . . 0.107 . 20 . 0.988 0.986 
'X-RAY DIFFRACTION' 5.061 7.090  345  . 15 329 99.7101  . 0.176 . 0.276 . 0.172 . . . . . 0.172 . 20 . 0.975 0.973 
'X-RAY DIFFRACTION' 7.090 36.713 217  . 8  198 94.9309  . 0.275 . 0.293 . 0.274 . . . . . 0.274 . 20 . 0.931 0.940 
# 
_struct.entry_id                     6TID 
_struct.title                        'Structure of the N terminal domain of Bc2L-C lectin (1-131) in complex with H-type 1 antigen' 
_struct.pdbx_model_details           ? 
_struct.pdbx_formula_weight          ? 
_struct.pdbx_formula_weight_method   ? 
_struct.pdbx_model_type_details      ? 
_struct.pdbx_CASP_flag               N 
# 
_struct_keywords.entry_id        6TID 
_struct_keywords.text            'Lectin, TNF-like, fucosylated antigen, SUGAR BINDING PROTEIN' 
_struct_keywords.pdbx_keywords   'SUGAR BINDING PROTEIN' 
# 
loop_
_struct_asym.id 
_struct_asym.pdbx_blank_PDB_chainid_flag 
_struct_asym.pdbx_modified 
_struct_asym.entity_id 
_struct_asym.details 
A N N 1 ? 
B N N 2 ? 
C N N 3 ? 
# 
_struct_ref.id                         1 
_struct_ref.db_name                    UNP 
_struct_ref.db_code                    B4EH86_BURCJ 
_struct_ref.pdbx_db_accession          B4EH86 
_struct_ref.pdbx_db_isoform            ? 
_struct_ref.entity_id                  1 
_struct_ref.pdbx_seq_one_letter_code   
;MPLLSASIVSAPVVTSETYVDIPGLYLDVAKAGIRDGKLQVILNVPTPYATGNNFPGIYFAIATNQGVVADGCFTYSSKV
PESTGRMPFTLVATIDVGSGVTFVKGQWKSVRGSAMHIDSYASLSAIWGTAA
;
_struct_ref.pdbx_align_begin           1 
# 
_struct_ref_seq.align_id                      1 
_struct_ref_seq.ref_id                        1 
_struct_ref_seq.pdbx_PDB_id_code              6TID 
_struct_ref_seq.pdbx_strand_id                AAA 
_struct_ref_seq.seq_align_beg                 3 
_struct_ref_seq.pdbx_seq_align_beg_ins_code   ? 
_struct_ref_seq.seq_align_end                 134 
_struct_ref_seq.pdbx_seq_align_end_ins_code   ? 
_struct_ref_seq.pdbx_db_accession             B4EH86 
_struct_ref_seq.db_align_beg                  1 
_struct_ref_seq.pdbx_db_align_beg_ins_code    ? 
_struct_ref_seq.db_align_end                  132 
_struct_ref_seq.pdbx_db_align_end_ins_code    ? 
_struct_ref_seq.pdbx_auth_seq_align_beg       0 
_struct_ref_seq.pdbx_auth_seq_align_end       131 
# 
loop_
_struct_ref_seq_dif.align_id 
_struct_ref_seq_dif.pdbx_pdb_id_code 
_struct_ref_seq_dif.mon_id 
_struct_ref_seq_dif.pdbx_pdb_strand_id 
_struct_ref_seq_dif.seq_num 
_struct_ref_seq_dif.pdbx_pdb_ins_code 
_struct_ref_seq_dif.pdbx_seq_db_name 
_struct_ref_seq_dif.pdbx_seq_db_accession_code 
_struct_ref_seq_dif.db_mon_id 
_struct_ref_seq_dif.pdbx_seq_db_seq_num 
_struct_ref_seq_dif.details 
_struct_ref_seq_dif.pdbx_auth_seq_num 
_struct_ref_seq_dif.pdbx_ordinal 
1 6TID GLY AAA 1 ? UNP B4EH86 ? ? 'expression tag' -2 1 
1 6TID HIS AAA 2 ? UNP B4EH86 ? ? 'expression tag' -1 2 
# 
_pdbx_struct_assembly.id                   1 
_pdbx_struct_assembly.details              author_and_software_defined_assembly 
_pdbx_struct_assembly.method_details       PISA 
_pdbx_struct_assembly.oligomeric_details   trimeric 
_pdbx_struct_assembly.oligomeric_count     3 
# 
loop_
_pdbx_struct_assembly_prop.biol_id 
_pdbx_struct_assembly_prop.type 
_pdbx_struct_assembly_prop.value 
_pdbx_struct_assembly_prop.details 
1 'ABSA (A^2)' 9340  ? 
1 MORE         3     ? 
1 'SSA (A^2)'  13700 ? 
# 
_pdbx_struct_assembly_gen.assembly_id       1 
_pdbx_struct_assembly_gen.oper_expression   1,2,3 
_pdbx_struct_assembly_gen.asym_id_list      A,B,C 
# 
_pdbx_struct_assembly_auth_evidence.id                     1 
_pdbx_struct_assembly_auth_evidence.assembly_id            1 
_pdbx_struct_assembly_auth_evidence.experimental_support   'gel filtration' 
_pdbx_struct_assembly_auth_evidence.details                ? 
# 
loop_
_pdbx_struct_oper_list.id 
_pdbx_struct_oper_list.type 
_pdbx_struct_oper_list.name 
_pdbx_struct_oper_list.symmetry_operation 
_pdbx_struct_oper_list.matrix[1][1] 
_pdbx_struct_oper_list.matrix[1][2] 
_pdbx_struct_oper_list.matrix[1][3] 
_pdbx_struct_oper_list.vector[1] 
_pdbx_struct_oper_list.matrix[2][1] 
_pdbx_struct_oper_list.matrix[2][2] 
_pdbx_struct_oper_list.matrix[2][3] 
_pdbx_struct_oper_list.vector[2] 
_pdbx_struct_oper_list.matrix[3][1] 
_pdbx_struct_oper_list.matrix[3][2] 
_pdbx_struct_oper_list.matrix[3][3] 
_pdbx_struct_oper_list.vector[3] 
1 'identity operation'         1_555 x,y,z        1.0000000000  0.0000000000  0.0000000000  0.0000000000  0.0000000000  1.0000000000 0.0000000000  0.0000000000  0.0000000000  0.0000000000  1.0000000000  0.0000000000   
2 'crystal symmetry operation' 2_665 -y+1,x-y+1,z -0.1790094323 -0.4215770905 0.8889479062  16.3928565951 -0.7756385125 0.6163296870 0.1360978136  10.3900238253 -0.6052607051 -0.6651394393 -0.4373202547 6.7510763301   
3 'crystal symmetry operation' 3_565 -x+y,-x+1,z  -0.1790094323 -0.7756385125 -0.6052607051 15.0795397966 -0.4215770905 0.6163296870 -0.6651394393 4.9975797805  0.8889479062  0.1360978136  -0.4373202547 -13.0340726520 
# 
loop_
_struct_conn.id 
_struct_conn.conn_type_id 
_struct_conn.pdbx_leaving_atom_flag 
_struct_conn.pdbx_PDB_id 
_struct_conn.ptnr1_label_asym_id 
_struct_conn.ptnr1_label_comp_id 
_struct_conn.ptnr1_label_seq_id 
_struct_conn.ptnr1_label_atom_id 
_struct_conn.pdbx_ptnr1_label_alt_id 
_struct_conn.pdbx_ptnr1_PDB_ins_code 
_struct_conn.pdbx_ptnr1_standard_comp_id 
_struct_conn.ptnr1_symmetry 
_struct_conn.ptnr2_label_asym_id 
_struct_conn.ptnr2_label_comp_id 
_struct_conn.ptnr2_label_seq_id 
_struct_conn.ptnr2_label_atom_id 
_struct_conn.pdbx_ptnr2_label_alt_id 
_struct_conn.pdbx_ptnr2_PDB_ins_code 
_struct_conn.ptnr1_auth_asym_id 
_struct_conn.ptnr1_auth_comp_id 
_struct_conn.ptnr1_auth_seq_id 
_struct_conn.ptnr2_auth_asym_id 
_struct_conn.ptnr2_auth_comp_id 
_struct_conn.ptnr2_auth_seq_id 
_struct_conn.ptnr2_symmetry 
_struct_conn.pdbx_ptnr3_label_atom_id 
_struct_conn.pdbx_ptnr3_label_seq_id 
_struct_conn.pdbx_ptnr3_label_comp_id 
_struct_conn.pdbx_ptnr3_label_asym_id 
_struct_conn.pdbx_ptnr3_label_alt_id 
_struct_conn.pdbx_ptnr3_PDB_ins_code 
_struct_conn.details 
_struct_conn.pdbx_dist_value 
_struct_conn.pdbx_value_order 
_struct_conn.pdbx_role 
covale1 covale both ? B NAG . O3 ? ? ? 1_555 B GAL . C1 ? ? A NAG 1 A GAL 2 1_555 ? ? ? ? ? ? ? 1.365 ? ? 
covale2 covale both ? B GAL . O2 ? ? ? 1_555 B FUC . C1 ? ? A GAL 2 A FUC 3 1_555 ? ? ? ? ? ? ? 1.437 ? ? 
# 
_struct_conn_type.id          covale 
_struct_conn_type.criteria    ? 
_struct_conn_type.reference   ? 
# 
loop_
_struct_sheet.id 
_struct_sheet.type 
_struct_sheet.number_strands 
_struct_sheet.details 
AA1 ? 4 ? 
AA2 ? 4 ? 
AA3 ? 2 ? 
# 
loop_
_struct_sheet_order.sheet_id 
_struct_sheet_order.range_id_1 
_struct_sheet_order.range_id_2 
_struct_sheet_order.offset 
_struct_sheet_order.sense 
AA1 1 2 ? anti-parallel 
AA1 2 3 ? anti-parallel 
AA1 3 4 ? anti-parallel 
AA2 1 2 ? anti-parallel 
AA2 2 3 ? anti-parallel 
AA2 3 4 ? anti-parallel 
AA3 1 2 ? anti-parallel 
# 
loop_
_struct_sheet_range.sheet_id 
_struct_sheet_range.id 
_struct_sheet_range.beg_label_comp_id 
_struct_sheet_range.beg_label_asym_id 
_struct_sheet_range.beg_label_seq_id 
_struct_sheet_range.pdbx_beg_PDB_ins_code 
_struct_sheet_range.end_label_comp_id 
_struct_sheet_range.end_label_asym_id 
_struct_sheet_range.end_label_seq_id 
_struct_sheet_range.pdbx_end_PDB_ins_code 
_struct_sheet_range.beg_auth_comp_id 
_struct_sheet_range.beg_auth_asym_id 
_struct_sheet_range.beg_auth_seq_id 
_struct_sheet_range.end_auth_comp_id 
_struct_sheet_range.end_auth_asym_id 
_struct_sheet_range.end_auth_seq_id 
AA1 1 LEU A 5   ? ILE A 10  ? LEU AAA 2   ILE AAA 7   
AA1 2 ALA A 124 ? GLY A 131 ? ALA AAA 121 GLY AAA 128 
AA1 3 LYS A 40  ? VAL A 47  ? LYS AAA 37  VAL AAA 44  
AA1 4 PHE A 91  ? ASP A 98  ? PHE AAA 88  ASP AAA 95  
AA2 1 VAL A 22  ? ASP A 30  ? VAL AAA 19  ASP AAA 27  
AA2 2 PHE A 105 ? VAL A 113 ? PHE AAA 102 VAL AAA 110 
AA2 3 GLY A 59  ? THR A 66  ? GLY AAA 56  THR AAA 63  
AA2 4 GLY A 69  ? THR A 77  ? GLY AAA 66  THR AAA 74  
AA3 1 TYR A 51  ? THR A 53  ? TYR AAA 48  THR AAA 50  
AA3 2 ALA A 117 ? HIS A 119 ? ALA AAA 114 HIS AAA 116 
# 
loop_
_pdbx_struct_sheet_hbond.sheet_id 
_pdbx_struct_sheet_hbond.range_id_1 
_pdbx_struct_sheet_hbond.range_id_2 
_pdbx_struct_sheet_hbond.range_1_label_atom_id 
_pdbx_struct_sheet_hbond.range_1_label_comp_id 
_pdbx_struct_sheet_hbond.range_1_label_asym_id 
_pdbx_struct_sheet_hbond.range_1_label_seq_id 
_pdbx_struct_sheet_hbond.range_1_PDB_ins_code 
_pdbx_struct_sheet_hbond.range_1_auth_atom_id 
_pdbx_struct_sheet_hbond.range_1_auth_comp_id 
_pdbx_struct_sheet_hbond.range_1_auth_asym_id 
_pdbx_struct_sheet_hbond.range_1_auth_seq_id 
_pdbx_struct_sheet_hbond.range_2_label_atom_id 
_pdbx_struct_sheet_hbond.range_2_label_comp_id 
_pdbx_struct_sheet_hbond.range_2_label_asym_id 
_pdbx_struct_sheet_hbond.range_2_label_seq_id 
_pdbx_struct_sheet_hbond.range_2_PDB_ins_code 
_pdbx_struct_sheet_hbond.range_2_auth_atom_id 
_pdbx_struct_sheet_hbond.range_2_auth_comp_id 
_pdbx_struct_sheet_hbond.range_2_auth_asym_id 
_pdbx_struct_sheet_hbond.range_2_auth_seq_id 
AA1 1 2 N LEU A 6   ? N LEU AAA 3   O ALA A 128 ? O ALA AAA 125 
AA1 2 3 O SER A 125 ? O SER AAA 122 N ASN A 46  ? N ASN AAA 43  
AA1 3 4 N VAL A 43  ? N VAL AAA 40  O ALA A 95  ? O ALA AAA 92  
AA2 1 2 N LEU A 29  ? N LEU AAA 26  O VAL A 106 ? O VAL AAA 103 
AA2 2 3 O LYS A 111 ? O LYS AAA 108 N TYR A 61  ? N TYR AAA 58  
AA2 3 4 N PHE A 62  ? N PHE AAA 59  O GLY A 74  ? O GLY AAA 71  
AA3 1 2 N THR A 53  ? N THR AAA 50  O ALA A 117 ? O ALA AAA 114 
# 
_pdbx_validate_close_contact.id               1 
_pdbx_validate_close_contact.PDB_model_num    1 
_pdbx_validate_close_contact.auth_atom_id_1   ND2 
_pdbx_validate_close_contact.auth_asym_id_1   AAA 
_pdbx_validate_close_contact.auth_comp_id_1   ASN 
_pdbx_validate_close_contact.auth_seq_id_1    64 
_pdbx_validate_close_contact.PDB_ins_code_1   ? 
_pdbx_validate_close_contact.label_alt_id_1   ? 
_pdbx_validate_close_contact.auth_atom_id_2   OG1 
_pdbx_validate_close_contact.auth_asym_id_2   AAA 
_pdbx_validate_close_contact.auth_comp_id_2   THR 
_pdbx_validate_close_contact.auth_seq_id_2    101 
_pdbx_validate_close_contact.PDB_ins_code_2   ? 
_pdbx_validate_close_contact.label_alt_id_2   ? 
_pdbx_validate_close_contact.dist             2.19 
# 
_pdbx_molecule_features.prd_id    PRD_900049 
_pdbx_molecule_features.name      'H type 1 antigen, beta anomer' 
_pdbx_molecule_features.type      Oligosaccharide 
_pdbx_molecule_features.class     Antigen 
_pdbx_molecule_features.details   oligosaccharide 
# 
_pdbx_molecule.instance_id   1 
_pdbx_molecule.prd_id        PRD_900049 
_pdbx_molecule.asym_id       B 
# 
loop_
_pdbx_struct_special_symmetry.id 
_pdbx_struct_special_symmetry.PDB_model_num 
_pdbx_struct_special_symmetry.auth_asym_id 
_pdbx_struct_special_symmetry.auth_comp_id 
_pdbx_struct_special_symmetry.auth_seq_id 
_pdbx_struct_special_symmetry.PDB_ins_code 
_pdbx_struct_special_symmetry.label_asym_id 
_pdbx_struct_special_symmetry.label_comp_id 
_pdbx_struct_special_symmetry.label_seq_id 
1 1 AAA HOH 301 ? C HOH . 
2 1 AAA HOH 313 ? C HOH . 
3 1 AAA HOH 395 ? C HOH . 
4 1 AAA HOH 416 ? C HOH . 
5 1 AAA HOH 418 ? C HOH . 
6 1 AAA HOH 425 ? C HOH . 
# 
_pdbx_entry_details.entry_id                 6TID 
_pdbx_entry_details.has_ligand_of_interest   Y 
_pdbx_entry_details.compound_details         ? 
_pdbx_entry_details.source_details           ? 
_pdbx_entry_details.nonpolymer_details       ? 
_pdbx_entry_details.sequence_details         ? 
# 
loop_
_pdbx_unobs_or_zero_occ_residues.id 
_pdbx_unobs_or_zero_occ_residues.PDB_model_num 
_pdbx_unobs_or_zero_occ_residues.polymer_flag 
_pdbx_unobs_or_zero_occ_residues.occupancy_flag 
_pdbx_unobs_or_zero_occ_residues.auth_asym_id 
_pdbx_unobs_or_zero_occ_residues.auth_comp_id 
_pdbx_unobs_or_zero_occ_residues.auth_seq_id 
_pdbx_unobs_or_zero_occ_residues.PDB_ins_code 
_pdbx_unobs_or_zero_occ_residues.label_asym_id 
_pdbx_unobs_or_zero_occ_residues.label_comp_id 
_pdbx_unobs_or_zero_occ_residues.label_seq_id 
1 1 Y 1 AAA ALA 31 ? A ALA 34  
2 1 Y 1 AAA GLY 32 ? A GLY 35  
3 1 Y 1 AAA SER 98 ? A SER 101 
# 
loop_
_chem_comp_atom.comp_id 
_chem_comp_atom.atom_id 
_chem_comp_atom.type_symbol 
_chem_comp_atom.pdbx_aromatic_flag 
_chem_comp_atom.pdbx_stereo_config 
_chem_comp_atom.pdbx_ordinal 
ALA N    N N N 1   
ALA CA   C N S 2   
ALA C    C N N 3   
ALA O    O N N 4   
ALA CB   C N N 5   
ALA OXT  O N N 6   
ALA H    H N N 7   
ALA H2   H N N 8   
ALA HA   H N N 9   
ALA HB1  H N N 10  
ALA HB2  H N N 11  
ALA HB3  H N N 12  
ALA HXT  H N N 13  
ARG N    N N N 14  
ARG CA   C N S 15  
ARG C    C N N 16  
ARG O    O N N 17  
ARG CB   C N N 18  
ARG CG   C N N 19  
ARG CD   C N N 20  
ARG NE   N N N 21  
ARG CZ   C N N 22  
ARG NH1  N N N 23  
ARG NH2  N N N 24  
ARG OXT  O N N 25  
ARG H    H N N 26  
ARG H2   H N N 27  
ARG HA   H N N 28  
ARG HB2  H N N 29  
ARG HB3  H N N 30  
ARG HG2  H N N 31  
ARG HG3  H N N 32  
ARG HD2  H N N 33  
ARG HD3  H N N 34  
ARG HE   H N N 35  
ARG HH11 H N N 36  
ARG HH12 H N N 37  
ARG HH21 H N N 38  
ARG HH22 H N N 39  
ARG HXT  H N N 40  
ASN N    N N N 41  
ASN CA   C N S 42  
ASN C    C N N 43  
ASN O    O N N 44  
ASN CB   C N N 45  
ASN CG   C N N 46  
ASN OD1  O N N 47  
ASN ND2  N N N 48  
ASN OXT  O N N 49  
ASN H    H N N 50  
ASN H2   H N N 51  
ASN HA   H N N 52  
ASN HB2  H N N 53  
ASN HB3  H N N 54  
ASN HD21 H N N 55  
ASN HD22 H N N 56  
ASN HXT  H N N 57  
ASP N    N N N 58  
ASP CA   C N S 59  
ASP C    C N N 60  
ASP O    O N N 61  
ASP CB   C N N 62  
ASP CG   C N N 63  
ASP OD1  O N N 64  
ASP OD2  O N N 65  
ASP OXT  O N N 66  
ASP H    H N N 67  
ASP H2   H N N 68  
ASP HA   H N N 69  
ASP HB2  H N N 70  
ASP HB3  H N N 71  
ASP HD2  H N N 72  
ASP HXT  H N N 73  
CYS N    N N N 74  
CYS CA   C N R 75  
CYS C    C N N 76  
CYS O    O N N 77  
CYS CB   C N N 78  
CYS SG   S N N 79  
CYS OXT  O N N 80  
CYS H    H N N 81  
CYS H2   H N N 82  
CYS HA   H N N 83  
CYS HB2  H N N 84  
CYS HB3  H N N 85  
CYS HG   H N N 86  
CYS HXT  H N N 87  
FUC C1   C N R 88  
FUC C2   C N S 89  
FUC C3   C N R 90  
FUC C4   C N S 91  
FUC C5   C N S 92  
FUC C6   C N N 93  
FUC O1   O N N 94  
FUC O2   O N N 95  
FUC O3   O N N 96  
FUC O4   O N N 97  
FUC O5   O N N 98  
FUC H1   H N N 99  
FUC H2   H N N 100 
FUC H3   H N N 101 
FUC H4   H N N 102 
FUC H5   H N N 103 
FUC H61  H N N 104 
FUC H62  H N N 105 
FUC H63  H N N 106 
FUC HO1  H N N 107 
FUC HO2  H N N 108 
FUC HO3  H N N 109 
FUC HO4  H N N 110 
GAL C1   C N R 111 
GAL C2   C N R 112 
GAL C3   C N S 113 
GAL C4   C N R 114 
GAL C5   C N R 115 
GAL C6   C N N 116 
GAL O1   O N N 117 
GAL O2   O N N 118 
GAL O3   O N N 119 
GAL O4   O N N 120 
GAL O5   O N N 121 
GAL O6   O N N 122 
GAL H1   H N N 123 
GAL H2   H N N 124 
GAL H3   H N N 125 
GAL H4   H N N 126 
GAL H5   H N N 127 
GAL H61  H N N 128 
GAL H62  H N N 129 
GAL HO1  H N N 130 
GAL HO2  H N N 131 
GAL HO3  H N N 132 
GAL HO4  H N N 133 
GAL HO6  H N N 134 
GLN N    N N N 135 
GLN CA   C N S 136 
GLN C    C N N 137 
GLN O    O N N 138 
GLN CB   C N N 139 
GLN CG   C N N 140 
GLN CD   C N N 141 
GLN OE1  O N N 142 
GLN NE2  N N N 143 
GLN OXT  O N N 144 
GLN H    H N N 145 
GLN H2   H N N 146 
GLN HA   H N N 147 
GLN HB2  H N N 148 
GLN HB3  H N N 149 
GLN HG2  H N N 150 
GLN HG3  H N N 151 
GLN HE21 H N N 152 
GLN HE22 H N N 153 
GLN HXT  H N N 154 
GLU N    N N N 155 
GLU CA   C N S 156 
GLU C    C N N 157 
GLU O    O N N 158 
GLU CB   C N N 159 
GLU CG   C N N 160 
GLU CD   C N N 161 
GLU OE1  O N N 162 
GLU OE2  O N N 163 
GLU OXT  O N N 164 
GLU H    H N N 165 
GLU H2   H N N 166 
GLU HA   H N N 167 
GLU HB2  H N N 168 
GLU HB3  H N N 169 
GLU HG2  H N N 170 
GLU HG3  H N N 171 
GLU HE2  H N N 172 
GLU HXT  H N N 173 
GLY N    N N N 174 
GLY CA   C N N 175 
GLY C    C N N 176 
GLY O    O N N 177 
GLY OXT  O N N 178 
GLY H    H N N 179 
GLY H2   H N N 180 
GLY HA2  H N N 181 
GLY HA3  H N N 182 
GLY HXT  H N N 183 
HIS N    N N N 184 
HIS CA   C N S 185 
HIS C    C N N 186 
HIS O    O N N 187 
HIS CB   C N N 188 
HIS CG   C Y N 189 
HIS ND1  N Y N 190 
HIS CD2  C Y N 191 
HIS CE1  C Y N 192 
HIS NE2  N Y N 193 
HIS OXT  O N N 194 
HIS H    H N N 195 
HIS H2   H N N 196 
HIS HA   H N N 197 
HIS HB2  H N N 198 
HIS HB3  H N N 199 
HIS HD1  H N N 200 
HIS HD2  H N N 201 
HIS HE1  H N N 202 
HIS HE2  H N N 203 
HIS HXT  H N N 204 
HOH O    O N N 205 
HOH H1   H N N 206 
HOH H2   H N N 207 
ILE N    N N N 208 
ILE CA   C N S 209 
ILE C    C N N 210 
ILE O    O N N 211 
ILE CB   C N S 212 
ILE CG1  C N N 213 
ILE CG2  C N N 214 
ILE CD1  C N N 215 
ILE OXT  O N N 216 
ILE H    H N N 217 
ILE H2   H N N 218 
ILE HA   H N N 219 
ILE HB   H N N 220 
ILE HG12 H N N 221 
ILE HG13 H N N 222 
ILE HG21 H N N 223 
ILE HG22 H N N 224 
ILE HG23 H N N 225 
ILE HD11 H N N 226 
ILE HD12 H N N 227 
ILE HD13 H N N 228 
ILE HXT  H N N 229 
LEU N    N N N 230 
LEU CA   C N S 231 
LEU C    C N N 232 
LEU O    O N N 233 
LEU CB   C N N 234 
LEU CG   C N N 235 
LEU CD1  C N N 236 
LEU CD2  C N N 237 
LEU OXT  O N N 238 
LEU H    H N N 239 
LEU H2   H N N 240 
LEU HA   H N N 241 
LEU HB2  H N N 242 
LEU HB3  H N N 243 
LEU HG   H N N 244 
LEU HD11 H N N 245 
LEU HD12 H N N 246 
LEU HD13 H N N 247 
LEU HD21 H N N 248 
LEU HD22 H N N 249 
LEU HD23 H N N 250 
LEU HXT  H N N 251 
LYS N    N N N 252 
LYS CA   C N S 253 
LYS C    C N N 254 
LYS O    O N N 255 
LYS CB   C N N 256 
LYS CG   C N N 257 
LYS CD   C N N 258 
LYS CE   C N N 259 
LYS NZ   N N N 260 
LYS OXT  O N N 261 
LYS H    H N N 262 
LYS H2   H N N 263 
LYS HA   H N N 264 
LYS HB2  H N N 265 
LYS HB3  H N N 266 
LYS HG2  H N N 267 
LYS HG3  H N N 268 
LYS HD2  H N N 269 
LYS HD3  H N N 270 
LYS HE2  H N N 271 
LYS HE3  H N N 272 
LYS HZ1  H N N 273 
LYS HZ2  H N N 274 
LYS HZ3  H N N 275 
LYS HXT  H N N 276 
MET N    N N N 277 
MET CA   C N S 278 
MET C    C N N 279 
MET O    O N N 280 
MET CB   C N N 281 
MET CG   C N N 282 
MET SD   S N N 283 
MET CE   C N N 284 
MET OXT  O N N 285 
MET H    H N N 286 
MET H2   H N N 287 
MET HA   H N N 288 
MET HB2  H N N 289 
MET HB3  H N N 290 
MET HG2  H N N 291 
MET HG3  H N N 292 
MET HE1  H N N 293 
MET HE2  H N N 294 
MET HE3  H N N 295 
MET HXT  H N N 296 
NAG C1   C N R 297 
NAG C2   C N R 298 
NAG C3   C N R 299 
NAG C4   C N S 300 
NAG C5   C N R 301 
NAG C6   C N N 302 
NAG C7   C N N 303 
NAG C8   C N N 304 
NAG N2   N N N 305 
NAG O1   O N N 306 
NAG O3   O N N 307 
NAG O4   O N N 308 
NAG O5   O N N 309 
NAG O6   O N N 310 
NAG O7   O N N 311 
NAG H1   H N N 312 
NAG H2   H N N 313 
NAG H3   H N N 314 
NAG H4   H N N 315 
NAG H5   H N N 316 
NAG H61  H N N 317 
NAG H62  H N N 318 
NAG H81  H N N 319 
NAG H82  H N N 320 
NAG H83  H N N 321 
NAG HN2  H N N 322 
NAG HO1  H N N 323 
NAG HO3  H N N 324 
NAG HO4  H N N 325 
NAG HO6  H N N 326 
PHE N    N N N 327 
PHE CA   C N S 328 
PHE C    C N N 329 
PHE O    O N N 330 
PHE CB   C N N 331 
PHE CG   C Y N 332 
PHE CD1  C Y N 333 
PHE CD2  C Y N 334 
PHE CE1  C Y N 335 
PHE CE2  C Y N 336 
PHE CZ   C Y N 337 
PHE OXT  O N N 338 
PHE H    H N N 339 
PHE H2   H N N 340 
PHE HA   H N N 341 
PHE HB2  H N N 342 
PHE HB3  H N N 343 
PHE HD1  H N N 344 
PHE HD2  H N N 345 
PHE HE1  H N N 346 
PHE HE2  H N N 347 
PHE HZ   H N N 348 
PHE HXT  H N N 349 
PRO N    N N N 350 
PRO CA   C N S 351 
PRO C    C N N 352 
PRO O    O N N 353 
PRO CB   C N N 354 
PRO CG   C N N 355 
PRO CD   C N N 356 
PRO OXT  O N N 357 
PRO H    H N N 358 
PRO HA   H N N 359 
PRO HB2  H N N 360 
PRO HB3  H N N 361 
PRO HG2  H N N 362 
PRO HG3  H N N 363 
PRO HD2  H N N 364 
PRO HD3  H N N 365 
PRO HXT  H N N 366 
SER N    N N N 367 
SER CA   C N S 368 
SER C    C N N 369 
SER O    O N N 370 
SER CB   C N N 371 
SER OG   O N N 372 
SER OXT  O N N 373 
SER H    H N N 374 
SER H2   H N N 375 
SER HA   H N N 376 
SER HB2  H N N 377 
SER HB3  H N N 378 
SER HG   H N N 379 
SER HXT  H N N 380 
THR N    N N N 381 
THR CA   C N S 382 
THR C    C N N 383 
THR O    O N N 384 
THR CB   C N R 385 
THR OG1  O N N 386 
THR CG2  C N N 387 
THR OXT  O N N 388 
THR H    H N N 389 
THR H2   H N N 390 
THR HA   H N N 391 
THR HB   H N N 392 
THR HG1  H N N 393 
THR HG21 H N N 394 
THR HG22 H N N 395 
THR HG23 H N N 396 
THR HXT  H N N 397 
TRP N    N N N 398 
TRP CA   C N S 399 
TRP C    C N N 400 
TRP O    O N N 401 
TRP CB   C N N 402 
TRP CG   C Y N 403 
TRP CD1  C Y N 404 
TRP CD2  C Y N 405 
TRP NE1  N Y N 406 
TRP CE2  C Y N 407 
TRP CE3  C Y N 408 
TRP CZ2  C Y N 409 
TRP CZ3  C Y N 410 
TRP CH2  C Y N 411 
TRP OXT  O N N 412 
TRP H    H N N 413 
TRP H2   H N N 414 
TRP HA   H N N 415 
TRP HB2  H N N 416 
TRP HB3  H N N 417 
TRP HD1  H N N 418 
TRP HE1  H N N 419 
TRP HE3  H N N 420 
TRP HZ2  H N N 421 
TRP HZ3  H N N 422 
TRP HH2  H N N 423 
TRP HXT  H N N 424 
TYR N    N N N 425 
TYR CA   C N S 426 
TYR C    C N N 427 
TYR O    O N N 428 
TYR CB   C N N 429 
TYR CG   C Y N 430 
TYR CD1  C Y N 431 
TYR CD2  C Y N 432 
TYR CE1  C Y N 433 
TYR CE2  C Y N 434 
TYR CZ   C Y N 435 
TYR OH   O N N 436 
TYR OXT  O N N 437 
TYR H    H N N 438 
TYR H2   H N N 439 
TYR HA   H N N 440 
TYR HB2  H N N 441 
TYR HB3  H N N 442 
TYR HD1  H N N 443 
TYR HD2  H N N 444 
TYR HE1  H N N 445 
TYR HE2  H N N 446 
TYR HH   H N N 447 
TYR HXT  H N N 448 
VAL N    N N N 449 
VAL CA   C N S 450 
VAL C    C N N 451 
VAL O    O N N 452 
VAL CB   C N N 453 
VAL CG1  C N N 454 
VAL CG2  C N N 455 
VAL OXT  O N N 456 
VAL H    H N N 457 
VAL H2   H N N 458 
VAL HA   H N N 459 
VAL HB   H N N 460 
VAL HG11 H N N 461 
VAL HG12 H N N 462 
VAL HG13 H N N 463 
VAL HG21 H N N 464 
VAL HG22 H N N 465 
VAL HG23 H N N 466 
VAL HXT  H N N 467 
# 
loop_
_chem_comp_bond.comp_id 
_chem_comp_bond.atom_id_1 
_chem_comp_bond.atom_id_2 
_chem_comp_bond.value_order 
_chem_comp_bond.pdbx_aromatic_flag 
_chem_comp_bond.pdbx_stereo_config 
_chem_comp_bond.pdbx_ordinal 
ALA N   CA   sing N N 1   
ALA N   H    sing N N 2   
ALA N   H2   sing N N 3   
ALA CA  C    sing N N 4   
ALA CA  CB   sing N N 5   
ALA CA  HA   sing N N 6   
ALA C   O    doub N N 7   
ALA C   OXT  sing N N 8   
ALA CB  HB1  sing N N 9   
ALA CB  HB2  sing N N 10  
ALA CB  HB3  sing N N 11  
ALA OXT HXT  sing N N 12  
ARG N   CA   sing N N 13  
ARG N   H    sing N N 14  
ARG N   H2   sing N N 15  
ARG CA  C    sing N N 16  
ARG CA  CB   sing N N 17  
ARG CA  HA   sing N N 18  
ARG C   O    doub N N 19  
ARG C   OXT  sing N N 20  
ARG CB  CG   sing N N 21  
ARG CB  HB2  sing N N 22  
ARG CB  HB3  sing N N 23  
ARG CG  CD   sing N N 24  
ARG CG  HG2  sing N N 25  
ARG CG  HG3  sing N N 26  
ARG CD  NE   sing N N 27  
ARG CD  HD2  sing N N 28  
ARG CD  HD3  sing N N 29  
ARG NE  CZ   sing N N 30  
ARG NE  HE   sing N N 31  
ARG CZ  NH1  sing N N 32  
ARG CZ  NH2  doub N N 33  
ARG NH1 HH11 sing N N 34  
ARG NH1 HH12 sing N N 35  
ARG NH2 HH21 sing N N 36  
ARG NH2 HH22 sing N N 37  
ARG OXT HXT  sing N N 38  
ASN N   CA   sing N N 39  
ASN N   H    sing N N 40  
ASN N   H2   sing N N 41  
ASN CA  C    sing N N 42  
ASN CA  CB   sing N N 43  
ASN CA  HA   sing N N 44  
ASN C   O    doub N N 45  
ASN C   OXT  sing N N 46  
ASN CB  CG   sing N N 47  
ASN CB  HB2  sing N N 48  
ASN CB  HB3  sing N N 49  
ASN CG  OD1  doub N N 50  
ASN CG  ND2  sing N N 51  
ASN ND2 HD21 sing N N 52  
ASN ND2 HD22 sing N N 53  
ASN OXT HXT  sing N N 54  
ASP N   CA   sing N N 55  
ASP N   H    sing N N 56  
ASP N   H2   sing N N 57  
ASP CA  C    sing N N 58  
ASP CA  CB   sing N N 59  
ASP CA  HA   sing N N 60  
ASP C   O    doub N N 61  
ASP C   OXT  sing N N 62  
ASP CB  CG   sing N N 63  
ASP CB  HB2  sing N N 64  
ASP CB  HB3  sing N N 65  
ASP CG  OD1  doub N N 66  
ASP CG  OD2  sing N N 67  
ASP OD2 HD2  sing N N 68  
ASP OXT HXT  sing N N 69  
CYS N   CA   sing N N 70  
CYS N   H    sing N N 71  
CYS N   H2   sing N N 72  
CYS CA  C    sing N N 73  
CYS CA  CB   sing N N 74  
CYS CA  HA   sing N N 75  
CYS C   O    doub N N 76  
CYS C   OXT  sing N N 77  
CYS CB  SG   sing N N 78  
CYS CB  HB2  sing N N 79  
CYS CB  HB3  sing N N 80  
CYS SG  HG   sing N N 81  
CYS OXT HXT  sing N N 82  
FUC C1  C2   sing N N 83  
FUC C1  O1   sing N N 84  
FUC C1  O5   sing N N 85  
FUC C1  H1   sing N N 86  
FUC C2  C3   sing N N 87  
FUC C2  O2   sing N N 88  
FUC C2  H2   sing N N 89  
FUC C3  C4   sing N N 90  
FUC C3  O3   sing N N 91  
FUC C3  H3   sing N N 92  
FUC C4  C5   sing N N 93  
FUC C4  O4   sing N N 94  
FUC C4  H4   sing N N 95  
FUC C5  C6   sing N N 96  
FUC C5  O5   sing N N 97  
FUC C5  H5   sing N N 98  
FUC C6  H61  sing N N 99  
FUC C6  H62  sing N N 100 
FUC C6  H63  sing N N 101 
FUC O1  HO1  sing N N 102 
FUC O2  HO2  sing N N 103 
FUC O3  HO3  sing N N 104 
FUC O4  HO4  sing N N 105 
GAL C1  C2   sing N N 106 
GAL C1  O1   sing N N 107 
GAL C1  O5   sing N N 108 
GAL C1  H1   sing N N 109 
GAL C2  C3   sing N N 110 
GAL C2  O2   sing N N 111 
GAL C2  H2   sing N N 112 
GAL C3  C4   sing N N 113 
GAL C3  O3   sing N N 114 
GAL C3  H3   sing N N 115 
GAL C4  C5   sing N N 116 
GAL C4  O4   sing N N 117 
GAL C4  H4   sing N N 118 
GAL C5  C6   sing N N 119 
GAL C5  O5   sing N N 120 
GAL C5  H5   sing N N 121 
GAL C6  O6   sing N N 122 
GAL C6  H61  sing N N 123 
GAL C6  H62  sing N N 124 
GAL O1  HO1  sing N N 125 
GAL O2  HO2  sing N N 126 
GAL O3  HO3  sing N N 127 
GAL O4  HO4  sing N N 128 
GAL O6  HO6  sing N N 129 
GLN N   CA   sing N N 130 
GLN N   H    sing N N 131 
GLN N   H2   sing N N 132 
GLN CA  C    sing N N 133 
GLN CA  CB   sing N N 134 
GLN CA  HA   sing N N 135 
GLN C   O    doub N N 136 
GLN C   OXT  sing N N 137 
GLN CB  CG   sing N N 138 
GLN CB  HB2  sing N N 139 
GLN CB  HB3  sing N N 140 
GLN CG  CD   sing N N 141 
GLN CG  HG2  sing N N 142 
GLN CG  HG3  sing N N 143 
GLN CD  OE1  doub N N 144 
GLN CD  NE2  sing N N 145 
GLN NE2 HE21 sing N N 146 
GLN NE2 HE22 sing N N 147 
GLN OXT HXT  sing N N 148 
GLU N   CA   sing N N 149 
GLU N   H    sing N N 150 
GLU N   H2   sing N N 151 
GLU CA  C    sing N N 152 
GLU CA  CB   sing N N 153 
GLU CA  HA   sing N N 154 
GLU C   O    doub N N 155 
GLU C   OXT  sing N N 156 
GLU CB  CG   sing N N 157 
GLU CB  HB2  sing N N 158 
GLU CB  HB3  sing N N 159 
GLU CG  CD   sing N N 160 
GLU CG  HG2  sing N N 161 
GLU CG  HG3  sing N N 162 
GLU CD  OE1  doub N N 163 
GLU CD  OE2  sing N N 164 
GLU OE2 HE2  sing N N 165 
GLU OXT HXT  sing N N 166 
GLY N   CA   sing N N 167 
GLY N   H    sing N N 168 
GLY N   H2   sing N N 169 
GLY CA  C    sing N N 170 
GLY CA  HA2  sing N N 171 
GLY CA  HA3  sing N N 172 
GLY C   O    doub N N 173 
GLY C   OXT  sing N N 174 
GLY OXT HXT  sing N N 175 
HIS N   CA   sing N N 176 
HIS N   H    sing N N 177 
HIS N   H2   sing N N 178 
HIS CA  C    sing N N 179 
HIS CA  CB   sing N N 180 
HIS CA  HA   sing N N 181 
HIS C   O    doub N N 182 
HIS C   OXT  sing N N 183 
HIS CB  CG   sing N N 184 
HIS CB  HB2  sing N N 185 
HIS CB  HB3  sing N N 186 
HIS CG  ND1  sing Y N 187 
HIS CG  CD2  doub Y N 188 
HIS ND1 CE1  doub Y N 189 
HIS ND1 HD1  sing N N 190 
HIS CD2 NE2  sing Y N 191 
HIS CD2 HD2  sing N N 192 
HIS CE1 NE2  sing Y N 193 
HIS CE1 HE1  sing N N 194 
HIS NE2 HE2  sing N N 195 
HIS OXT HXT  sing N N 196 
HOH O   H1   sing N N 197 
HOH O   H2   sing N N 198 
ILE N   CA   sing N N 199 
ILE N   H    sing N N 200 
ILE N   H2   sing N N 201 
ILE CA  C    sing N N 202 
ILE CA  CB   sing N N 203 
ILE CA  HA   sing N N 204 
ILE C   O    doub N N 205 
ILE C   OXT  sing N N 206 
ILE CB  CG1  sing N N 207 
ILE CB  CG2  sing N N 208 
ILE CB  HB   sing N N 209 
ILE CG1 CD1  sing N N 210 
ILE CG1 HG12 sing N N 211 
ILE CG1 HG13 sing N N 212 
ILE CG2 HG21 sing N N 213 
ILE CG2 HG22 sing N N 214 
ILE CG2 HG23 sing N N 215 
ILE CD1 HD11 sing N N 216 
ILE CD1 HD12 sing N N 217 
ILE CD1 HD13 sing N N 218 
ILE OXT HXT  sing N N 219 
LEU N   CA   sing N N 220 
LEU N   H    sing N N 221 
LEU N   H2   sing N N 222 
LEU CA  C    sing N N 223 
LEU CA  CB   sing N N 224 
LEU CA  HA   sing N N 225 
LEU C   O    doub N N 226 
LEU C   OXT  sing N N 227 
LEU CB  CG   sing N N 228 
LEU CB  HB2  sing N N 229 
LEU CB  HB3  sing N N 230 
LEU CG  CD1  sing N N 231 
LEU CG  CD2  sing N N 232 
LEU CG  HG   sing N N 233 
LEU CD1 HD11 sing N N 234 
LEU CD1 HD12 sing N N 235 
LEU CD1 HD13 sing N N 236 
LEU CD2 HD21 sing N N 237 
LEU CD2 HD22 sing N N 238 
LEU CD2 HD23 sing N N 239 
LEU OXT HXT  sing N N 240 
LYS N   CA   sing N N 241 
LYS N   H    sing N N 242 
LYS N   H2   sing N N 243 
LYS CA  C    sing N N 244 
LYS CA  CB   sing N N 245 
LYS CA  HA   sing N N 246 
LYS C   O    doub N N 247 
LYS C   OXT  sing N N 248 
LYS CB  CG   sing N N 249 
LYS CB  HB2  sing N N 250 
LYS CB  HB3  sing N N 251 
LYS CG  CD   sing N N 252 
LYS CG  HG2  sing N N 253 
LYS CG  HG3  sing N N 254 
LYS CD  CE   sing N N 255 
LYS CD  HD2  sing N N 256 
LYS CD  HD3  sing N N 257 
LYS CE  NZ   sing N N 258 
LYS CE  HE2  sing N N 259 
LYS CE  HE3  sing N N 260 
LYS NZ  HZ1  sing N N 261 
LYS NZ  HZ2  sing N N 262 
LYS NZ  HZ3  sing N N 263 
LYS OXT HXT  sing N N 264 
MET N   CA   sing N N 265 
MET N   H    sing N N 266 
MET N   H2   sing N N 267 
MET CA  C    sing N N 268 
MET CA  CB   sing N N 269 
MET CA  HA   sing N N 270 
MET C   O    doub N N 271 
MET C   OXT  sing N N 272 
MET CB  CG   sing N N 273 
MET CB  HB2  sing N N 274 
MET CB  HB3  sing N N 275 
MET CG  SD   sing N N 276 
MET CG  HG2  sing N N 277 
MET CG  HG3  sing N N 278 
MET SD  CE   sing N N 279 
MET CE  HE1  sing N N 280 
MET CE  HE2  sing N N 281 
MET CE  HE3  sing N N 282 
MET OXT HXT  sing N N 283 
NAG C1  C2   sing N N 284 
NAG C1  O1   sing N N 285 
NAG C1  O5   sing N N 286 
NAG C1  H1   sing N N 287 
NAG C2  C3   sing N N 288 
NAG C2  N2   sing N N 289 
NAG C2  H2   sing N N 290 
NAG C3  C4   sing N N 291 
NAG C3  O3   sing N N 292 
NAG C3  H3   sing N N 293 
NAG C4  C5   sing N N 294 
NAG C4  O4   sing N N 295 
NAG C4  H4   sing N N 296 
NAG C5  C6   sing N N 297 
NAG C5  O5   sing N N 298 
NAG C5  H5   sing N N 299 
NAG C6  O6   sing N N 300 
NAG C6  H61  sing N N 301 
NAG C6  H62  sing N N 302 
NAG C7  C8   sing N N 303 
NAG C7  N2   sing N N 304 
NAG C7  O7   doub N N 305 
NAG C8  H81  sing N N 306 
NAG C8  H82  sing N N 307 
NAG C8  H83  sing N N 308 
NAG N2  HN2  sing N N 309 
NAG O1  HO1  sing N N 310 
NAG O3  HO3  sing N N 311 
NAG O4  HO4  sing N N 312 
NAG O6  HO6  sing N N 313 
PHE N   CA   sing N N 314 
PHE N   H    sing N N 315 
PHE N   H2   sing N N 316 
PHE CA  C    sing N N 317 
PHE CA  CB   sing N N 318 
PHE CA  HA   sing N N 319 
PHE C   O    doub N N 320 
PHE C   OXT  sing N N 321 
PHE CB  CG   sing N N 322 
PHE CB  HB2  sing N N 323 
PHE CB  HB3  sing N N 324 
PHE CG  CD1  doub Y N 325 
PHE CG  CD2  sing Y N 326 
PHE CD1 CE1  sing Y N 327 
PHE CD1 HD1  sing N N 328 
PHE CD2 CE2  doub Y N 329 
PHE CD2 HD2  sing N N 330 
PHE CE1 CZ   doub Y N 331 
PHE CE1 HE1  sing N N 332 
PHE CE2 CZ   sing Y N 333 
PHE CE2 HE2  sing N N 334 
PHE CZ  HZ   sing N N 335 
PHE OXT HXT  sing N N 336 
PRO N   CA   sing N N 337 
PRO N   CD   sing N N 338 
PRO N   H    sing N N 339 
PRO CA  C    sing N N 340 
PRO CA  CB   sing N N 341 
PRO CA  HA   sing N N 342 
PRO C   O    doub N N 343 
PRO C   OXT  sing N N 344 
PRO CB  CG   sing N N 345 
PRO CB  HB2  sing N N 346 
PRO CB  HB3  sing N N 347 
PRO CG  CD   sing N N 348 
PRO CG  HG2  sing N N 349 
PRO CG  HG3  sing N N 350 
PRO CD  HD2  sing N N 351 
PRO CD  HD3  sing N N 352 
PRO OXT HXT  sing N N 353 
SER N   CA   sing N N 354 
SER N   H    sing N N 355 
SER N   H2   sing N N 356 
SER CA  C    sing N N 357 
SER CA  CB   sing N N 358 
SER CA  HA   sing N N 359 
SER C   O    doub N N 360 
SER C   OXT  sing N N 361 
SER CB  OG   sing N N 362 
SER CB  HB2  sing N N 363 
SER CB  HB3  sing N N 364 
SER OG  HG   sing N N 365 
SER OXT HXT  sing N N 366 
THR N   CA   sing N N 367 
THR N   H    sing N N 368 
THR N   H2   sing N N 369 
THR CA  C    sing N N 370 
THR CA  CB   sing N N 371 
THR CA  HA   sing N N 372 
THR C   O    doub N N 373 
THR C   OXT  sing N N 374 
THR CB  OG1  sing N N 375 
THR CB  CG2  sing N N 376 
THR CB  HB   sing N N 377 
THR OG1 HG1  sing N N 378 
THR CG2 HG21 sing N N 379 
THR CG2 HG22 sing N N 380 
THR CG2 HG23 sing N N 381 
THR OXT HXT  sing N N 382 
TRP N   CA   sing N N 383 
TRP N   H    sing N N 384 
TRP N   H2   sing N N 385 
TRP CA  C    sing N N 386 
TRP CA  CB   sing N N 387 
TRP CA  HA   sing N N 388 
TRP C   O    doub N N 389 
TRP C   OXT  sing N N 390 
TRP CB  CG   sing N N 391 
TRP CB  HB2  sing N N 392 
TRP CB  HB3  sing N N 393 
TRP CG  CD1  doub Y N 394 
TRP CG  CD2  sing Y N 395 
TRP CD1 NE1  sing Y N 396 
TRP CD1 HD1  sing N N 397 
TRP CD2 CE2  doub Y N 398 
TRP CD2 CE3  sing Y N 399 
TRP NE1 CE2  sing Y N 400 
TRP NE1 HE1  sing N N 401 
TRP CE2 CZ2  sing Y N 402 
TRP CE3 CZ3  doub Y N 403 
TRP CE3 HE3  sing N N 404 
TRP CZ2 CH2  doub Y N 405 
TRP CZ2 HZ2  sing N N 406 
TRP CZ3 CH2  sing Y N 407 
TRP CZ3 HZ3  sing N N 408 
TRP CH2 HH2  sing N N 409 
TRP OXT HXT  sing N N 410 
TYR N   CA   sing N N 411 
TYR N   H    sing N N 412 
TYR N   H2   sing N N 413 
TYR CA  C    sing N N 414 
TYR CA  CB   sing N N 415 
TYR CA  HA   sing N N 416 
TYR C   O    doub N N 417 
TYR C   OXT  sing N N 418 
TYR CB  CG   sing N N 419 
TYR CB  HB2  sing N N 420 
TYR CB  HB3  sing N N 421 
TYR CG  CD1  doub Y N 422 
TYR CG  CD2  sing Y N 423 
TYR CD1 CE1  sing Y N 424 
TYR CD1 HD1  sing N N 425 
TYR CD2 CE2  doub Y N 426 
TYR CD2 HD2  sing N N 427 
TYR CE1 CZ   doub Y N 428 
TYR CE1 HE1  sing N N 429 
TYR CE2 CZ   sing Y N 430 
TYR CE2 HE2  sing N N 431 
TYR CZ  OH   sing N N 432 
TYR OH  HH   sing N N 433 
TYR OXT HXT  sing N N 434 
VAL N   CA   sing N N 435 
VAL N   H    sing N N 436 
VAL N   H2   sing N N 437 
VAL CA  C    sing N N 438 
VAL CA  CB   sing N N 439 
VAL CA  HA   sing N N 440 
VAL C   O    doub N N 441 
VAL C   OXT  sing N N 442 
VAL CB  CG1  sing N N 443 
VAL CB  CG2  sing N N 444 
VAL CB  HB   sing N N 445 
VAL CG1 HG11 sing N N 446 
VAL CG1 HG12 sing N N 447 
VAL CG1 HG13 sing N N 448 
VAL CG2 HG21 sing N N 449 
VAL CG2 HG22 sing N N 450 
VAL CG2 HG23 sing N N 451 
VAL OXT HXT  sing N N 452 
# 
loop_
_pdbx_audit_support.funding_organization 
_pdbx_audit_support.country 
_pdbx_audit_support.grant_number 
_pdbx_audit_support.ordinal 
'European Union'                  France 765581         1 
'French National Research Agency' France ANR-15-IDEX-02 2 
# 
loop_
_pdbx_entity_branch_list.entity_id 
_pdbx_entity_branch_list.comp_id 
_pdbx_entity_branch_list.num 
_pdbx_entity_branch_list.hetero 
2 NAG 1 n 
2 GAL 2 n 
2 FUC 3 n 
# 
loop_
_pdbx_entity_instance_feature.ordinal 
_pdbx_entity_instance_feature.comp_id 
_pdbx_entity_instance_feature.asym_id 
_pdbx_entity_instance_feature.seq_num 
_pdbx_entity_instance_feature.auth_comp_id 
_pdbx_entity_instance_feature.auth_asym_id 
_pdbx_entity_instance_feature.auth_seq_num 
_pdbx_entity_instance_feature.feature_type 
_pdbx_entity_instance_feature.details 
1 FUC ? ? FUC ? ? 'SUBJECT OF INVESTIGATION' ? 
2 GAL ? ? GAL ? ? 'SUBJECT OF INVESTIGATION' ? 
3 NAG ? ? NAG ? ? 'SUBJECT OF INVESTIGATION' ? 
# 
_pdbx_initial_refinement_model.id               1 
_pdbx_initial_refinement_model.entity_id_list   ? 
_pdbx_initial_refinement_model.type             'experimental model' 
_pdbx_initial_refinement_model.source_name      PDB 
_pdbx_initial_refinement_model.accession_code   2WQ4 
_pdbx_initial_refinement_model.details          ? 
# 
_atom_sites.entry_id                    6TID 
_atom_sites.Cartn_transf_matrix[1][1]   ? 
_atom_sites.Cartn_transf_matrix[1][2]   ? 
_atom_sites.Cartn_transf_matrix[1][3]   ? 
_atom_sites.Cartn_transf_matrix[2][1]   ? 
_atom_sites.Cartn_transf_matrix[2][2]   ? 
_atom_sites.Cartn_transf_matrix[2][3]   ? 
_atom_sites.Cartn_transf_matrix[3][1]   ? 
_atom_sites.Cartn_transf_matrix[3][2]   ? 
_atom_sites.Cartn_transf_matrix[3][3]   ? 
_atom_sites.Cartn_transf_vector[1]      ? 
_atom_sites.Cartn_transf_vector[2]      ? 
_atom_sites.Cartn_transf_vector[3]      ? 
_atom_sites.fract_transf_matrix[1][1]   0.00127053 
_atom_sites.fract_transf_matrix[1][2]   0.00687192 
_atom_sites.fract_transf_matrix[1][3]   0.02612566 
_atom_sites.fract_transf_matrix[2][1]   0.02137109 
_atom_sites.fract_transf_matrix[2][2]   0.01367788 
_atom_sites.fract_transf_matrix[2][3]   0.00936078 
_atom_sites.fract_transf_matrix[3][1]   -0.00149927 
_atom_sites.fract_transf_matrix[3][2]   0.00279595 
_atom_sites.fract_transf_matrix[3][3]   -0.00066252 
_atom_sites.fract_transf_vector[1]      0.339464 
_atom_sites.fract_transf_vector[2]      0.391922 
_atom_sites.fract_transf_vector[3]      0.078647 
_atom_sites.solution_primary            ? 
_atom_sites.solution_secondary          ? 
_atom_sites.solution_hydrogens          ? 
_atom_sites.special_details             ? 
# 
loop_
_atom_type.symbol 
_atom_type.pdbx_scat_Z 
_atom_type.pdbx_N_electrons 
_atom_type.scat_Cromer_Mann_a1 
_atom_type.scat_Cromer_Mann_b1 
_atom_type.scat_Cromer_Mann_a2 
_atom_type.scat_Cromer_Mann_b2 
_atom_type.scat_Cromer_Mann_a3 
_atom_type.scat_Cromer_Mann_b3 
_atom_type.scat_Cromer_Mann_a4 
_atom_type.scat_Cromer_Mann_b4 
_atom_type.scat_Cromer_Mann_c 
C 6  6  2.310  20.844 1.020 10.208 1.589 0.569  0.865 51.651 0.216   
H 1  1  0.493  10.511 0.323 26.126 0.140 3.142  0.041 57.800 0.003   
N 7  7  12.222 0.006  3.135 9.893  2.014 28.997 1.167 0.583  -11.538 
O 8  8  3.049  13.277 2.287 5.701  1.546 0.324  0.867 32.909 0.251   
S 16 16 6.905  1.468  5.203 22.215 1.438 0.254  1.586 56.172 1.050   
# 
loop_
_atom_site.group_PDB 
_atom_site.id 
_atom_site.type_symbol 
_atom_site.label_atom_id 
_atom_site.label_alt_id 
_atom_site.label_comp_id 
_atom_site.label_asym_id 
_atom_site.label_entity_id 
_atom_site.label_seq_id 
_atom_site.pdbx_PDB_ins_code 
_atom_site.Cartn_x 
_atom_site.Cartn_y 
_atom_site.Cartn_z 
_atom_site.occupancy 
_atom_site.B_iso_or_equiv 
_atom_site.pdbx_formal_charge 
_atom_site.auth_seq_id 
_atom_site.auth_comp_id 
_atom_site.auth_asym_id 
_atom_site.auth_atom_id 
_atom_site.pdbx_PDB_model_num 
ATOM   1    N N   . GLY A 1 1   ? 13.610  -21.612 -2.856  1.000 38.319 ? -2  GLY AAA N   1 
ATOM   2    C CA  . GLY A 1 1   ? 15.065  -21.449 -2.546  1.000 35.437 ? -2  GLY AAA CA  1 
ATOM   3    C C   . GLY A 1 1   ? 15.297  -20.922 -1.140  1.000 36.241 ? -2  GLY AAA C   1 
ATOM   4    O O   . GLY A 1 1   ? 14.303  -20.697 -0.396  1.000 37.591 ? -2  GLY AAA O   1 
ATOM   5    N N   . HIS A 1 2   ? 16.558  -20.637 -0.809  1.000 36.243 ? -1  HIS AAA N   1 
ATOM   6    C CA  . HIS A 1 2   ? 17.016  -20.393 0.586   1.000 36.746 ? -1  HIS AAA CA  1 
ATOM   7    C C   . HIS A 1 2   ? 16.999  -18.903 0.973   1.000 35.688 ? -1  HIS AAA C   1 
ATOM   8    O O   . HIS A 1 2   ? 17.196  -18.619 2.162   1.000 33.374 ? -1  HIS AAA O   1 
ATOM   9    C CB  . HIS A 1 2   ? 18.422  -20.958 0.789   1.000 37.303 ? -1  HIS AAA CB  1 
ATOM   10   C CG  . HIS A 1 2   ? 19.403  -20.334 -0.141  1.000 37.373 ? -1  HIS AAA CG  1 
ATOM   11   N ND1 . HIS A 1 2   ? 19.352  -20.546 -1.512  1.000 39.449 ? -1  HIS AAA ND1 1 
ATOM   12   C CD2 . HIS A 1 2   ? 20.412  -19.470 0.078   1.000 35.063 ? -1  HIS AAA CD2 1 
ATOM   13   C CE1 . HIS A 1 2   ? 20.308  -19.849 -2.091  1.000 39.558 ? -1  HIS AAA CE1 1 
ATOM   14   N NE2 . HIS A 1 2   ? 20.985  -19.187 -1.135  1.000 37.741 ? -1  HIS AAA NE2 1 
ATOM   15   N N   . MET A 1 3   ? 16.796  -17.961 0.049   1.000 37.322 ? 0   MET AAA N   1 
ATOM   16   C CA  . MET A 1 3   ? 16.742  -16.510 0.414   1.000 33.709 ? 0   MET AAA CA  1 
ATOM   17   C C   . MET A 1 3   ? 15.597  -15.838 -0.345  1.000 31.038 ? 0   MET AAA C   1 
ATOM   18   O O   . MET A 1 3   ? 15.839  -15.041 -1.247  1.000 28.797 ? 0   MET AAA O   1 
ATOM   19   C CB  . MET A 1 3   ? 18.063  -15.803 0.110   1.000 34.416 ? 0   MET AAA CB  1 
ATOM   20   C CG  . MET A 1 3   ? 19.280  -16.436 0.776   1.000 37.668 ? 0   MET AAA CG  1 
ATOM   21   S SD  . MET A 1 3   ? 20.817  -15.629 0.218   1.000 42.661 ? 0   MET AAA SD  1 
ATOM   22   C CE  . MET A 1 3   ? 20.330  -13.918 0.441   1.000 38.609 ? 0   MET AAA CE  1 
ATOM   23   N N   . PRO A 1 4   ? 14.338  -16.176 0.017   1.000 30.611 ? 1   PRO AAA N   1 
ATOM   24   C CA  . PRO A 1 4   ? 13.141  -15.754 -0.698  1.000 35.050 ? 1   PRO AAA CA  1 
ATOM   25   C C   . PRO A 1 4   ? 13.002  -14.236 -0.834  1.000 30.614 ? 1   PRO AAA C   1 
ATOM   26   O O   . PRO A 1 4   ? 13.264  -13.471 0.111   1.000 32.730 ? 1   PRO AAA O   1 
ATOM   27   C CB  . PRO A 1 4   ? 11.958  -16.252 0.143   1.000 36.562 ? 1   PRO AAA CB  1 
ATOM   28   C CG  . PRO A 1 4   ? 12.538  -17.379 0.958   1.000 35.976 ? 1   PRO AAA CG  1 
ATOM   29   C CD  . PRO A 1 4   ? 13.991  -17.014 1.169   1.000 33.803 ? 1   PRO AAA CD  1 
ATOM   30   N N   . LEU A 1 5   ? 12.711  -13.847 -2.065  1.000 29.901 ? 2   LEU AAA N   1 
ATOM   31   C CA  . LEU A 1 5   ? 12.231  -12.497 -2.461  1.000 26.566 ? 2   LEU AAA CA  1 
ATOM   32   C C   . LEU A 1 5   ? 10.775  -12.692 -2.867  1.000 25.561 ? 2   LEU AAA C   1 
ATOM   33   O O   . LEU A 1 5   ? 10.550  -13.443 -3.830  1.000 28.437 ? 2   LEU AAA O   1 
ATOM   34   C CB  . LEU A 1 5   ? 13.022  -11.964 -3.658  1.000 27.183 ? 2   LEU AAA CB  1 
ATOM   35   C CG  . LEU A 1 5   ? 14.519  -11.696 -3.512  1.000 32.133 ? 2   LEU AAA CG  1 
ATOM   36   C CD1 . LEU A 1 5   ? 14.958  -10.669 -4.542  1.000 32.716 ? 2   LEU AAA CD1 1 
ATOM   37   C CD2 . LEU A 1 5   ? 14.913  -11.229 -2.116  1.000 34.308 ? 2   LEU AAA CD2 1 
ATOM   38   N N   . LEU A 1 6   ? 9.832   -11.987 -2.238  1.000 24.590 ? 3   LEU AAA N   1 
ATOM   39   C CA  . LEU A 1 6   ? 8.392   -12.074 -2.594  1.000 25.702 ? 3   LEU AAA CA  1 
ATOM   40   C C   . LEU A 1 6   ? 8.021   -10.777 -3.309  1.000 24.988 ? 3   LEU AAA C   1 
ATOM   41   O O   . LEU A 1 6   ? 8.599   -9.715  -2.986  1.000 22.302 ? 3   LEU AAA O   1 
ATOM   42   C CB  . LEU A 1 6   ? 7.529   -12.275 -1.355  1.000 27.592 ? 3   LEU AAA CB  1 
ATOM   43   C CG  . LEU A 1 6   ? 7.867   -13.492 -0.498  1.000 33.880 ? 3   LEU AAA CG  1 
ATOM   44   C CD1 . LEU A 1 6   ? 6.900   -13.588 0.668   1.000 37.146 ? 3   LEU AAA CD1 1 
ATOM   45   C CD2 . LEU A 1 6   ? 7.832   -14.752 -1.352  1.000 33.305 ? 3   LEU AAA CD2 1 
ATOM   46   N N   . SER A 1 7   ? 7.121   -10.866 -4.281  1.000 21.242 ? 4   SER AAA N   1 
ATOM   47   C CA  . SER A 1 7   ? 6.703   -9.663  -5.031  1.000 19.842 ? 4   SER AAA CA  1 
ATOM   48   C C   . SER A 1 7   ? 5.300   -9.880  -5.563  1.000 20.208 ? 4   SER AAA C   1 
ATOM   49   O O   . SER A 1 7   ? 4.981   -11.011 -6.014  1.000 22.298 ? 4   SER AAA O   1 
ATOM   50   C CB  . SER A 1 7   ? 7.655   -9.327  -6.169  1.000 21.683 ? 4   SER AAA CB  1 
ATOM   51   O OG  . SER A 1 7   ? 7.226   -8.117  -6.832  1.000 25.468 ? 4   SER AAA OG  1 
ATOM   52   N N   . ALA A 1 8   ? 4.478   -8.832  -5.539  1.000 16.757 ? 5   ALA AAA N   1 
ATOM   53   C CA  . ALA A 1 8   ? 3.207   -8.833  -6.268  1.000 15.449 ? 5   ALA AAA CA  1 
ATOM   54   C C   . ALA A 1 8   ? 3.115   -7.486  -6.928  1.000 16.465 ? 5   ALA AAA C   1 
ATOM   55   O O   . ALA A 1 8   ? 3.559   -6.527  -6.310  1.000 16.605 ? 5   ALA AAA O   1 
ATOM   56   C CB  . ALA A 1 8   ? 2.032   -9.044  -5.332  1.000 16.572 ? 5   ALA AAA CB  1 
ATOM   57   N N   . SER A 1 9   ? 2.594   -7.457  -8.138  1.000 14.381 ? 6   SER AAA N   1 
ATOM   58   C CA  . SER A 1 9   ? 2.467   -6.171  -8.855  1.000 13.482 ? 6   SER AAA CA  1 
ATOM   59   C C   . SER A 1 9   ? 1.115   -6.104  -9.527  1.000 13.840 ? 6   SER AAA C   1 
ATOM   60   O O   . SER A 1 9   ? 0.506   -7.177  -9.855  1.000 14.091 ? 6   SER AAA O   1 
ATOM   61   C CB  . SER A 1 9   ? 3.658   -5.939  -9.742  1.000 14.634 ? 6   SER AAA CB  1 
ATOM   62   O OG  . SER A 1 9   ? 3.612   -6.798  -10.862 1.000 16.772 ? 6   SER AAA OG  1 
ATOM   63   N N   . ILE A 1 10  ? 0.615   -4.884  -9.718  1.000 12.673 ? 7   ILE AAA N   1 
ATOM   64   C CA  . ILE A 1 10  ? -0.667  -4.631  -10.412 1.000 15.089 ? 7   ILE AAA CA  1 
ATOM   65   C C   . ILE A 1 10  ? -0.442  -3.473  -11.390 1.000 14.928 ? 7   ILE AAA C   1 
ATOM   66   O O   . ILE A 1 10  ? 0.649   -2.830  -11.293 1.000 14.238 ? 7   ILE AAA O   1 
ATOM   67   C CB  . ILE A 1 10  ? -1.767  -4.304  -9.388  1.000 14.954 ? 7   ILE AAA CB  1 
ATOM   68   C CG1 . ILE A 1 10  ? -1.461  -3.006  -8.615  1.000 14.237 ? 7   ILE AAA CG1 1 
ATOM   69   C CG2 . ILE A 1 10  ? -2.015  -5.495  -8.440  1.000 13.817 ? 7   ILE AAA CG2 1 
ATOM   70   C CD1 . ILE A 1 10  ? -2.636  -2.395  -7.891  1.000 13.935 ? 7   ILE AAA CD1 1 
ATOM   71   N N   . VAL A 1 11  ? -1.409  -3.197  -12.274 1.000 14.264 ? 8   VAL AAA N   1 
ATOM   72   C CA  . VAL A 1 11  ? -1.334  -2.006  -13.139 1.000 13.758 ? 8   VAL AAA CA  1 
ATOM   73   C C   . VAL A 1 11  ? -2.579  -1.150  -13.022 1.000 13.511 ? 8   VAL AAA C   1 
ATOM   74   O O   . VAL A 1 11  ? -2.644  -0.153  -13.730 1.000 11.744 ? 8   VAL AAA O   1 
ATOM   75   C CB  . VAL A 1 11  ? -1.076  -2.419  -14.597 1.000 14.544 ? 8   VAL AAA CB  1 
ATOM   76   C CG1 . VAL A 1 11  ? 0.249   -3.156  -14.741 1.000 15.577 ? 8   VAL AAA CG1 1 
ATOM   77   C CG2 . VAL A 1 11  ? -2.216  -3.289  -15.134 1.000 15.642 ? 8   VAL AAA CG2 1 
ATOM   78   N N   . SER A 1 12  ? -3.568  -1.592  -12.254 1.000 13.221 ? 9   SER AAA N   1 
ATOM   79   C CA  . SER A 1 12  ? -4.774  -0.781  -12.046 1.000 13.450 ? 9   SER AAA CA  1 
ATOM   80   C C   . SER A 1 12  ? -5.526  -1.338  -10.855 1.000 13.319 ? 9   SER AAA C   1 
ATOM   81   O O   . SER A 1 12  ? -5.252  -2.454  -10.437 1.000 12.580 ? 9   SER AAA O   1 
ATOM   82   C CB  . SER A 1 12  ? -5.638  -0.767  -13.268 1.000 15.101 ? 9   SER AAA CB  1 
ATOM   83   O OG  . SER A 1 12  ? -6.119  -2.080  -13.527 1.000 14.267 ? 9   SER AAA OG  1 
ATOM   84   N N   . ALA A 1 13  ? -6.494  -0.589  -10.410 1.000 13.624 ? 10  ALA AAA N   1 
ATOM   85   C CA  . ALA A 1 13  ? -7.492  -1.057  -9.434  1.000 14.066 ? 10  ALA AAA CA  1 
ATOM   86   C C   . ALA A 1 13  ? -8.761  -0.297  -9.686  1.000 13.461 ? 10  ALA AAA C   1 
ATOM   87   O O   . ALA A 1 13  ? -8.740  0.858   -10.129 1.000 13.583 ? 10  ALA AAA O   1 
ATOM   88   C CB  . ALA A 1 13  ? -7.023  -0.779  -8.029  1.000 13.731 ? 10  ALA AAA CB  1 
ATOM   89   N N   . PRO A 1 14  ? -9.937  -0.904  -9.406  1.000 13.944 ? 11  PRO AAA N   1 
ATOM   90   C CA  . PRO A 1 14  ? -11.176 -0.151  -9.551  1.000 13.802 ? 11  PRO AAA CA  1 
ATOM   91   C C   . PRO A 1 14  ? -11.096 1.130   -8.731  1.000 12.881 ? 11  PRO AAA C   1 
ATOM   92   O O   . PRO A 1 14  ? -10.650 1.097   -7.569  1.000 13.096 ? 11  PRO AAA O   1 
ATOM   93   C CB  . PRO A 1 14  ? -12.234 -1.126  -9.000  1.000 13.004 ? 11  PRO AAA CB  1 
ATOM   94   C CG  . PRO A 1 14  ? -11.629 -2.470  -9.237  1.000 14.026 ? 11  PRO AAA CG  1 
ATOM   95   C CD  . PRO A 1 14  ? -10.136 -2.323  -9.080  1.000 14.430 ? 11  PRO AAA CD  1 
ATOM   96   N N   . VAL A 1 15  ? -11.569 2.241   -9.278  1.000 12.893 ? 12  VAL AAA N   1 
ATOM   97   C CA  . VAL A 1 15  ? -11.559 3.515   -8.528  1.000 14.075 ? 12  VAL AAA CA  1 
ATOM   98   C C   . VAL A 1 15  ? -12.591 3.438   -7.402  1.000 13.268 ? 12  VAL AAA C   1 
ATOM   99   O O   . VAL A 1 15  ? -13.774 3.144   -7.646  1.000 15.365 ? 12  VAL AAA O   1 
ATOM   100  C CB  . VAL A 1 15  ? -11.818 4.701   -9.454  1.000 15.496 ? 12  VAL AAA CB  1 
ATOM   101  C CG1 . VAL A 1 15  ? -11.924 5.999   -8.691  1.000 16.194 ? 12  VAL AAA CG1 1 
ATOM   102  C CG2 . VAL A 1 15  ? -10.706 4.799   -10.492 1.000 15.403 ? 12  VAL AAA CG2 1 
ATOM   103  N N   . VAL A 1 16  ? -12.177 3.766   -6.212  1.000 12.965 ? 13  VAL AAA N   1 
ATOM   104  C CA  . VAL A 1 16  ? -13.107 3.731   -5.064  1.000 13.425 ? 13  VAL AAA CA  1 
ATOM   105  C C   . VAL A 1 16  ? -12.793 4.900   -4.148  1.000 15.206 ? 13  VAL AAA C   1 
ATOM   106  O O   . VAL A 1 16  ? -11.678 5.479   -4.211  1.000 14.434 ? 13  VAL AAA O   1 
ATOM   107  C CB  . VAL A 1 16  ? -12.981 2.417   -4.285  1.000 14.931 ? 13  VAL AAA CB  1 
ATOM   108  C CG1 . VAL A 1 16  ? -13.387 1.184   -5.087  1.000 16.207 ? 13  VAL AAA CG1 1 
ATOM   109  C CG2 . VAL A 1 16  ? -11.583 2.237   -3.729  1.000 17.304 ? 13  VAL AAA CG2 1 
ATOM   110  N N   A THR A 1 17  ? -13.775 5.239   -3.318  0.330 14.968 ? 14  THR AAA N   1 
ATOM   111  N N   B THR A 1 17  ? -13.785 5.258   -3.333  0.330 14.974 ? 14  THR AAA N   1 
ATOM   112  N N   C THR A 1 17  ? -13.778 5.255   -3.327  0.330 15.150 ? 14  THR AAA N   1 
ATOM   113  C CA  A THR A 1 17  ? -13.655 6.164   -2.170  0.330 15.160 ? 14  THR AAA CA  1 
ATOM   114  C CA  B THR A 1 17  ? -13.659 6.156   -2.161  0.330 15.138 ? 14  THR AAA CA  1 
ATOM   115  C CA  C THR A 1 17  ? -13.639 6.165   -2.168  0.330 15.449 ? 14  THR AAA CA  1 
ATOM   116  C C   A THR A 1 17  ? -13.920 5.340   -0.910  0.330 16.219 ? 14  THR AAA C   1 
ATOM   117  C C   B THR A 1 17  ? -13.909 5.316   -0.912  0.330 16.164 ? 14  THR AAA C   1 
ATOM   118  C C   C THR A 1 17  ? -13.914 5.336   -0.914  0.330 16.393 ? 14  THR AAA C   1 
ATOM   119  O O   A THR A 1 17  ? -14.873 4.520   -0.917  0.330 17.221 ? 14  THR AAA O   1 
ATOM   120  O O   B THR A 1 17  ? -14.844 4.475   -0.921  0.330 16.949 ? 14  THR AAA O   1 
ATOM   121  O O   C THR A 1 17  ? -14.871 4.521   -0.924  0.330 17.415 ? 14  THR AAA O   1 
ATOM   122  C CB  A THR A 1 17  ? -14.585 7.367   -2.376  0.330 15.221 ? 14  THR AAA CB  1 
ATOM   123  C CB  B THR A 1 17  ? -14.596 7.364   -2.296  0.330 15.298 ? 14  THR AAA CB  1 
ATOM   124  C CB  C THR A 1 17  ? -14.553 7.386   -2.333  0.330 15.695 ? 14  THR AAA CB  1 
ATOM   125  O OG1 A THR A 1 17  ? -15.924 6.909   -2.198  0.330 15.856 ? 14  THR AAA OG1 1 
ATOM   126  O OG1 B THR A 1 17  ? -14.387 7.884   -3.606  0.330 15.843 ? 14  THR AAA OG1 1 
ATOM   127  O OG1 C THR A 1 17  ? -14.211 8.321   -1.305  0.330 16.639 ? 14  THR AAA OG1 1 
ATOM   128  C CG2 A THR A 1 17  ? -14.448 7.991   -3.747  0.330 15.632 ? 14  THR AAA CG2 1 
ATOM   129  C CG2 B THR A 1 17  ? -14.342 8.439   -1.261  0.330 15.701 ? 14  THR AAA CG2 1 
ATOM   130  C CG2 C THR A 1 17  ? -16.018 7.014   -2.275  0.330 16.083 ? 14  THR AAA CG2 1 
ATOM   131  N N   . SER A 1 18  ? -13.097 5.493   0.118   1.000 15.312 ? 15  SER AAA N   1 
ATOM   132  C CA  . SER A 1 18  ? -13.262 4.708   1.363   1.000 16.032 ? 15  SER AAA CA  1 
ATOM   133  C C   . SER A 1 18  ? -12.827 5.569   2.536   1.000 18.348 ? 15  SER AAA C   1 
ATOM   134  O O   . SER A 1 18  ? -11.691 6.058   2.503   1.000 17.904 ? 15  SER AAA O   1 
ATOM   135  C CB  . SER A 1 18  ? -12.547 3.403   1.295   1.000 16.700 ? 15  SER AAA CB  1 
ATOM   136  O OG  . SER A 1 18  ? -12.760 2.649   2.484   1.000 18.606 ? 15  SER AAA OG  1 
ATOM   137  N N   . GLU A 1 19  ? -13.653 5.612   3.572   1.000 17.495 ? 16  GLU AAA N   1 
ATOM   138  C CA  . GLU A 1 19  ? -13.343 6.299   4.851   1.000 18.874 ? 16  GLU AAA CA  1 
ATOM   139  C C   . GLU A 1 19  ? -12.285 5.522   5.629   1.000 18.663 ? 16  GLU AAA C   1 
ATOM   140  O O   . GLU A 1 19  ? -11.635 6.115   6.484   1.000 22.326 ? 16  GLU AAA O   1 
ATOM   141  C CB  . GLU A 1 19  ? -14.640 6.448   5.657   0.500 19.017 ? 16  GLU AAA CB  1 
ATOM   142  C CG  . GLU A 1 19  ? -15.631 7.338   4.948   0.500 20.961 ? 16  GLU AAA CG  1 
ATOM   143  C CD  . GLU A 1 19  ? -15.034 8.693   4.641   0.500 23.337 ? 16  GLU AAA CD  1 
ATOM   144  O OE1 . GLU A 1 19  ? -14.819 9.013   3.451   0.500 25.344 ? 16  GLU AAA OE1 1 
ATOM   145  O OE2 . GLU A 1 19  ? -14.760 9.419   5.614   0.500 29.220 ? 16  GLU AAA OE2 1 
ATOM   146  N N   . THR A 1 20  ? -12.147 4.233   5.384   1.000 15.522 ? 17  THR AAA N   1 
ATOM   147  C CA  . THR A 1 20  ? -11.329 3.274   6.141   1.000 16.593 ? 17  THR AAA CA  1 
ATOM   148  C C   . THR A 1 20  ? -10.425 2.519   5.195   1.000 16.136 ? 17  THR AAA C   1 
ATOM   149  O O   . THR A 1 20  ? -10.677 2.535   3.968   1.000 17.262 ? 17  THR AAA O   1 
ATOM   150  C CB  . THR A 1 20  ? -12.211 2.278   6.893   1.000 18.935 ? 17  THR AAA CB  1 
ATOM   151  O OG1 . THR A 1 20  ? -13.153 1.729   5.976   1.000 18.877 ? 17  THR AAA OG1 1 
ATOM   152  C CG2 . THR A 1 20  ? -12.920 2.987   8.018   1.000 20.973 ? 17  THR AAA CG2 1 
ATOM   153  N N   . TYR A 1 21  ? -9.416  1.871   5.748   1.000 17.429 ? 18  TYR AAA N   1 
ATOM   154  C CA  . TYR A 1 21  ? -8.461  1.105   4.916   1.000 15.839 ? 18  TYR AAA CA  1 
ATOM   155  C C   . TYR A 1 21  ? -9.193  -0.053  4.251   1.000 14.963 ? 18  TYR AAA C   1 
ATOM   156  O O   . TYR A 1 21  ? -9.893  -0.842  4.920   1.000 16.873 ? 18  TYR AAA O   1 
ATOM   157  C CB  . TYR A 1 21  ? -7.276  0.619   5.732   1.000 15.872 ? 18  TYR AAA CB  1 
ATOM   158  C CG  . TYR A 1 21  ? -6.222  1.671   5.915   1.000 15.697 ? 18  TYR AAA CG  1 
ATOM   159  C CD1 . TYR A 1 21  ? -5.588  2.220   4.811   1.000 16.892 ? 18  TYR AAA CD1 1 
ATOM   160  C CD2 . TYR A 1 21  ? -5.906  2.156   7.164   1.000 16.124 ? 18  TYR AAA CD2 1 
ATOM   161  C CE1 . TYR A 1 21  ? -4.658  3.232   4.934   1.000 14.556 ? 18  TYR AAA CE1 1 
ATOM   162  C CE2 . TYR A 1 21  ? -4.993  3.192   7.294   1.000 15.994 ? 18  TYR AAA CE2 1 
ATOM   163  C CZ  . TYR A 1 21  ? -4.360  3.717   6.183   1.000 15.119 ? 18  TYR AAA CZ  1 
ATOM   164  O OH  . TYR A 1 21  ? -3.418  4.704   6.347   1.000 16.941 ? 18  TYR AAA OH  1 
ATOM   165  N N   A VAL A 1 22  ? -9.033  -0.151  2.928   0.500 14.428 ? 19  VAL AAA N   1 
ATOM   166  N N   B VAL A 1 22  ? -8.990  -0.171  2.942   0.500 15.447 ? 19  VAL AAA N   1 
ATOM   167  C CA  A VAL A 1 22  ? -9.529  -1.287  2.114   0.500 13.647 ? 19  VAL AAA CA  1 
ATOM   168  C CA  B VAL A 1 22  ? -9.522  -1.292  2.138   0.500 15.330 ? 19  VAL AAA CA  1 
ATOM   169  C C   A VAL A 1 22  ? -8.345  -1.823  1.325   0.500 13.505 ? 19  VAL AAA C   1 
ATOM   170  C C   B VAL A 1 22  ? -8.361  -1.819  1.308   0.500 14.448 ? 19  VAL AAA C   1 
ATOM   171  O O   A VAL A 1 22  ? -7.449  -1.024  0.944   0.500 13.205 ? 19  VAL AAA O   1 
ATOM   172  O O   B VAL A 1 22  ? -7.465  -1.019  0.933   0.500 14.006 ? 19  VAL AAA O   1 
ATOM   173  C CB  A VAL A 1 22  ? -10.680 -0.899  1.165   0.500 13.393 ? 19  VAL AAA CB  1 
ATOM   174  C CB  B VAL A 1 22  ? -10.721 -0.859  1.275   0.500 16.738 ? 19  VAL AAA CB  1 
ATOM   175  C CG1 A VAL A 1 22  ? -11.990 -0.704  1.918   0.500 12.413 ? 19  VAL AAA CG1 1 
ATOM   176  C CG1 B VAL A 1 22  ? -10.393 0.273   0.313   0.500 16.474 ? 19  VAL AAA CG1 1 
ATOM   177  C CG2 A VAL A 1 22  ? -10.379 0.331   0.322   0.500 13.181 ? 19  VAL AAA CG2 1 
ATOM   178  C CG2 B VAL A 1 22  ? -11.318 -2.042  0.537   0.500 17.428 ? 19  VAL AAA CG2 1 
ATOM   179  N N   . ASP A 1 23  ? -8.326  -3.126  1.099   1.000 13.277 ? 20  ASP AAA N   1 
ATOM   180  C CA  . ASP A 1 23  ? -7.237  -3.749  0.348   1.000 13.803 ? 20  ASP AAA CA  1 
ATOM   181  C C   . ASP A 1 23  ? -7.096  -3.092  -1.019  1.000 13.066 ? 20  ASP AAA C   1 
ATOM   182  O O   . ASP A 1 23  ? -8.105  -2.720  -1.702  1.000 13.222 ? 20  ASP AAA O   1 
ATOM   183  C CB  . ASP A 1 23  ? -7.508  -5.219  0.158   1.000 14.808 ? 20  ASP AAA CB  1 
ATOM   184  C CG  . ASP A 1 23  ? -7.589  -5.993  1.439   1.000 15.283 ? 20  ASP AAA CG  1 
ATOM   185  O OD1 . ASP A 1 23  ? -7.270  -5.489  2.494   1.000 16.364 ? 20  ASP AAA OD1 1 
ATOM   186  O OD2 . ASP A 1 23  ? -8.004  -7.138  1.327   1.000 20.116 ? 20  ASP AAA OD2 1 
ATOM   187  N N   . ILE A 1 24  ? -5.837  -2.929  -1.447  1.000 11.851 ? 21  ILE AAA N   1 
ATOM   188  C CA  . ILE A 1 24  ? -5.588  -2.644  -2.862  1.000 13.198 ? 21  ILE AAA CA  1 
ATOM   189  C C   . ILE A 1 24  ? -5.538  -3.986  -3.551  1.000 13.847 ? 21  ILE AAA C   1 
ATOM   190  O O   . ILE A 1 24  ? -4.669  -4.819  -3.280  1.000 13.343 ? 21  ILE AAA O   1 
ATOM   191  C CB  . ILE A 1 24  ? -4.284  -1.871  -3.042  1.000 15.196 ? 21  ILE AAA CB  1 
ATOM   192  C CG1 . ILE A 1 24  ? -4.276  -0.539  -2.297  1.000 13.883 ? 21  ILE AAA CG1 1 
ATOM   193  C CG2 . ILE A 1 24  ? -4.080  -1.695  -4.526  1.000 13.824 ? 21  ILE AAA CG2 1 
ATOM   194  C CD1 . ILE A 1 24  ? -2.908  0.118   -2.274  1.000 15.535 ? 21  ILE AAA CD1 1 
ATOM   195  N N   . PRO A 1 25  ? -6.524  -4.289  -4.412  1.000 14.452 ? 22  PRO AAA N   1 
ATOM   196  C CA  . PRO A 1 25  ? -6.605  -5.647  -4.940  1.000 15.494 ? 22  PRO AAA CA  1 
ATOM   197  C C   . PRO A 1 25  ? -5.328  -6.037  -5.690  1.000 15.475 ? 22  PRO AAA C   1 
ATOM   198  O O   . PRO A 1 25  ? -4.825  -5.251  -6.462  1.000 14.374 ? 22  PRO AAA O   1 
ATOM   199  C CB  . PRO A 1 25  ? -7.771  -5.630  -5.905  1.000 16.318 ? 22  PRO AAA CB  1 
ATOM   200  C CG  . PRO A 1 25  ? -8.460  -4.329  -5.714  1.000 19.118 ? 22  PRO AAA CG  1 
ATOM   201  C CD  . PRO A 1 25  ? -7.579  -3.411  -4.895  1.000 17.423 ? 22  PRO AAA CD  1 
ATOM   202  N N   . GLY A 1 26  ? -4.826  -7.254  -5.436  1.000 14.579 ? 23  GLY AAA N   1 
ATOM   203  C CA  . GLY A 1 26  ? -3.650  -7.773  -6.149  1.000 16.616 ? 23  GLY AAA CA  1 
ATOM   204  C C   . GLY A 1 26  ? -2.364  -7.485  -5.405  1.000 15.139 ? 23  GLY AAA C   1 
ATOM   205  O O   . GLY A 1 26  ? -1.367  -8.157  -5.686  1.000 16.009 ? 23  GLY AAA O   1 
ATOM   206  N N   . LEU A 1 27  ? -2.341  -6.537  -4.467  1.000 15.852 ? 24  LEU AAA N   1 
ATOM   207  C CA  . LEU A 1 27  ? -1.071  -6.325  -3.696  1.000 15.254 ? 24  LEU AAA CA  1 
ATOM   208  C C   . LEU A 1 27  ? -1.118  -7.156  -2.426  1.000 16.457 ? 24  LEU AAA C   1 
ATOM   209  O O   . LEU A 1 27  ? -1.514  -6.636  -1.377  1.000 18.144 ? 24  LEU AAA O   1 
ATOM   210  C CB  . LEU A 1 27  ? -0.887  -4.826  -3.440  1.000 14.628 ? 24  LEU AAA CB  1 
ATOM   211  C CG  . LEU A 1 27  ? -0.714  -3.977  -4.706  1.000 14.578 ? 24  LEU AAA CG  1 
ATOM   212  C CD1 . LEU A 1 27  ? -0.514  -2.505  -4.401  1.000 15.230 ? 24  LEU AAA CD1 1 
ATOM   213  C CD2 . LEU A 1 27  ? 0.430   -4.470  -5.591  1.000 14.892 ? 24  LEU AAA CD2 1 
ATOM   214  N N   . TYR A 1 28  ? -0.708  -8.426  -2.547  1.000 16.529 ? 25  TYR AAA N   1 
ATOM   215  C CA  . TYR A 1 28  ? -0.937  -9.426  -1.497  1.000 17.890 ? 25  TYR AAA CA  1 
ATOM   216  C C   . TYR A 1 28  ? 0.174   -10.413 -1.628  1.000 16.844 ? 25  TYR AAA C   1 
ATOM   217  O O   . TYR A 1 28  ? 0.449   -10.839 -2.809  1.000 20.910 ? 25  TYR AAA O   1 
ATOM   218  C CB  . TYR A 1 28  ? -2.297  -10.096 -1.699  1.000 19.164 ? 25  TYR AAA CB  1 
ATOM   219  C CG  . TYR A 1 28  ? -2.663  -11.150 -0.671  1.000 22.555 ? 25  TYR AAA CG  1 
ATOM   220  C CD1 . TYR A 1 28  ? -2.149  -12.429 -0.777  1.000 26.832 ? 25  TYR AAA CD1 1 
ATOM   221  C CD2 . TYR A 1 28  ? -3.486  -10.869 0.417   1.000 29.250 ? 25  TYR AAA CD2 1 
ATOM   222  C CE1 . TYR A 1 28  ? -2.486  -13.425 0.131   1.000 31.110 ? 25  TYR AAA CE1 1 
ATOM   223  C CE2 . TYR A 1 28  ? -3.791  -11.838 1.363   1.000 29.947 ? 25  TYR AAA CE2 1 
ATOM   224  C CZ  . TYR A 1 28  ? -3.293  -13.122 1.209   1.000 30.893 ? 25  TYR AAA CZ  1 
ATOM   225  O OH  . TYR A 1 28  ? -3.586  -14.111 2.113   1.000 34.165 ? 25  TYR AAA OH  1 
ATOM   226  N N   . LEU A 1 29  ? 0.838   -10.692 -0.520  1.000 19.188 ? 26  LEU AAA N   1 
ATOM   227  C CA  . LEU A 1 29  ? 1.886   -11.730 -0.501  1.000 19.715 ? 26  LEU AAA CA  1 
ATOM   228  C C   . LEU A 1 29  ? 1.393   -12.815 0.448   1.000 22.251 ? 26  LEU AAA C   1 
ATOM   229  O O   . LEU A 1 29  ? 1.125   -12.513 1.616   1.000 19.787 ? 26  LEU AAA O   1 
ATOM   230  C CB  . LEU A 1 29  ? 3.203   -11.136 -0.033  1.000 22.749 ? 26  LEU AAA CB  1 
ATOM   231  C CG  . LEU A 1 29  ? 3.662   -9.910  -0.826  1.000 24.321 ? 26  LEU AAA CG  1 
ATOM   232  C CD1 . LEU A 1 29  ? 4.892   -9.324  -0.167  1.000 23.710 ? 26  LEU AAA CD1 1 
ATOM   233  C CD2 . LEU A 1 29  ? 3.898   -10.294 -2.257  1.000 25.763 ? 26  LEU AAA CD2 1 
ATOM   234  N N   . ASP A 1 30  ? 1.312   -14.048 -0.030  1.000 25.738 ? 27  ASP AAA N   1 
ATOM   235  C CA  . ASP A 1 30  ? 1.028   -15.185 0.882   1.000 27.970 ? 27  ASP AAA CA  1 
ATOM   236  C C   . ASP A 1 30  ? 2.339   -15.657 1.525   1.000 26.454 ? 27  ASP AAA C   1 
ATOM   237  O O   . ASP A 1 30  ? 3.089   -16.419 0.876   1.000 33.102 ? 27  ASP AAA O   1 
ATOM   238  C CB  . ASP A 1 30  ? 0.295   -16.259 0.101   1.000 31.837 ? 27  ASP AAA CB  1 
ATOM   239  C CG  . ASP A 1 30  ? -0.401  -17.246 1.008   1.000 29.203 ? 27  ASP AAA CG  1 
ATOM   240  O OD1 . ASP A 1 30  ? 0.174   -17.564 2.071   1.000 28.603 ? 27  ASP AAA OD1 1 
ATOM   241  O OD2 . ASP A 1 30  ? -1.511  -17.649 0.639   1.000 34.141 ? 27  ASP AAA OD2 1 
ATOM   242  N N   . VAL A 1 31  ? 2.604   -15.302 2.775   1.000 24.115 ? 28  VAL AAA N   1 
ATOM   243  C CA  . VAL A 1 31  ? 3.912   -15.518 3.469   1.000 26.522 ? 28  VAL AAA CA  1 
ATOM   244  C C   . VAL A 1 31  ? 3.969   -16.975 3.969   1.000 32.006 ? 28  VAL AAA C   1 
ATOM   245  O O   . VAL A 1 31  ? 5.089   -17.562 4.008   1.000 35.267 ? 28  VAL AAA O   1 
ATOM   246  C CB  . VAL A 1 31  ? 4.063   -14.535 4.635   1.000 29.906 ? 28  VAL AAA CB  1 
ATOM   247  C CG1 . VAL A 1 31  ? 5.286   -14.796 5.496   1.000 29.246 ? 28  VAL AAA CG1 1 
ATOM   248  C CG2 . VAL A 1 31  ? 4.043   -13.094 4.112   1.000 27.907 ? 28  VAL AAA CG2 1 
ATOM   249  N N   . ALA A 1 32  ? 2.813   -17.480 4.384   1.000 31.554 ? 29  ALA AAA N   1 
ATOM   250  C CA  . ALA A 1 32  ? 2.645   -18.855 4.897   1.000 33.294 ? 29  ALA AAA CA  1 
ATOM   251  C C   . ALA A 1 32  ? 2.979   -19.810 3.750   1.000 40.017 ? 29  ALA AAA C   1 
ATOM   252  O O   . ALA A 1 32  ? 3.890   -20.620 3.955   1.000 41.341 ? 29  ALA AAA O   1 
ATOM   253  C CB  . ALA A 1 32  ? 1.260   -19.044 5.440   1.000 32.453 ? 29  ALA AAA CB  1 
ATOM   254  N N   . LYS A 1 33  ? 2.365   -19.665 2.569   1.000 36.602 ? 30  LYS AAA N   1 
ATOM   255  C CA  . LYS A 1 33  ? 2.891   -20.330 1.335   1.000 41.459 ? 30  LYS AAA CA  1 
ATOM   256  C C   . LYS A 1 33  ? 4.374   -19.943 1.183   1.000 39.093 ? 30  LYS AAA C   1 
ATOM   257  O O   . LYS A 1 33  ? 5.199   -20.838 0.919   1.000 45.811 ? 30  LYS AAA O   1 
ATOM   258  C CB  . LYS A 1 33  ? 2.085   -19.937 0.093   1.000 40.385 ? 30  LYS AAA CB  1 
ATOM   259  N N   . ILE A 1 36  ? 7.713   -19.121 5.219   1.000 37.626 ? 33  ILE AAA N   1 
ATOM   260  C CA  . ILE A 1 36  ? 8.391   -18.191 6.167   1.000 38.284 ? 33  ILE AAA CA  1 
ATOM   261  C C   . ILE A 1 36  ? 7.616   -18.228 7.484   1.000 38.880 ? 33  ILE AAA C   1 
ATOM   262  O O   . ILE A 1 36  ? 6.408   -17.927 7.408   1.000 40.053 ? 33  ILE AAA O   1 
ATOM   263  C CB  . ILE A 1 36  ? 8.419   -16.775 5.553   1.000 37.680 ? 33  ILE AAA CB  1 
ATOM   264  C CG1 . ILE A 1 36  ? 9.066   -16.809 4.171   1.000 38.840 ? 33  ILE AAA CG1 1 
ATOM   265  C CG2 . ILE A 1 36  ? 9.103   -15.787 6.476   1.000 35.672 ? 33  ILE AAA CG2 1 
ATOM   266  C CD1 . ILE A 1 36  ? 8.820   -15.579 3.343   1.000 43.319 ? 33  ILE AAA CD1 1 
ATOM   267  N N   . ARG A 1 37  ? 8.240   -18.564 8.631   1.000 31.921 ? 34  ARG AAA N   1 
ATOM   268  C CA  . ARG A 1 37  ? 7.467   -18.631 9.908   1.000 32.878 ? 34  ARG AAA CA  1 
ATOM   269  C C   . ARG A 1 37  ? 8.185   -17.918 11.047  1.000 35.873 ? 34  ARG AAA C   1 
ATOM   270  O O   . ARG A 1 37  ? 7.591   -17.806 12.150  1.000 40.017 ? 34  ARG AAA O   1 
ATOM   271  C CB  . ARG A 1 37  ? 7.261   -20.065 10.369  1.000 32.885 ? 34  ARG AAA CB  1 
ATOM   272  C CG  . ARG A 1 37  ? 6.404   -20.886 9.435   1.000 35.484 ? 34  ARG AAA CG  1 
ATOM   273  C CD  . ARG A 1 37  ? 6.461   -22.299 9.966   1.000 37.794 ? 34  ARG AAA CD  1 
ATOM   274  N NE  . ARG A 1 37  ? 5.741   -23.115 9.021   1.000 39.742 ? 34  ARG AAA NE  1 
ATOM   275  C CZ  . ARG A 1 37  ? 6.287   -23.671 7.950   1.000 36.623 ? 34  ARG AAA CZ  1 
ATOM   276  N NH1 . ARG A 1 37  ? 7.575   -23.502 7.706   1.000 34.684 ? 34  ARG AAA NH1 1 
ATOM   277  N NH2 . ARG A 1 37  ? 5.536   -24.403 7.147   1.000 39.147 ? 34  ARG AAA NH2 1 
ATOM   278  N N   . ASP A 1 38  ? 9.433   -17.532 10.800  1.000 34.371 ? 35  ASP AAA N   1 
ATOM   279  C CA  . ASP A 1 38  ? 10.346  -16.944 11.809  1.000 40.413 ? 35  ASP AAA CA  1 
ATOM   280  C C   . ASP A 1 38  ? 11.154  -15.879 11.085  1.000 38.786 ? 35  ASP AAA C   1 
ATOM   281  O O   . ASP A 1 38  ? 11.170  -15.880 9.815   1.000 37.257 ? 35  ASP AAA O   1 
ATOM   282  C CB  . ASP A 1 38  ? 11.300  -17.989 12.412  1.000 39.764 ? 35  ASP AAA CB  1 
ATOM   283  C CG  . ASP A 1 38  ? 12.083  -17.548 13.650  1.000 41.801 ? 35  ASP AAA CG  1 
ATOM   284  O OD1 . ASP A 1 38  ? 11.645  -16.592 14.317  1.000 44.324 ? 35  ASP AAA OD1 1 
ATOM   285  O OD2 . ASP A 1 38  ? 13.130  -18.188 13.953  1.000 41.982 ? 35  ASP AAA OD2 1 
ATOM   286  N N   . GLY A 1 39  ? 11.806  -15.032 11.872  1.000 34.000 ? 36  GLY AAA N   1 
ATOM   287  C CA  . GLY A 1 39  ? 12.706  -14.004 11.339  1.000 36.662 ? 36  GLY AAA CA  1 
ATOM   288  C C   . GLY A 1 39  ? 11.885  -12.800 10.946  1.000 38.155 ? 36  GLY AAA C   1 
ATOM   289  O O   . GLY A 1 39  ? 10.835  -12.557 11.611  1.000 34.346 ? 36  GLY AAA O   1 
ATOM   290  N N   . LYS A 1 40  ? 12.357  -12.064 9.937   1.000 33.635 ? 37  LYS AAA N   1 
ATOM   291  C CA  . LYS A 1 40  ? 11.780  -10.738 9.593   1.000 32.939 ? 37  LYS AAA CA  1 
ATOM   292  C C   . LYS A 1 40  ? 11.465  -10.658 8.093   1.000 31.191 ? 37  LYS AAA C   1 
ATOM   293  O O   . LYS A 1 40  ? 12.001  -11.438 7.270   1.000 28.819 ? 37  LYS AAA O   1 
ATOM   294  C CB  . LYS A 1 40  ? 12.716  -9.639  10.087  1.000 32.855 ? 37  LYS AAA CB  1 
ATOM   295  C CG  . LYS A 1 40  ? 12.672  -9.432  11.597  1.000 34.533 ? 37  LYS AAA CG  1 
ATOM   296  C CD  . LYS A 1 40  ? 14.000  -9.184  12.206  0.500 34.265 ? 37  LYS AAA CD  1 
ATOM   297  C CE  . LYS A 1 40  ? 13.945  -8.171  13.323  0.500 35.699 ? 37  LYS AAA CE  1 
ATOM   298  N NZ  . LYS A 1 40  ? 14.543  -6.899  12.857  0.500 35.451 ? 37  LYS AAA NZ  1 
ATOM   299  N N   . LEU A 1 41  ? 10.526  -9.777  7.737   1.000 28.184 ? 38  LEU AAA N   1 
ATOM   300  C CA  . LEU A 1 41  ? 10.317  -9.411  6.316   1.000 23.448 ? 38  LEU AAA CA  1 
ATOM   301  C C   . LEU A 1 41  ? 10.457  -7.880  6.280   1.000 19.765 ? 38  LEU AAA C   1 
ATOM   302  O O   . LEU A 1 41  ? 9.796   -7.226  7.093   1.000 19.998 ? 38  LEU AAA O   1 
ATOM   303  C CB  . LEU A 1 41  ? 8.938   -9.798  5.784   1.000 22.863 ? 38  LEU AAA CB  1 
ATOM   304  C CG  . LEU A 1 41  ? 8.654   -11.273 5.490   1.000 23.443 ? 38  LEU AAA CG  1 
ATOM   305  C CD1 . LEU A 1 41  ? 7.162   -11.497 5.259   1.000 25.257 ? 38  LEU AAA CD1 1 
ATOM   306  C CD2 . LEU A 1 41  ? 9.481   -11.764 4.318   1.000 24.543 ? 38  LEU AAA CD2 1 
ATOM   307  N N   . GLN A 1 42  ? 11.317  -7.368  5.403   1.000 19.113 ? 39  GLN AAA N   1 
ATOM   308  C CA  . GLN A 1 42  ? 11.309  -5.933  5.044   1.000 17.093 ? 39  GLN AAA CA  1 
ATOM   309  C C   . GLN A 1 42  ? 10.313  -5.823  3.900   1.000 15.862 ? 39  GLN AAA C   1 
ATOM   310  O O   . GLN A 1 42  ? 10.545  -6.444  2.849   1.000 15.847 ? 39  GLN AAA O   1 
ATOM   311  C CB  . GLN A 1 42  ? 12.666  -5.386  4.601   1.000 15.472 ? 39  GLN AAA CB  1 
ATOM   312  C CG  . GLN A 1 42  ? 12.579  -3.909  4.220   1.000 15.711 ? 39  GLN AAA CG  1 
ATOM   313  C CD  . GLN A 1 42  ? 13.771  -3.388  3.458   1.000 22.024 ? 39  GLN AAA CD  1 
ATOM   314  O OE1 . GLN A 1 42  ? 14.658  -2.807  4.025   1.000 27.419 ? 39  GLN AAA OE1 1 
ATOM   315  N NE2 . GLN A 1 42  ? 13.809  -3.634  2.157   1.000 24.478 ? 39  GLN AAA NE2 1 
ATOM   316  N N   . VAL A 1 43  ? 9.266   -5.043  4.100   1.000 14.574 ? 40  VAL AAA N   1 
ATOM   317  C CA  . VAL A 1 43  ? 8.149   -4.955  3.118   1.000 14.805 ? 40  VAL AAA CA  1 
ATOM   318  C C   . VAL A 1 43  ? 8.179   -3.539  2.551   1.000 14.492 ? 40  VAL AAA C   1 
ATOM   319  O O   . VAL A 1 43  ? 8.311   -2.600  3.314   1.000 14.264 ? 40  VAL AAA O   1 
ATOM   320  C CB  . VAL A 1 43  ? 6.802   -5.238  3.780   1.000 15.737 ? 40  VAL AAA CB  1 
ATOM   321  C CG1 . VAL A 1 43  ? 5.640   -5.086  2.799   1.000 15.910 ? 40  VAL AAA CG1 1 
ATOM   322  C CG2 . VAL A 1 43  ? 6.825   -6.632  4.428   1.000 17.516 ? 40  VAL AAA CG2 1 
ATOM   323  N N   . ILE A 1 44  ? 8.143   -3.469  1.233   1.000 13.702 ? 41  ILE AAA N   1 
ATOM   324  C CA  . ILE A 1 44  ? 7.985   -2.182  0.519   1.000 13.101 ? 41  ILE AAA CA  1 
ATOM   325  C C   . ILE A 1 44  ? 6.650   -2.188  -0.180  1.000 13.510 ? 41  ILE AAA C   1 
ATOM   326  O O   . ILE A 1 44  ? 6.446   -2.989  -1.056  1.000 13.303 ? 41  ILE AAA O   1 
ATOM   327  C CB  . ILE A 1 44  ? 9.180   -1.927  -0.417  1.000 12.516 ? 41  ILE AAA CB  1 
ATOM   328  C CG1 . ILE A 1 44  ? 10.497  -1.976  0.331   1.000 12.934 ? 41  ILE AAA CG1 1 
ATOM   329  C CG2 . ILE A 1 44  ? 8.987   -0.577  -1.050  1.000 12.461 ? 41  ILE AAA CG2 1 
ATOM   330  C CD1 . ILE A 1 44  ? 11.717  -1.920  -0.549  1.000 13.962 ? 41  ILE AAA CD1 1 
ATOM   331  N N   . LEU A 1 45  ? 5.867   -1.135  0.019   1.000 12.365 ? 42  LEU AAA N   1 
ATOM   332  C CA  . LEU A 1 45  ? 4.666   -0.848  -0.788  1.000 13.060 ? 42  LEU AAA CA  1 
ATOM   333  C C   . LEU A 1 45  ? 5.037   0.321   -1.688  1.000 13.737 ? 42  LEU AAA C   1 
ATOM   334  O O   . LEU A 1 45  ? 5.470   1.364   -1.155  1.000 12.453 ? 42  LEU AAA O   1 
ATOM   335  C CB  . LEU A 1 45  ? 3.496   -0.482  0.108   1.000 12.991 ? 42  LEU AAA CB  1 
ATOM   336  C CG  . LEU A 1 45  ? 2.256   0.052   -0.616  1.000 12.107 ? 42  LEU AAA CG  1 
ATOM   337  C CD1 . LEU A 1 45  ? 1.716   -0.951  -1.628  1.000 12.528 ? 42  LEU AAA CD1 1 
ATOM   338  C CD2 . LEU A 1 45  ? 1.164   0.451   0.384   1.000 13.016 ? 42  LEU AAA CD2 1 
ATOM   339  N N   . ASN A 1 46  ? 5.039   0.100   -2.988  1.000 11.368 ? 43  ASN AAA N   1 
ATOM   340  C CA  . ASN A 1 46  ? 5.499   1.100   -3.968  1.000 11.726 ? 43  ASN AAA CA  1 
ATOM   341  C C   . ASN A 1 46  ? 4.339   1.443   -4.860  1.000 11.734 ? 43  ASN AAA C   1 
ATOM   342  O O   . ASN A 1 46  ? 3.920   0.605   -5.649  1.000 11.710 ? 43  ASN AAA O   1 
ATOM   343  C CB  . ASN A 1 46  ? 6.721   0.580   -4.750  1.000 11.260 ? 43  ASN AAA CB  1 
ATOM   344  C CG  . ASN A 1 46  ? 7.267   1.548   -5.772  1.000 11.087 ? 43  ASN AAA CG  1 
ATOM   345  O OD1 . ASN A 1 46  ? 7.381   1.209   -6.950  1.000 11.616 ? 43  ASN AAA OD1 1 
ATOM   346  N ND2 . ASN A 1 46  ? 7.467   2.791   -5.347  1.000 11.569 ? 43  ASN AAA ND2 1 
ATOM   347  N N   . VAL A 1 47  ? 3.824   2.656   -4.725  1.000 11.588 ? 44  VAL AAA N   1 
ATOM   348  C CA  . VAL A 1 47  ? 2.732   3.149   -5.611  1.000 12.496 ? 44  VAL AAA CA  1 
ATOM   349  C C   . VAL A 1 47  ? 3.250   4.391   -6.300  1.000 11.952 ? 44  VAL AAA C   1 
ATOM   350  O O   . VAL A 1 47  ? 3.096   5.485   -5.802  1.000 12.129 ? 44  VAL AAA O   1 
ATOM   351  C CB  . VAL A 1 47  ? 1.414   3.386   -4.848  1.000 12.883 ? 44  VAL AAA CB  1 
ATOM   352  C CG1 . VAL A 1 47  ? 0.259   3.683   -5.818  1.000 13.268 ? 44  VAL AAA CG1 1 
ATOM   353  C CG2 . VAL A 1 47  ? 1.080   2.165   -3.999  1.000 13.607 ? 44  VAL AAA CG2 1 
ATOM   354  N N   . PRO A 1 48  ? 3.989   4.231   -7.402  1.000 11.573 ? 45  PRO AAA N   1 
ATOM   355  C CA  . PRO A 1 48  ? 4.799   5.330   -7.930  1.000 11.421 ? 45  PRO AAA CA  1 
ATOM   356  C C   . PRO A 1 48  ? 4.005   6.408   -8.679  1.000 12.009 ? 45  PRO AAA C   1 
ATOM   357  O O   . PRO A 1 48  ? 4.543   7.471   -8.836  1.000 11.915 ? 45  PRO AAA O   1 
ATOM   358  C CB  . PRO A 1 48  ? 5.838   4.620   -8.827  1.000 12.178 ? 45  PRO AAA CB  1 
ATOM   359  C CG  . PRO A 1 48  ? 5.080   3.406   -9.283  1.000 12.357 ? 45  PRO AAA CG  1 
ATOM   360  C CD  . PRO A 1 48  ? 4.302   2.944   -8.057  1.000 12.905 ? 45  PRO AAA CD  1 
ATOM   361  N N   . THR A 1 49  ? 2.804   6.092   -9.168  1.000 11.701 ? 46  THR AAA N   1 
ATOM   362  C CA  . THR A 1 49  ? 2.059   7.025   -10.041 1.000 10.735 ? 46  THR AAA CA  1 
ATOM   363  C C   . THR A 1 49  ? 0.571   7.128   -9.661  1.000 11.228 ? 46  THR AAA C   1 
ATOM   364  O O   . THR A 1 49  ? -0.279  7.094   -10.534 1.000 10.576 ? 46  THR AAA O   1 
ATOM   365  C CB  . THR A 1 49  ? 2.222   6.595   -11.518 1.000 11.081 ? 46  THR AAA CB  1 
ATOM   366  O OG1 . THR A 1 49  ? 3.542   6.069   -11.670 1.000 12.415 ? 46  THR AAA OG1 1 
ATOM   367  C CG2 . THR A 1 49  ? 2.008   7.709   -12.504 1.000 12.103 ? 46  THR AAA CG2 1 
ATOM   368  N N   . PRO A 1 50  ? 0.206   7.292   -8.371  1.000 10.769 ? 47  PRO AAA N   1 
ATOM   369  C CA  . PRO A 1 50  ? -1.194  7.439   -7.976  1.000 10.754 ? 47  PRO AAA CA  1 
ATOM   370  C C   . PRO A 1 50  ? -1.674  8.868   -8.236  1.000 12.208 ? 47  PRO AAA C   1 
ATOM   371  O O   . PRO A 1 50  ? -0.870  9.805   -8.352  1.000 12.138 ? 47  PRO AAA O   1 
ATOM   372  C CB  . PRO A 1 50  ? -1.205  7.233   -6.465  1.000 11.668 ? 47  PRO AAA CB  1 
ATOM   373  C CG  . PRO A 1 50  ? 0.143   7.859   -6.047  1.000 11.843 ? 47  PRO AAA CG  1 
ATOM   374  C CD  . PRO A 1 50  ? 1.085   7.592   -7.228  1.000 10.584 ? 47  PRO AAA CD  1 
ATOM   375  N N   . TYR A 1 51  ? -2.973  9.039   -8.302  1.000 11.328 ? 48  TYR AAA N   1 
ATOM   376  C CA  . TYR A 1 51  ? -3.603  10.372  -8.141  1.000 11.121 ? 48  TYR AAA CA  1 
ATOM   377  C C   . TYR A 1 51  ? -4.888  10.240  -7.344  1.000 11.993 ? 48  TYR AAA C   1 
ATOM   378  O O   . TYR A 1 51  ? -5.418  9.160   -7.217  1.000 11.213 ? 48  TYR AAA O   1 
ATOM   379  C CB  . TYR A 1 51  ? -3.785  11.141  -9.448  1.000 11.828 ? 48  TYR AAA CB  1 
ATOM   380  C CG  . TYR A 1 51  ? -4.738  10.562  -10.453 1.000 13.241 ? 48  TYR AAA CG  1 
ATOM   381  C CD1 . TYR A 1 51  ? -4.377  9.524   -11.285 1.000 15.449 ? 48  TYR AAA CD1 1 
ATOM   382  C CD2 . TYR A 1 51  ? -5.972  11.138  -10.602 1.000 14.366 ? 48  TYR AAA CD2 1 
ATOM   383  C CE1 . TYR A 1 51  ? -5.244  9.087   -12.268 1.000 15.734 ? 48  TYR AAA CE1 1 
ATOM   384  C CE2 . TYR A 1 51  ? -6.860  10.728  -11.588 1.000 15.349 ? 48  TYR AAA CE2 1 
ATOM   385  C CZ  . TYR A 1 51  ? -6.475  9.699   -12.414 1.000 15.995 ? 48  TYR AAA CZ  1 
ATOM   386  O OH  . TYR A 1 51  ? -7.364  9.292   -13.391 1.000 18.527 ? 48  TYR AAA OH  1 
ATOM   387  N N   . ALA A 1 52  ? -5.339  11.365  -6.829  1.000 12.549 ? 49  ALA AAA N   1 
ATOM   388  C CA  . ALA A 1 52  ? -6.564  11.452  -6.032  1.000 12.869 ? 49  ALA AAA CA  1 
ATOM   389  C C   . ALA A 1 52  ? -7.418  12.525  -6.674  1.000 12.892 ? 49  ALA AAA C   1 
ATOM   390  O O   . ALA A 1 52  ? -6.897  13.553  -7.104  1.000 13.997 ? 49  ALA AAA O   1 
ATOM   391  C CB  . ALA A 1 52  ? -6.257  11.874  -4.599  1.000 13.372 ? 49  ALA AAA CB  1 
ATOM   392  N N   . THR A 1 53  ? -8.728  12.307  -6.717  1.000 14.847 ? 50  THR AAA N   1 
ATOM   393  C CA  . THR A 1 53  ? -9.648  13.350  -7.204  1.000 14.070 ? 50  THR AAA CA  1 
ATOM   394  C C   . THR A 1 53  ? -10.556 13.730  -6.055  1.000 15.176 ? 50  THR AAA C   1 
ATOM   395  O O   . THR A 1 53  ? -10.912 12.863  -5.253  1.000 15.889 ? 50  THR AAA O   1 
ATOM   396  C CB  . THR A 1 53  ? -10.401 12.924  -8.470  1.000 14.415 ? 50  THR AAA CB  1 
ATOM   397  O OG1 . THR A 1 53  ? -11.215 11.798  -8.205  1.000 16.976 ? 50  THR AAA OG1 1 
ATOM   398  C CG2 . THR A 1 53  ? -9.456  12.597  -9.605  1.000 15.263 ? 50  THR AAA CG2 1 
ATOM   399  N N   . GLY A 1 54  ? -10.925 14.984  -5.999  1.000 16.832 ? 51  GLY AAA N   1 
ATOM   400  C CA  . GLY A 1 54  ? -11.712 15.443  -4.830  1.000 17.924 ? 51  GLY AAA CA  1 
ATOM   401  C C   . GLY A 1 54  ? -11.815 16.943  -4.846  1.000 18.963 ? 51  GLY AAA C   1 
ATOM   402  O O   . GLY A 1 54  ? -11.197 17.565  -5.726  1.000 17.640 ? 51  GLY AAA O   1 
ATOM   403  N N   . ASN A 1 55  ? -12.521 17.495  -3.885  1.000 20.024 ? 52  ASN AAA N   1 
ATOM   404  C CA  . ASN A 1 55  ? -12.687 18.960  -3.920  1.000 21.654 ? 52  ASN AAA CA  1 
ATOM   405  C C   . ASN A 1 55  ? -12.273 19.562  -2.574  1.000 21.095 ? 52  ASN AAA C   1 
ATOM   406  O O   . ASN A 1 55  ? -12.628 20.707  -2.346  1.000 18.229 ? 52  ASN AAA O   1 
ATOM   407  C CB  . ASN A 1 55  ? -14.100 19.349  -4.323  1.000 27.467 ? 52  ASN AAA CB  1 
ATOM   408  C CG  . ASN A 1 55  ? -15.094 18.947  -3.268  1.000 25.512 ? 52  ASN AAA CG  1 
ATOM   409  O OD1 . ASN A 1 55  ? -14.801 18.102  -2.441  1.000 30.448 ? 52  ASN AAA OD1 1 
ATOM   410  N N   . ASN A 1 56  ? -11.555 18.820  -1.724  1.000 16.690 ? 53  ASN AAA N   1 
ATOM   411  C CA  . ASN A 1 56  ? -11.120 19.325  -0.409  1.000 16.222 ? 53  ASN AAA CA  1 
ATOM   412  C C   . ASN A 1 56  ? -9.699  18.840  -0.091  1.000 15.138 ? 53  ASN AAA C   1 
ATOM   413  O O   . ASN A 1 56  ? -9.565  18.006  0.799   1.000 14.720 ? 53  ASN AAA O   1 
ATOM   414  C CB  . ASN A 1 56  ? -12.148 18.914  0.654   1.000 17.406 ? 53  ASN AAA CB  1 
ATOM   415  C CG  . ASN A 1 56  ? -11.901 19.618  1.961   1.000 19.857 ? 53  ASN AAA CG  1 
ATOM   416  O OD1 . ASN A 1 56  ? -11.205 20.611  2.004   1.000 22.695 ? 53  ASN AAA OD1 1 
ATOM   417  N ND2 . ASN A 1 56  ? -12.442 19.080  3.041   1.000 24.722 ? 53  ASN AAA ND2 1 
ATOM   418  N N   . PHE A 1 57  ? -8.687  19.369  -0.809  1.000 14.071 ? 54  PHE AAA N   1 
ATOM   419  C CA  . PHE A 1 57  ? -7.251  19.008  -0.611  1.000 13.354 ? 54  PHE AAA CA  1 
ATOM   420  C C   . PHE A 1 57  ? -7.103  17.493  -0.719  1.000 13.288 ? 54  PHE AAA C   1 
ATOM   421  O O   . PHE A 1 57  ? -6.828  16.826  0.266   1.000 12.504 ? 54  PHE AAA O   1 
ATOM   422  C CB  . PHE A 1 57  ? -6.743  19.511  0.751   1.000 14.718 ? 54  PHE AAA CB  1 
ATOM   423  C CG  . PHE A 1 57  ? -6.869  21.007  0.934   1.000 14.807 ? 54  PHE AAA CG  1 
ATOM   424  C CD1 . PHE A 1 57  ? -5.861  21.854  0.494   1.000 16.173 ? 54  PHE AAA CD1 1 
ATOM   425  C CD2 . PHE A 1 57  ? -7.934  21.524  1.660   1.000 17.179 ? 54  PHE AAA CD2 1 
ATOM   426  C CE1 . PHE A 1 57  ? -5.991  23.234  0.670   1.000 15.685 ? 54  PHE AAA CE1 1 
ATOM   427  C CE2 . PHE A 1 57  ? -8.033  22.905  1.834   1.000 15.980 ? 54  PHE AAA CE2 1 
ATOM   428  C CZ  . PHE A 1 57  ? -7.065  23.726  1.341   1.000 16.162 ? 54  PHE AAA CZ  1 
ATOM   429  N N   . PRO A 1 58  ? -7.302  16.927  -1.930  1.000 12.317 ? 55  PRO AAA N   1 
ATOM   430  C CA  . PRO A 1 58  ? -7.348  15.485  -2.107  1.000 11.859 ? 55  PRO AAA CA  1 
ATOM   431  C C   . PRO A 1 58  ? -6.031  14.808  -1.749  1.000 11.951 ? 55  PRO AAA C   1 
ATOM   432  O O   . PRO A 1 58  ? -4.941  15.411  -1.775  1.000 12.302 ? 55  PRO AAA O   1 
ATOM   433  C CB  . PRO A 1 58  ? -7.667  15.314  -3.589  1.000 12.392 ? 55  PRO AAA CB  1 
ATOM   434  C CG  . PRO A 1 58  ? -8.336  16.636  -3.999  1.000 13.614 ? 55  PRO AAA CG  1 
ATOM   435  C CD  . PRO A 1 58  ? -7.570  17.618  -3.197  1.000 13.220 ? 55  PRO AAA CD  1 
ATOM   436  N N   . GLY A 1 59  ? -6.118  13.503  -1.526  1.000 12.661 ? 56  GLY AAA N   1 
ATOM   437  C CA  . GLY A 1 59  ? -4.929  12.694  -1.271  1.000 12.510 ? 56  GLY AAA CA  1 
ATOM   438  C C   . GLY A 1 59  ? -5.311  11.272  -1.010  1.000 12.165 ? 56  GLY AAA C   1 
ATOM   439  O O   . GLY A 1 59  ? -6.523  10.949  -0.973  1.000 12.019 ? 56  GLY AAA O   1 
ATOM   440  N N   . ILE A 1 60  ? -4.315  10.432  -0.735  1.000 12.247 ? 57  ILE AAA N   1 
ATOM   441  C CA  . ILE A 1 60  ? -4.537  8.998   -0.498  1.000 12.992 ? 57  ILE AAA CA  1 
ATOM   442  C C   . ILE A 1 60  ? -3.679  8.595   0.673   1.000 12.772 ? 57  ILE AAA C   1 
ATOM   443  O O   . ILE A 1 60  ? -2.497  8.915   0.702   1.000 12.639 ? 57  ILE AAA O   1 
ATOM   444  C CB  . ILE A 1 60  ? -4.252  8.124   -1.726  1.000 13.513 ? 57  ILE AAA CB  1 
ATOM   445  C CG1 . ILE A 1 60  ? -5.048  8.595   -2.942  1.000 13.267 ? 57  ILE AAA CG1 1 
ATOM   446  C CG2 . ILE A 1 60  ? -4.492  6.654   -1.350  1.000 13.157 ? 57  ILE AAA CG2 1 
ATOM   447  C CD1 . ILE A 1 60  ? -4.761  7.814   -4.199  1.000 12.523 ? 57  ILE AAA CD1 1 
ATOM   448  N N   . TYR A 1 61  ? -4.252  7.886   1.615   1.000 12.996 ? 58  TYR AAA N   1 
ATOM   449  C CA  . TYR A 1 61  ? -3.463  7.165   2.618   1.000 13.536 ? 58  TYR AAA CA  1 
ATOM   450  C C   . TYR A 1 61  ? -3.181  5.774   2.113   1.000 13.999 ? 58  TYR AAA C   1 
ATOM   451  O O   . TYR A 1 61  ? -4.124  5.149   1.608   1.000 13.954 ? 58  TYR AAA O   1 
ATOM   452  C CB  . TYR A 1 61  ? -4.306  6.936   3.870   1.000 16.372 ? 58  TYR AAA CB  1 
ATOM   453  C CG  . TYR A 1 61  ? -4.296  8.087   4.811   1.000 21.072 ? 58  TYR AAA CG  1 
ATOM   454  C CD1 . TYR A 1 61  ? -3.230  8.261   5.669   1.000 24.641 ? 58  TYR AAA CD1 1 
ATOM   455  C CD2 . TYR A 1 61  ? -5.342  8.973   4.839   1.000 23.936 ? 58  TYR AAA CD2 1 
ATOM   456  C CE1 . TYR A 1 61  ? -3.206  9.338   6.540   1.000 30.079 ? 58  TYR AAA CE1 1 
ATOM   457  C CE2 . TYR A 1 61  ? -5.345  10.040  5.724   1.000 28.181 ? 58  TYR AAA CE2 1 
ATOM   458  C CZ  . TYR A 1 61  ? -4.272  10.219  6.570   1.000 29.509 ? 58  TYR AAA CZ  1 
ATOM   459  O OH  . TYR A 1 61  ? -4.317  11.289  7.420   1.000 42.790 ? 58  TYR AAA OH  1 
ATOM   460  N N   . PHE A 1 62  ? -2.018  5.250   2.432   1.000 12.145 ? 59  PHE AAA N   1 
ATOM   461  C CA  . PHE A 1 62  ? -1.647  3.868   2.087   1.000 13.294 ? 59  PHE AAA CA  1 
ATOM   462  C C   . PHE A 1 62  ? -1.145  3.179   3.330   1.000 13.465 ? 59  PHE AAA C   1 
ATOM   463  O O   . PHE A 1 62  ? -0.410  3.785   4.141   1.000 15.492 ? 59  PHE AAA O   1 
ATOM   464  C CB  . PHE A 1 62  ? -0.537  3.841   1.047   1.000 13.632 ? 59  PHE AAA CB  1 
ATOM   465  C CG  . PHE A 1 62  ? -0.902  4.420   -0.291  1.000 12.832 ? 59  PHE AAA CG  1 
ATOM   466  C CD1 . PHE A 1 62  ? -1.477  3.628   -1.281  1.000 13.101 ? 59  PHE AAA CD1 1 
ATOM   467  C CD2 . PHE A 1 62  ? -0.694  5.771   -0.575  1.000 12.965 ? 59  PHE AAA CD2 1 
ATOM   468  C CE1 . PHE A 1 62  ? -1.773  4.163   -2.523  1.000 13.490 ? 59  PHE AAA CE1 1 
ATOM   469  C CE2 . PHE A 1 62  ? -0.939  6.258   -1.840  1.000 13.069 ? 59  PHE AAA CE2 1 
ATOM   470  C CZ  . PHE A 1 62  ? -1.537  5.496   -2.781  1.000 13.201 ? 59  PHE AAA CZ  1 
ATOM   471  N N   . ALA A 1 63  ? -1.362  1.870   3.416   1.000 12.174 ? 60  ALA AAA N   1 
ATOM   472  C CA  . ALA A 1 63  ? -0.889  1.091   4.588   1.000 12.168 ? 60  ALA AAA CA  1 
ATOM   473  C C   . ALA A 1 63  ? -0.303  -0.232  4.123   1.000 12.356 ? 60  ALA AAA C   1 
ATOM   474  O O   . ALA A 1 63  ? -0.723  -0.773  3.071   1.000 14.068 ? 60  ALA AAA O   1 
ATOM   475  C CB  . ALA A 1 63  ? -1.985  0.824   5.621   1.000 13.142 ? 60  ALA AAA CB  1 
ATOM   476  N N   . ILE A 1 64  ? 0.614   -0.752  4.925   1.000 12.028 ? 61  ILE AAA N   1 
ATOM   477  C CA  . ILE A 1 64  ? 1.038   -2.167  4.890   1.000 13.329 ? 61  ILE AAA CA  1 
ATOM   478  C C   . ILE A 1 64  ? 0.293   -2.855  6.039   1.000 15.476 ? 61  ILE AAA C   1 
ATOM   479  O O   . ILE A 1 64  ? 0.354   -2.341  7.143   1.000 14.669 ? 61  ILE AAA O   1 
ATOM   480  C CB  . ILE A 1 64  ? 2.552   -2.316  5.029   1.000 13.918 ? 61  ILE AAA CB  1 
ATOM   481  C CG1 . ILE A 1 64  ? 3.284   -1.740  3.809   1.000 13.612 ? 61  ILE AAA CG1 1 
ATOM   482  C CG2 . ILE A 1 64  ? 2.957   -3.778  5.279   1.000 14.496 ? 61  ILE AAA CG2 1 
ATOM   483  C CD1 . ILE A 1 64  ? 4.737   -1.429  4.024   1.000 14.041 ? 61  ILE AAA CD1 1 
ATOM   484  N N   . ALA A 1 65  ? -0.365  -3.974  5.758   1.000 14.485 ? 62  ALA AAA N   1 
ATOM   485  C CA  . ALA A 1 65  ? -1.123  -4.717  6.754   1.000 14.794 ? 62  ALA AAA CA  1 
ATOM   486  C C   . ALA A 1 65  ? -0.743  -6.189  6.671   1.000 16.150 ? 62  ALA AAA C   1 
ATOM   487  O O   . ALA A 1 65  ? -0.376  -6.661  5.612   1.000 15.299 ? 62  ALA AAA O   1 
ATOM   488  C CB  . ALA A 1 65  ? -2.586  -4.572  6.493   1.000 15.932 ? 62  ALA AAA CB  1 
ATOM   489  N N   . THR A 1 66  ? -0.851  -6.864  7.805   1.000 17.350 ? 63  THR AAA N   1 
ATOM   490  C CA  . THR A 1 66  ? -0.759  -8.335  7.880   1.000 17.338 ? 63  THR AAA CA  1 
ATOM   491  C C   . THR A 1 66  ? -2.076  -8.864  8.439   1.000 16.733 ? 63  THR AAA C   1 
ATOM   492  O O   . THR A 1 66  ? -3.019  -8.139  8.547   1.000 17.048 ? 63  THR AAA O   1 
ATOM   493  C CB  . THR A 1 66  ? 0.384   -8.727  8.794   1.000 18.800 ? 63  THR AAA CB  1 
ATOM   494  O OG1 . THR A 1 66  ? 0.035   -8.317  10.123  1.000 18.392 ? 63  THR AAA OG1 1 
ATOM   495  C CG2 . THR A 1 66  ? 1.728   -8.143  8.433   1.000 18.091 ? 63  THR AAA CG2 1 
ATOM   496  N N   . ASN A 1 67  ? -2.094  -10.151 8.760   1.000 18.276 ? 64  ASN AAA N   1 
ATOM   497  C CA  . ASN A 1 67  ? -3.250  -10.734 9.445   1.000 21.064 ? 64  ASN AAA CA  1 
ATOM   498  C C   . ASN A 1 67  ? -3.522  -9.948  10.710  1.000 21.357 ? 64  ASN AAA C   1 
ATOM   499  O O   . ASN A 1 67  ? -4.691  -9.947  11.134  1.000 22.041 ? 64  ASN AAA O   1 
ATOM   500  C CB  . ASN A 1 67  ? -2.977  -12.144 9.945   1.000 23.664 ? 64  ASN AAA CB  1 
ATOM   501  C CG  . ASN A 1 67  ? -2.062  -12.925 9.069   1.000 27.285 ? 64  ASN AAA CG  1 
ATOM   502  O OD1 . ASN A 1 67  ? -0.905  -12.565 8.906   1.000 28.258 ? 64  ASN AAA OD1 1 
ATOM   503  N ND2 . ASN A 1 67  ? -2.551  -14.092 8.653   1.000 33.409 ? 64  ASN AAA ND2 1 
ATOM   504  N N   . GLN A 1 68  ? -2.500  -9.257  11.250  1.000 21.656 ? 65  GLN AAA N   1 
ATOM   505  C CA  . GLN A 1 68  ? -2.606  -8.583  12.581  1.000 22.994 ? 65  GLN AAA CA  1 
ATOM   506  C C   . GLN A 1 68  ? -3.034  -7.124  12.404  1.000 22.671 ? 65  GLN AAA C   1 
ATOM   507  O O   . GLN A 1 68  ? -3.286  -6.464  13.390  1.000 26.350 ? 65  GLN AAA O   1 
ATOM   508  C CB  . GLN A 1 68  ? -1.285  -8.730  13.325  1.000 26.489 ? 65  GLN AAA CB  1 
ATOM   509  C CG  . GLN A 1 68  ? -0.895  -10.184 13.505  1.000 31.164 ? 65  GLN AAA CG  1 
ATOM   510  C CD  . GLN A 1 68  ? 0.320   -10.301 14.381  1.000 35.911 ? 65  GLN AAA CD  1 
ATOM   511  O OE1 . GLN A 1 68  ? 1.339   -9.655  14.140  1.000 36.740 ? 65  GLN AAA OE1 1 
ATOM   512  N NE2 . GLN A 1 68  ? 0.191   -11.065 15.454  1.000 41.698 ? 65  GLN AAA NE2 1 
ATOM   513  N N   . GLY A 1 69  ? -3.237  -6.681  11.172  1.000 19.719 ? 66  GLY AAA N   1 
ATOM   514  C CA  . GLY A 1 69  ? -3.756  -5.339  10.864  1.000 19.941 ? 66  GLY AAA CA  1 
ATOM   515  C C   . GLY A 1 69  ? -2.655  -4.452  10.303  1.000 20.638 ? 66  GLY AAA C   1 
ATOM   516  O O   . GLY A 1 69  ? -1.587  -4.954  9.887   1.000 20.362 ? 66  GLY AAA O   1 
ATOM   517  N N   . VAL A 1 70  ? -2.900  -3.153  10.326  1.000 19.402 ? 67  VAL AAA N   1 
ATOM   518  C CA  . VAL A 1 70  ? -1.941  -2.168  9.745   1.000 16.063 ? 67  VAL AAA CA  1 
ATOM   519  C C   . VAL A 1 70  ? -0.660  -2.137  10.572  1.000 17.730 ? 67  VAL AAA C   1 
ATOM   520  O O   . VAL A 1 70  ? -0.755  -1.947  11.824  1.000 19.363 ? 67  VAL AAA O   1 
ATOM   521  C CB  . VAL A 1 70  ? -2.620  -0.781  9.687   1.000 16.162 ? 67  VAL AAA CB  1 
ATOM   522  C CG1 . VAL A 1 70  ? -1.620  0.293   9.328   1.000 16.960 ? 67  VAL AAA CG1 1 
ATOM   523  C CG2 . VAL A 1 70  ? -3.812  -0.728  8.757   1.000 16.637 ? 67  VAL AAA CG2 1 
ATOM   524  N N   . VAL A 1 71  ? 0.515   -2.210  9.940   1.000 15.708 ? 68  VAL AAA N   1 
ATOM   525  C CA  . VAL A 1 71  ? 1.803   -2.102  10.658  1.000 17.863 ? 68  VAL AAA CA  1 
ATOM   526  C C   . VAL A 1 71  ? 2.492   -0.770  10.397  1.000 18.752 ? 68  VAL AAA C   1 
ATOM   527  O O   . VAL A 1 71  ? 3.353   -0.375  11.181  1.000 21.885 ? 68  VAL AAA O   1 
ATOM   528  C CB  . VAL A 1 71  ? 2.731   -3.292  10.356  1.000 20.290 ? 68  VAL AAA CB  1 
ATOM   529  C CG1 . VAL A 1 71  ? 2.090   -4.630  10.739  1.000 22.532 ? 68  VAL AAA CG1 1 
ATOM   530  C CG2 . VAL A 1 71  ? 3.163   -3.317  8.927   1.000 18.293 ? 68  VAL AAA CG2 1 
ATOM   531  N N   . ALA A 1 72  ? 2.140   -0.080  9.312   1.000 16.534 ? 69  ALA AAA N   1 
ATOM   532  C CA  . ALA A 1 72  ? 2.734   1.212   8.925   1.000 15.048 ? 69  ALA AAA CA  1 
ATOM   533  C C   . ALA A 1 72  ? 1.781   1.871   7.947   1.000 15.326 ? 69  ALA AAA C   1 
ATOM   534  O O   . ALA A 1 72  ? 1.103   1.158   7.205   1.000 13.357 ? 69  ALA AAA O   1 
ATOM   535  C CB  . ALA A 1 72  ? 4.066   0.980   8.276   1.000 17.953 ? 69  ALA AAA CB  1 
ATOM   536  N N   . ASP A 1 73  ? 1.761   3.207   7.922   1.000 15.257 ? 70  ASP AAA N   1 
ATOM   537  C CA  . ASP A 1 73  ? 0.948   3.894   6.914   1.000 17.179 ? 70  ASP AAA CA  1 
ATOM   538  C C   . ASP A 1 73  ? 1.513   5.271   6.680   1.000 13.960 ? 70  ASP AAA C   1 
ATOM   539  O O   . ASP A 1 73  ? 2.421   5.701   7.388   1.000 14.519 ? 70  ASP AAA O   1 
ATOM   540  C CB  . ASP A 1 73  ? -0.531  3.948   7.293   1.000 20.588 ? 70  ASP AAA CB  1 
ATOM   541  C CG  . ASP A 1 73  ? -0.919  4.819   8.459   1.000 24.660 ? 70  ASP AAA CG  1 
ATOM   542  O OD1 . ASP A 1 73  ? -0.028  5.228   9.259   1.000 22.681 ? 70  ASP AAA OD1 1 
ATOM   543  O OD2 . ASP A 1 73  ? -2.184  5.070   8.550   1.000 26.969 ? 70  ASP AAA OD2 1 
ATOM   544  N N   . GLY A 1 74  ? 1.013   5.903   5.641   1.000 13.419 ? 71  GLY AAA N   1 
ATOM   545  C CA  . GLY A 1 74  ? 1.373   7.296   5.357   1.000 13.488 ? 71  GLY AAA CA  1 
ATOM   546  C C   . GLY A 1 74  ? 0.494   7.824   4.256   1.000 15.207 ? 71  GLY AAA C   1 
ATOM   547  O O   . GLY A 1 74  ? -0.407  7.054   3.792   1.000 15.283 ? 71  GLY AAA O   1 
ATOM   548  N N   . CYS A 1 75  ? 0.713   9.057   3.830   1.000 13.449 ? 72  CYS AAA N   1 
ATOM   549  C CA  . CYS A 1 75  ? -0.165  9.589   2.761   1.000 13.848 ? 72  CYS AAA CA  1 
ATOM   550  C C   . CYS A 1 75  ? 0.551   10.611  1.919   1.000 13.505 ? 72  CYS AAA C   1 
ATOM   551  O O   . CYS A 1 75  ? 1.550   11.156  2.358   1.000 12.121 ? 72  CYS AAA O   1 
ATOM   552  C CB  . CYS A 1 75  ? -1.496  10.130  3.272   1.000 16.677 ? 72  CYS AAA CB  1 
ATOM   553  S SG  . CYS A 1 75  ? -1.465  11.781  4.006   1.000 18.118 ? 72  CYS AAA SG  1 
ATOM   554  N N   . PHE A 1 76  ? 0.045   10.831  0.710   1.000 12.985 ? 73  PHE AAA N   1 
ATOM   555  C CA  . PHE A 1 76  ? 0.296   12.101  0.002   1.000 11.108 ? 73  PHE AAA CA  1 
ATOM   556  C C   . PHE A 1 76  ? -0.950  12.952  0.035   1.000 11.110 ? 73  PHE AAA C   1 
ATOM   557  O O   . PHE A 1 76  ? -2.046  12.374  0.009   1.000 11.207 ? 73  PHE AAA O   1 
ATOM   558  C CB  . PHE A 1 76  ? 0.759   11.926  -1.435  1.000 10.397 ? 73  PHE AAA CB  1 
ATOM   559  C CG  . PHE A 1 76  ? -0.307  11.514  -2.416  1.000 10.539 ? 73  PHE AAA CG  1 
ATOM   560  C CD1 . PHE A 1 76  ? -1.091  12.490  -3.008  1.000 10.658 ? 73  PHE AAA CD1 1 
ATOM   561  C CD2 . PHE A 1 76  ? -0.535  10.190  -2.732  1.000 11.816 ? 73  PHE AAA CD2 1 
ATOM   562  C CE1 . PHE A 1 76  ? -2.081  12.156  -3.922  1.000 10.477 ? 73  PHE AAA CE1 1 
ATOM   563  C CE2 . PHE A 1 76  ? -1.497  9.871   -3.687  1.000 11.586 ? 73  PHE AAA CE2 1 
ATOM   564  C CZ  . PHE A 1 76  ? -2.289  10.849  -4.223  1.000 10.767 ? 73  PHE AAA CZ  1 
ATOM   565  N N   . THR A 1 77  ? -0.775  14.259  -0.011  1.000 9.970  ? 74  THR AAA N   1 
ATOM   566  C CA  . THR A 1 77  ? -1.884  15.202  -0.257  1.000 11.209 ? 74  THR AAA CA  1 
ATOM   567  C C   . THR A 1 77  ? -1.413  16.301  -1.191  1.000 12.415 ? 74  THR AAA C   1 
ATOM   568  O O   . THR A 1 77  ? -0.209  16.646  -1.165  1.000 11.888 ? 74  THR AAA O   1 
ATOM   569  C CB  . THR A 1 77  ? -2.490  15.786  1.014   1.000 11.538 ? 74  THR AAA CB  1 
ATOM   570  O OG1 . THR A 1 77  ? -1.481  16.423  1.786   1.000 11.227 ? 74  THR AAA OG1 1 
ATOM   571  C CG2 . THR A 1 77  ? -3.180  14.728  1.853   1.000 13.893 ? 74  THR AAA CG2 1 
ATOM   572  N N   . TYR A 1 78  ? -2.340  16.817  -2.002  1.000 11.974 ? 75  TYR AAA N   1 
ATOM   573  C CA  . TYR A 1 78  ? -2.106  18.051  -2.801  1.000 12.472 ? 75  TYR AAA CA  1 
ATOM   574  C C   . TYR A 1 78  ? -2.016  19.245  -1.865  1.000 12.752 ? 75  TYR AAA C   1 
ATOM   575  O O   . TYR A 1 78  ? -2.494  19.200  -0.713  1.000 13.326 ? 75  TYR AAA O   1 
ATOM   576  C CB  . TYR A 1 78  ? -3.144  18.197  -3.899  1.000 12.092 ? 75  TYR AAA CB  1 
ATOM   577  C CG  . TYR A 1 78  ? -3.160  17.040  -4.848  1.000 11.214 ? 75  TYR AAA CG  1 
ATOM   578  C CD1 . TYR A 1 78  ? -2.090  16.794  -5.692  1.000 11.673 ? 75  TYR AAA CD1 1 
ATOM   579  C CD2 . TYR A 1 78  ? -4.246  16.193  -4.938  1.000 11.626 ? 75  TYR AAA CD2 1 
ATOM   580  C CE1 . TYR A 1 78  ? -2.084  15.706  -6.555  1.000 11.176 ? 75  TYR AAA CE1 1 
ATOM   581  C CE2 . TYR A 1 78  ? -4.267  15.134  -5.822  1.000 12.376 ? 75  TYR AAA CE2 1 
ATOM   582  C CZ  . TYR A 1 78  ? -3.186  14.889  -6.638  1.000 11.416 ? 75  TYR AAA CZ  1 
ATOM   583  O OH  . TYR A 1 78  ? -3.198  13.828  -7.494  1.000 11.822 ? 75  TYR AAA OH  1 
ATOM   584  N N   . SER A 1 79  ? -1.362  20.293  -2.388  1.000 12.727 ? 76  SER AAA N   1 
ATOM   585  C CA  . SER A 1 79  ? -1.147  21.562  -1.669  1.000 12.644 ? 76  SER AAA CA  1 
ATOM   586  C C   . SER A 1 79  ? -2.128  22.641  -2.129  1.000 13.430 ? 76  SER AAA C   1 
ATOM   587  O O   . SER A 1 79  ? -1.930  23.788  -1.748  1.000 15.376 ? 76  SER AAA O   1 
ATOM   588  C CB  . SER A 1 79  ? 0.281   22.009  -1.796  1.000 12.966 ? 76  SER AAA CB  1 
ATOM   589  O OG  . SER A 1 79  ? 1.131   21.081  -1.117  1.000 13.603 ? 76  SER AAA OG  1 
ATOM   590  N N   . SER A 1 80  ? -3.169  22.283  -2.876  1.000 13.951 ? 77  SER AAA N   1 
ATOM   591  C CA  . SER A 1 80  ? -4.289  23.198  -3.211  1.000 14.002 ? 77  SER AAA CA  1 
ATOM   592  C C   . SER A 1 80  ? -5.596  22.512  -2.829  1.000 14.288 ? 77  SER AAA C   1 
ATOM   593  O O   . SER A 1 80  ? -5.676  21.281  -2.947  1.000 14.453 ? 77  SER AAA O   1 
ATOM   594  C CB  . SER A 1 80  ? -4.242  23.504  -4.717  1.000 14.745 ? 77  SER AAA CB  1 
ATOM   595  O OG  . SER A 1 80  ? -3.068  24.231  -5.017  1.000 18.852 ? 77  SER AAA OG  1 
ATOM   596  N N   . LYS A 1 81  ? -6.639  23.265  -2.507  1.000 14.264 ? 78  LYS AAA N   1 
ATOM   597  C CA  . LYS A 1 81  ? -7.934  22.667  -2.165  1.000 14.317 ? 78  LYS AAA CA  1 
ATOM   598  C C   . LYS A 1 81  ? -8.487  21.926  -3.388  1.000 13.271 ? 78  LYS AAA C   1 
ATOM   599  O O   . LYS A 1 81  ? -8.934  20.811  -3.231  1.000 14.244 ? 78  LYS AAA O   1 
ATOM   600  C CB  . LYS A 1 81  ? -8.923  23.720  -1.672  1.000 15.037 ? 78  LYS AAA CB  1 
ATOM   601  C CG  . LYS A 1 81  ? -10.219 23.090  -1.222  1.000 17.641 ? 78  LYS AAA CG  1 
ATOM   602  C CD  . LYS A 1 81  ? -11.153 24.121  -0.597  1.000 21.644 ? 78  LYS AAA CD  1 
ATOM   603  C CE  . LYS A 1 81  ? -12.427 23.464  -0.140  1.000 29.976 ? 78  LYS AAA CE  1 
ATOM   604  N NZ  . LYS A 1 81  ? -13.240 24.438  0.620   1.000 37.308 ? 78  LYS AAA NZ  1 
ATOM   605  N N   . VAL A 1 82  ? -8.435  22.534  -4.551  1.000 14.147 ? 79  VAL AAA N   1 
ATOM   606  C CA  . VAL A 1 82  ? -8.802  21.882  -5.833  1.000 15.927 ? 79  VAL AAA CA  1 
ATOM   607  C C   . VAL A 1 82  ? -7.667  22.179  -6.789  1.000 15.619 ? 79  VAL AAA C   1 
ATOM   608  O O   . VAL A 1 82  ? -7.600  23.281  -7.330  1.000 14.698 ? 79  VAL AAA O   1 
ATOM   609  C CB  . VAL A 1 82  ? -10.134 22.409  -6.380  1.000 20.884 ? 79  VAL AAA CB  1 
ATOM   610  C CG1 . VAL A 1 82  ? -10.485 21.729  -7.702  1.000 26.483 ? 79  VAL AAA CG1 1 
ATOM   611  C CG2 . VAL A 1 82  ? -11.223 22.186  -5.342  1.000 24.195 ? 79  VAL AAA CG2 1 
ATOM   612  N N   . PRO A 1 83  ? -6.701  21.271  -6.961  1.000 16.075 ? 80  PRO AAA N   1 
ATOM   613  C CA  . PRO A 1 83  ? -5.584  21.572  -7.841  1.000 15.374 ? 80  PRO AAA CA  1 
ATOM   614  C C   . PRO A 1 83  ? -6.052  21.758  -9.295  1.000 14.555 ? 80  PRO AAA C   1 
ATOM   615  O O   . PRO A 1 83  ? -7.079  21.251  -9.749  1.000 16.342 ? 80  PRO AAA O   1 
ATOM   616  C CB  . PRO A 1 83  ? -4.620  20.401  -7.715  1.000 18.442 ? 80  PRO AAA CB  1 
ATOM   617  C CG  . PRO A 1 83  ? -5.396  19.348  -7.069  1.000 19.618 ? 80  PRO AAA CG  1 
ATOM   618  C CD  . PRO A 1 83  ? -6.573  19.940  -6.339  1.000 16.196 ? 80  PRO AAA CD  1 
ATOM   619  N N   . GLU A 1 84  ? -5.264  22.513  -10.040 1.000 15.190 ? 81  GLU AAA N   1 
ATOM   620  C CA  . GLU A 1 84  ? -5.515  22.734  -11.477 1.000 14.850 ? 81  GLU AAA CA  1 
ATOM   621  C C   . GLU A 1 84  ? -5.547  21.375  -12.168 1.000 16.000 ? 81  GLU AAA C   1 
ATOM   622  O O   . GLU A 1 84  ? -6.401  21.114  -13.014 1.000 16.170 ? 81  GLU AAA O   1 
ATOM   623  C CB  . GLU A 1 84  ? -4.420  23.640  -12.062 1.000 16.219 ? 81  GLU AAA CB  1 
ATOM   624  C CG  . GLU A 1 84  ? -4.579  23.793  -13.564 1.000 17.139 ? 81  GLU AAA CG  1 
ATOM   625  C CD  . GLU A 1 84  ? -3.618  24.741  -14.285 1.000 16.991 ? 81  GLU AAA CD  1 
ATOM   626  O OE1 . GLU A 1 84  ? -3.938  25.071  -15.488 1.000 18.655 ? 81  GLU AAA OE1 1 
ATOM   627  O OE2 . GLU A 1 84  ? -2.653  25.199  -13.625 1.000 17.636 ? 81  GLU AAA OE2 1 
ATOM   628  N N   . SER A 1 85  ? -4.602  20.503  -11.841 1.000 13.212 ? 82  SER AAA N   1 
ATOM   629  C CA  . SER A 1 85  ? -4.553  19.115  -12.325 1.000 13.771 ? 82  SER AAA CA  1 
ATOM   630  C C   . SER A 1 85  ? -4.190  18.217  -11.150 1.000 14.191 ? 82  SER AAA C   1 
ATOM   631  O O   . SER A 1 85  ? -3.463  18.697  -10.260 1.000 14.175 ? 82  SER AAA O   1 
ATOM   632  C CB  . SER A 1 85  ? -3.569  18.991  -13.442 1.000 14.749 ? 82  SER AAA CB  1 
ATOM   633  O OG  . SER A 1 85  ? -3.258  17.644  -13.653 1.000 15.492 ? 82  SER AAA OG  1 
ATOM   634  N N   . THR A 1 86  ? -4.778  17.024  -11.074 1.000 12.526 ? 83  THR AAA N   1 
ATOM   635  C CA  . THR A 1 86  ? -4.410  16.035  -10.033 1.000 12.077 ? 83  THR AAA CA  1 
ATOM   636  C C   . THR A 1 86  ? -3.118  15.317  -10.438 1.000 12.146 ? 83  THR AAA C   1 
ATOM   637  O O   . THR A 1 86  ? -3.205  14.280  -11.107 1.000 13.251 ? 83  THR AAA O   1 
ATOM   638  C CB  . THR A 1 86  ? -5.590  15.109  -9.756  1.000 13.389 ? 83  THR AAA CB  1 
ATOM   639  O OG1 . THR A 1 86  ? -5.980  14.444  -10.945 1.000 14.633 ? 83  THR AAA OG1 1 
ATOM   640  C CG2 . THR A 1 86  ? -6.748  15.914  -9.203  1.000 14.255 ? 83  THR AAA CG2 1 
ATOM   641  N N   . GLY A 1 87  ? -1.970  15.870  -10.057 1.000 11.898 ? 84  GLY AAA N   1 
ATOM   642  C CA  . GLY A 1 87  ? -0.687  15.388  -10.555 1.000 12.015 ? 84  GLY AAA CA  1 
ATOM   643  C C   . GLY A 1 87  ? -0.386  14.033  -9.946  1.000 11.019 ? 84  GLY AAA C   1 
ATOM   644  O O   . GLY A 1 87  ? -1.003  13.654  -8.942  1.000 10.748 ? 84  GLY AAA O   1 
ATOM   645  N N   . ARG A 1 88  ? 0.578   13.328  -10.536 1.000 10.659 ? 85  ARG AAA N   1 
ATOM   646  C CA  . ARG A 1 88  ? 1.030   11.998  -10.051 1.000 10.299 ? 85  ARG AAA CA  1 
ATOM   647  C C   . ARG A 1 88  ? 1.993   12.207  -8.896  1.000 10.374 ? 85  ARG AAA C   1 
ATOM   648  O O   . ARG A 1 88  ? 3.006   12.937  -9.057  1.000 11.232 ? 85  ARG AAA O   1 
ATOM   649  C CB  . ARG A 1 88  ? 1.621   11.209  -11.211 1.000 10.476 ? 85  ARG AAA CB  1 
ATOM   650  C CG  . ARG A 1 88  ? 0.627   11.087  -12.358 1.000 10.702 ? 85  ARG AAA CG  1 
ATOM   651  C CD  . ARG A 1 88  ? -0.757  10.589  -11.955 1.000 11.500 ? 85  ARG AAA CD  1 
ATOM   652  N NE  . ARG A 1 88  ? -1.549  10.328  -13.131 1.000 11.649 ? 85  ARG AAA NE  1 
ATOM   653  C CZ  . ARG A 1 88  ? -1.997  9.159   -13.558 1.000 11.920 ? 85  ARG AAA CZ  1 
ATOM   654  N NH1 . ARG A 1 88  ? -1.636  8.020   -13.012 1.000 11.278 ? 85  ARG AAA NH1 1 
ATOM   655  N NH2 . ARG A 1 88  ? -2.704  9.122   -14.671 1.000 12.034 ? 85  ARG AAA NH2 1 
ATOM   656  N N   . MET A 1 89  ? 1.701   11.555  -7.765  1.000 10.298 ? 86  MET AAA N   1 
ATOM   657  C CA  . MET A 1 89  ? 2.417   11.787  -6.505  1.000 10.203 ? 86  MET AAA CA  1 
ATOM   658  C C   . MET A 1 89  ? 3.031   10.484  -6.025  1.000 10.855 ? 86  MET AAA C   1 
ATOM   659  O O   . MET A 1 89  ? 2.412   9.728   -5.317  1.000 11.284 ? 86  MET AAA O   1 
ATOM   660  C CB  . MET A 1 89  ? 1.404   12.283  -5.486  1.000 11.737 ? 86  MET AAA CB  1 
ATOM   661  C CG  . MET A 1 89  ? 0.780   13.596  -5.882  1.000 11.947 ? 86  MET AAA CG  1 
ATOM   662  S SD  . MET A 1 89  ? 1.959   14.974  -5.765  1.000 15.560 ? 86  MET AAA SD  1 
ATOM   663  C CE  . MET A 1 89  ? 1.861   15.328  -4.016  1.000 18.466 ? 86  MET AAA CE  1 
ATOM   664  N N   . PRO A 1 90  ? 4.246   10.196  -6.463  1.000 11.214 ? 87  PRO AAA N   1 
ATOM   665  C CA  . PRO A 1 90  ? 4.889   8.941   -6.109  1.000 10.592 ? 87  PRO AAA CA  1 
ATOM   666  C C   . PRO A 1 90  ? 4.872   8.693   -4.609  1.000 12.266 ? 87  PRO AAA C   1 
ATOM   667  O O   . PRO A 1 90  ? 5.240   9.587   -3.828  1.000 12.741 ? 87  PRO AAA O   1 
ATOM   668  C CB  . PRO A 1 90  ? 6.299   9.125   -6.643  1.000 11.812 ? 87  PRO AAA CB  1 
ATOM   669  C CG  . PRO A 1 90  ? 6.189   10.127  -7.733  1.000 11.368 ? 87  PRO AAA CG  1 
ATOM   670  C CD  . PRO A 1 90  ? 5.091   11.044  -7.331  1.000 11.510 ? 87  PRO AAA CD  1 
ATOM   671  N N   . PHE A 1 91  ? 4.588   7.458   -4.244  1.000 11.644 ? 88  PHE AAA N   1 
ATOM   672  C CA  . PHE A 1 91  ? 4.459   7.082   -2.816  1.000 10.764 ? 88  PHE AAA CA  1 
ATOM   673  C C   . PHE A 1 91  ? 5.162   5.764   -2.540  1.000 10.969 ? 88  PHE AAA C   1 
ATOM   674  O O   . PHE A 1 91  ? 4.883   4.797   -3.254  1.000 12.551 ? 88  PHE AAA O   1 
ATOM   675  C CB  . PHE A 1 91  ? 2.995   6.906   -2.467  1.000 11.479 ? 88  PHE AAA CB  1 
ATOM   676  C CG  . PHE A 1 91  ? 2.786   6.545   -1.024  1.000 11.753 ? 88  PHE AAA CG  1 
ATOM   677  C CD1 . PHE A 1 91  ? 2.813   5.215   -0.647  1.000 11.368 ? 88  PHE AAA CD1 1 
ATOM   678  C CD2 . PHE A 1 91  ? 2.760   7.492   -0.030  1.000 11.805 ? 88  PHE AAA CD2 1 
ATOM   679  C CE1 . PHE A 1 91  ? 2.678   4.862   0.697   1.000 11.843 ? 88  PHE AAA CE1 1 
ATOM   680  C CE2 . PHE A 1 91  ? 2.625   7.153   1.317   1.000 12.938 ? 88  PHE AAA CE2 1 
ATOM   681  C CZ  . PHE A 1 91  ? 2.584   5.818   1.683   1.000 12.252 ? 88  PHE AAA CZ  1 
ATOM   682  N N   . THR A 1 92  ? 6.000   5.721   -1.526  1.000 10.830 ? 89  THR AAA N   1 
ATOM   683  C CA  . THR A 1 92  ? 6.648   4.477   -1.083  1.000 10.347 ? 89  THR AAA CA  1 
ATOM   684  C C   . THR A 1 92  ? 6.536   4.421   0.437   1.000 10.509 ? 89  THR AAA C   1 
ATOM   685  O O   . THR A 1 92  ? 6.735   5.450   1.055   1.000 11.319 ? 89  THR AAA O   1 
ATOM   686  C CB  . THR A 1 92  ? 8.105   4.391   -1.520  1.000 10.692 ? 89  THR AAA CB  1 
ATOM   687  O OG1 . THR A 1 92  ? 8.117   4.426   -2.959  1.000 11.691 ? 89  THR AAA OG1 1 
ATOM   688  C CG2 . THR A 1 92  ? 8.837   3.117   -1.108  1.000 12.329 ? 89  THR AAA CG2 1 
ATOM   689  N N   . LEU A 1 93  ? 6.363   3.211   0.966   1.000 11.410 ? 90  LEU AAA N   1 
ATOM   690  C CA  . LEU A 1 93  ? 6.202   2.940   2.405   1.000 10.190 ? 90  LEU AAA CA  1 
ATOM   691  C C   . LEU A 1 93  ? 7.016   1.686   2.720   1.000 11.345 ? 90  LEU AAA C   1 
ATOM   692  O O   . LEU A 1 93  ? 6.914   0.681   2.007   1.000 12.375 ? 90  LEU AAA O   1 
ATOM   693  C CB  . LEU A 1 93  ? 4.746   2.713   2.761   1.000 11.164 ? 90  LEU AAA CB  1 
ATOM   694  C CG  . LEU A 1 93  ? 4.444   2.526   4.248   1.000 11.093 ? 90  LEU AAA CG  1 
ATOM   695  C CD1 . LEU A 1 93  ? 4.824   3.689   5.139   1.000 13.013 ? 90  LEU AAA CD1 1 
ATOM   696  C CD2 . LEU A 1 93  ? 2.969   2.194   4.382   1.000 12.048 ? 90  LEU AAA CD2 1 
ATOM   697  N N   . VAL A 1 94  ? 7.822   1.756   3.758   1.000 11.624 ? 91  VAL AAA N   1 
ATOM   698  C CA  . VAL A 1 94  ? 8.724   0.629   4.117   1.000 12.114 ? 91  VAL AAA CA  1 
ATOM   699  C C   . VAL A 1 94  ? 8.514   0.253   5.572   1.000 12.364 ? 91  VAL AAA C   1 
ATOM   700  O O   . VAL A 1 94  ? 8.581   1.123   6.435   1.000 14.678 ? 91  VAL AAA O   1 
ATOM   701  C CB  . VAL A 1 94  ? 10.196  0.977   3.881   1.000 11.850 ? 91  VAL AAA CB  1 
ATOM   702  C CG1 . VAL A 1 94  ? 11.060  -0.246  4.104   1.000 12.237 ? 91  VAL AAA CG1 1 
ATOM   703  C CG2 . VAL A 1 94  ? 10.450  1.507   2.496   1.000 12.358 ? 91  VAL AAA CG2 1 
ATOM   704  N N   . ALA A 1 95  ? 8.324   -1.043  5.829   1.000 13.761 ? 92  ALA AAA N   1 
ATOM   705  C CA  . ALA A 1 95  ? 8.130   -1.535  7.205   1.000 14.359 ? 92  ALA AAA CA  1 
ATOM   706  C C   . ALA A 1 95  ? 8.790   -2.905  7.343   1.000 15.571 ? 92  ALA AAA C   1 
ATOM   707  O O   . ALA A 1 95  ? 8.914   -3.631  6.347   1.000 18.304 ? 92  ALA AAA O   1 
ATOM   708  C CB  . ALA A 1 95  ? 6.683   -1.603  7.570   1.000 15.763 ? 92  ALA AAA CB  1 
ATOM   709  N N   . THR A 1 96  ? 9.286   -3.192  8.525   1.000 17.014 ? 93  THR AAA N   1 
ATOM   710  C CA  . THR A 1 96  ? 9.871   -4.521  8.808   1.000 19.440 ? 93  THR AAA CA  1 
ATOM   711  C C   . THR A 1 96  ? 8.976   -5.256  9.822   1.000 20.627 ? 93  THR AAA C   1 
ATOM   712  O O   . THR A 1 96  ? 8.638   -4.638  10.842  1.000 24.119 ? 93  THR AAA O   1 
ATOM   713  C CB  . THR A 1 96  ? 11.315  -4.331  9.230   1.000 22.730 ? 93  THR AAA CB  1 
ATOM   714  O OG1 . THR A 1 96  ? 11.937  -3.656  8.131   1.000 19.759 ? 93  THR AAA OG1 1 
ATOM   715  C CG2 . THR A 1 96  ? 11.981  -5.660  9.524   1.000 24.196 ? 93  THR AAA CG2 1 
ATOM   716  N N   . ILE A 1 97  ? 8.559   -6.457  9.501   1.000 23.439 ? 94  ILE AAA N   1 
ATOM   717  C CA  . ILE A 1 97  ? 7.614   -7.189  10.394  1.000 27.368 ? 94  ILE AAA CA  1 
ATOM   718  C C   . ILE A 1 97  ? 8.281   -8.453  10.952  1.000 31.865 ? 94  ILE AAA C   1 
ATOM   719  O O   . ILE A 1 97  ? 9.028   -9.128  10.227  1.000 29.079 ? 94  ILE AAA O   1 
ATOM   720  C CB  . ILE A 1 97  ? 6.297   -7.495  9.688   1.000 27.816 ? 94  ILE AAA CB  1 
ATOM   721  C CG1 . ILE A 1 97  ? 6.504   -8.289  8.409   1.000 29.623 ? 94  ILE AAA CG1 1 
ATOM   722  C CG2 . ILE A 1 97  ? 5.524   -6.202  9.416   1.000 30.379 ? 94  ILE AAA CG2 1 
ATOM   723  C CD1 . ILE A 1 97  ? 5.296   -9.037  7.977   1.000 33.238 ? 94  ILE AAA CD1 1 
ATOM   724  N N   . ASP A 1 98  ? 7.972   -8.741  12.219  1.000 35.520 ? 95  ASP AAA N   1 
ATOM   725  C CA  . ASP A 1 98  ? 8.330   -10.009 12.905  1.000 36.820 ? 95  ASP AAA CA  1 
ATOM   726  C C   . ASP A 1 98  ? 7.315   -11.058 12.472  1.000 35.319 ? 95  ASP AAA C   1 
ATOM   727  O O   A ASP A 1 98  ? 6.146   -10.935 12.865  0.500 36.413 ? 95  ASP AAA O   1 
ATOM   728  O O   B ASP A 1 98  ? 6.145   -10.935 12.865  0.500 36.408 ? 95  ASP AAA O   1 
ATOM   729  C CB  A ASP A 1 98  ? 8.431   -9.840  14.423  0.500 38.354 ? 95  ASP AAA CB  1 
ATOM   730  C CB  B ASP A 1 98  ? 8.240   -9.865  14.428  0.500 39.616 ? 95  ASP AAA CB  1 
ATOM   731  C CG  A ASP A 1 98  ? 8.853   -11.125 15.122  0.500 36.620 ? 95  ASP AAA CG  1 
ATOM   732  C CG  B ASP A 1 98  ? 9.371   -9.118  15.108  0.500 40.025 ? 95  ASP AAA CG  1 
ATOM   733  O OD1 A ASP A 1 98  ? 9.128   -12.113 14.414  0.500 36.654 ? 95  ASP AAA OD1 1 
ATOM   734  O OD1 B ASP A 1 98  ? 10.411  -8.872  14.452  0.500 40.465 ? 95  ASP AAA OD1 1 
ATOM   735  O OD2 A ASP A 1 98  ? 8.885   -11.135 16.365  0.500 43.250 ? 95  ASP AAA OD2 1 
ATOM   736  O OD2 B ASP A 1 98  ? 9.204   -8.810  16.311  0.500 42.183 ? 95  ASP AAA OD2 1 
ATOM   737  N N   . VAL A 1 99  ? 7.741   -12.047 11.695  1.000 34.698 ? 96  VAL AAA N   1 
ATOM   738  C CA  . VAL A 1 99  ? 6.876   -13.093 11.088  1.000 38.111 ? 96  VAL AAA CA  1 
ATOM   739  C C   . VAL A 1 99  ? 6.360   -14.037 12.188  1.000 40.112 ? 96  VAL AAA C   1 
ATOM   740  O O   . VAL A 1 99  ? 5.242   -14.567 12.032  1.000 43.693 ? 96  VAL AAA O   1 
ATOM   741  C CB  . VAL A 1 99  ? 7.648   -13.851 10.004  1.000 35.614 ? 96  VAL AAA CB  1 
ATOM   742  C CG1 . VAL A 1 99  ? 6.776   -14.888 9.320   1.000 40.429 ? 96  VAL AAA CG1 1 
ATOM   743  C CG2 . VAL A 1 99  ? 8.213   -12.882 8.979   1.000 36.045 ? 96  VAL AAA CG2 1 
ATOM   744  N N   . GLY A 1 100 ? 7.139   -14.201 13.255  1.000 45.401 ? 97  GLY AAA N   1 
ATOM   745  C CA  . GLY A 1 100 ? 6.811   -15.106 14.377  1.000 48.404 ? 97  GLY AAA CA  1 
ATOM   746  C C   . GLY A 1 100 ? 5.412   -14.851 14.913  1.000 49.418 ? 97  GLY AAA C   1 
ATOM   747  O O   . GLY A 1 100 ? 4.623   -15.835 14.886  1.000 50.027 ? 97  GLY AAA O   1 
ATOM   748  N N   . GLY A 1 102 ? 2.404   -14.627 14.150  1.000 43.421 ? 99  GLY AAA N   1 
ATOM   749  C CA  . GLY A 1 102 ? 1.156   -15.086 13.501  1.000 43.023 ? 99  GLY AAA CA  1 
ATOM   750  C C   . GLY A 1 102 ? 0.886   -14.347 12.204  1.000 34.317 ? 99  GLY AAA C   1 
ATOM   751  O O   . GLY A 1 102 ? -0.282  -14.033 11.922  1.000 40.652 ? 99  GLY AAA O   1 
ATOM   752  N N   . VAL A 1 103 ? 1.944   -14.024 11.467  1.000 32.860 ? 100 VAL AAA N   1 
ATOM   753  C CA  . VAL A 1 103 ? 1.848   -13.394 10.134  1.000 30.112 ? 100 VAL AAA CA  1 
ATOM   754  C C   . VAL A 1 103 ? 1.824   -14.530 9.129   1.000 27.383 ? 100 VAL AAA C   1 
ATOM   755  O O   . VAL A 1 103 ? 2.812   -15.302 9.105   1.000 31.531 ? 100 VAL AAA O   1 
ATOM   756  C CB  . VAL A 1 103 ? 3.038   -12.463 9.844   1.000 29.791 ? 100 VAL AAA CB  1 
ATOM   757  C CG1 . VAL A 1 103 ? 3.083   -12.058 8.374   1.000 31.487 ? 100 VAL AAA CG1 1 
ATOM   758  C CG2 . VAL A 1 103 ? 3.051   -11.254 10.759  1.000 34.031 ? 100 VAL AAA CG2 1 
ATOM   759  N N   . THR A 1 104 ? 0.786   -14.589 8.321   1.000 24.915 ? 101 THR AAA N   1 
ATOM   760  C CA  . THR A 1 104 ? 0.661   -15.512 7.177   1.000 26.768 ? 101 THR AAA CA  1 
ATOM   761  C C   . THR A 1 104 ? 0.507   -14.740 5.868   1.000 26.311 ? 101 THR AAA C   1 
ATOM   762  O O   . THR A 1 104 ? 0.632   -15.361 4.818   1.000 25.892 ? 101 THR AAA O   1 
ATOM   763  C CB  . THR A 1 104 ? -0.514  -16.464 7.420   1.000 29.489 ? 101 THR AAA CB  1 
ATOM   764  O OG1 . THR A 1 104 ? -1.705  -15.681 7.409   1.000 30.470 ? 101 THR AAA OG1 1 
ATOM   765  C CG2 . THR A 1 104 ? -0.378  -17.152 8.763   1.000 30.597 ? 101 THR AAA CG2 1 
ATOM   766  N N   . PHE A 1 105 ? 0.163   -13.447 5.904   1.000 23.461 ? 102 PHE AAA N   1 
ATOM   767  C CA  . PHE A 1 105 ? 0.122   -12.667 4.652   1.000 23.820 ? 102 PHE AAA CA  1 
ATOM   768  C C   . PHE A 1 105 ? 0.466   -11.207 4.935   1.000 19.003 ? 102 PHE AAA C   1 
ATOM   769  O O   . PHE A 1 105 ? 0.467   -10.795 6.090   1.000 18.092 ? 102 PHE AAA O   1 
ATOM   770  C CB  . PHE A 1 105 ? -1.234  -12.734 3.965   1.000 22.021 ? 102 PHE AAA CB  1 
ATOM   771  C CG  . PHE A 1 105 ? -2.341  -12.106 4.757   1.000 23.697 ? 102 PHE AAA CG  1 
ATOM   772  C CD1 . PHE A 1 105 ? -2.499  -10.728 4.781   1.000 21.917 ? 102 PHE AAA CD1 1 
ATOM   773  C CD2 . PHE A 1 105 ? -3.239  -12.888 5.453   1.000 23.670 ? 102 PHE AAA CD2 1 
ATOM   774  C CE1 . PHE A 1 105 ? -3.524  -10.149 5.507   1.000 23.438 ? 102 PHE AAA CE1 1 
ATOM   775  C CE2 . PHE A 1 105 ? -4.299  -12.313 6.125   1.000 23.307 ? 102 PHE AAA CE2 1 
ATOM   776  C CZ  . PHE A 1 105 ? -4.436  -10.941 6.142   1.000 23.482 ? 102 PHE AAA CZ  1 
ATOM   777  N N   . VAL A 1 106 ? 0.912   -10.533 3.865   1.000 18.305 ? 103 VAL AAA N   1 
ATOM   778  C CA  . VAL A 1 106 ? 1.151   -9.064  3.896   1.000 16.791 ? 103 VAL AAA CA  1 
ATOM   779  C C   . VAL A 1 106 ? 0.376   -8.452  2.737   1.000 16.154 ? 103 VAL AAA C   1 
ATOM   780  O O   . VAL A 1 106 ? 0.275   -9.080  1.658   1.000 17.058 ? 103 VAL AAA O   1 
ATOM   781  C CB  . VAL A 1 106 ? 2.642   -8.730  3.736   1.000 19.943 ? 103 VAL AAA CB  1 
ATOM   782  C CG1 . VAL A 1 106 ? 2.819   -7.233  3.903   1.000 22.312 ? 103 VAL AAA CG1 1 
ATOM   783  C CG2 . VAL A 1 106 ? 3.537   -9.470  4.680   1.000 20.678 ? 103 VAL AAA CG2 1 
ATOM   784  N N   . LYS A 1 107 ? -0.214  -7.269  2.917   1.000 15.632 ? 104 LYS AAA N   1 
ATOM   785  C CA  . LYS A 1 107 ? -0.984  -6.697  1.807   1.000 16.978 ? 104 LYS AAA CA  1 
ATOM   786  C C   . LYS A 1 107 ? -0.873  -5.186  1.876   1.000 14.302 ? 104 LYS AAA C   1 
ATOM   787  O O   . LYS A 1 107 ? -0.505  -4.651  2.914   1.000 14.489 ? 104 LYS AAA O   1 
ATOM   788  C CB  . LYS A 1 107 ? -2.445  -7.132  1.811   1.000 19.661 ? 104 LYS AAA CB  1 
ATOM   789  C CG  . LYS A 1 107 ? -3.192  -6.784  3.079   1.000 20.979 ? 104 LYS AAA CG  1 
ATOM   790  C CD  . LYS A 1 107 ? -4.576  -7.438  3.101   1.000 21.889 ? 104 LYS AAA CD  1 
ATOM   791  C CE  . LYS A 1 107 ? -5.209  -7.071  4.421   1.000 24.091 ? 104 LYS AAA CE  1 
ATOM   792  N NZ  . LYS A 1 107 ? -6.671  -7.316  4.432   1.000 24.420 ? 104 LYS AAA NZ  1 
ATOM   793  N N   . GLY A 1 108 ? -1.116  -4.564  0.760   1.000 13.410 ? 105 GLY AAA N   1 
ATOM   794  C CA  . GLY A 1 108 ? -1.280  -3.118  0.656   1.000 12.514 ? 105 GLY AAA CA  1 
ATOM   795  C C   . GLY A 1 108 ? -2.721  -2.724  0.819   1.000 13.402 ? 105 GLY AAA C   1 
ATOM   796  O O   . GLY A 1 108 ? -3.638  -3.420  0.323   1.000 14.569 ? 105 GLY AAA O   1 
ATOM   797  N N   . GLN A 1 109 ? -2.955  -1.599  1.476   1.000 13.698 ? 106 GLN AAA N   1 
ATOM   798  C CA  . GLN A 1 109 ? -4.297  -1.053  1.650   1.000 13.045 ? 106 GLN AAA CA  1 
ATOM   799  C C   . GLN A 1 109 ? -4.264  0.434   1.361   1.000 12.841 ? 106 GLN AAA C   1 
ATOM   800  O O   . GLN A 1 109 ? -3.174  1.056   1.360   1.000 14.176 ? 106 GLN AAA O   1 
ATOM   801  C CB  . GLN A 1 109 ? -4.828  -1.263  3.062   1.000 14.354 ? 106 GLN AAA CB  1 
ATOM   802  C CG  . GLN A 1 109 ? -4.779  -2.717  3.499   1.000 13.834 ? 106 GLN AAA CG  1 
ATOM   803  C CD  . GLN A 1 109 ? -5.584  -2.917  4.759   1.000 14.623 ? 106 GLN AAA CD  1 
ATOM   804  O OE1 . GLN A 1 109 ? -5.272  -2.340  5.793   1.000 15.836 ? 106 GLN AAA OE1 1 
ATOM   805  N NE2 . GLN A 1 109 ? -6.659  -3.682  4.638   1.000 19.337 ? 106 GLN AAA NE2 1 
ATOM   806  N N   . TRP A 1 110 ? -5.423  1.007   1.137   1.000 13.939 ? 107 TRP AAA N   1 
ATOM   807  C CA  . TRP A 1 110 ? -5.534  2.462   0.950   1.000 13.899 ? 107 TRP AAA CA  1 
ATOM   808  C C   . TRP A 1 110 ? -6.821  2.994   1.546   1.000 13.747 ? 107 TRP AAA C   1 
ATOM   809  O O   . TRP A 1 110 ? -7.791  2.252   1.706   1.000 12.823 ? 107 TRP AAA O   1 
ATOM   810  C CB  . TRP A 1 110 ? -5.330  2.871   -0.513  1.000 13.852 ? 107 TRP AAA CB  1 
ATOM   811  C CG  . TRP A 1 110 ? -6.241  2.306   -1.559  1.000 12.068 ? 107 TRP AAA CG  1 
ATOM   812  C CD1 . TRP A 1 110 ? -7.258  1.395   -1.429  1.000 13.566 ? 107 TRP AAA CD1 1 
ATOM   813  C CD2 . TRP A 1 110 ? -6.161  2.622   -2.950  1.000 13.088 ? 107 TRP AAA CD2 1 
ATOM   814  N NE1 . TRP A 1 110 ? -7.850  1.153   -2.649  1.000 12.965 ? 107 TRP AAA NE1 1 
ATOM   815  C CE2 . TRP A 1 110 ? -7.168  1.870   -3.597  1.000 13.437 ? 107 TRP AAA CE2 1 
ATOM   816  C CE3 . TRP A 1 110 ? -5.317  3.454   -3.697  1.000 13.932 ? 107 TRP AAA CE3 1 
ATOM   817  C CZ2 . TRP A 1 110 ? -7.372  1.973   -4.962  1.000 13.175 ? 107 TRP AAA CZ2 1 
ATOM   818  C CZ3 . TRP A 1 110 ? -5.522  3.551   -5.040  1.000 13.423 ? 107 TRP AAA CZ3 1 
ATOM   819  C CH2 . TRP A 1 110 ? -6.527  2.819   -5.654  1.000 14.828 ? 107 TRP AAA CH2 1 
ATOM   820  N N   . LYS A 1 111 ? -6.905  4.294   1.696   1.000 13.632 ? 108 LYS AAA N   1 
ATOM   821  C CA  . LYS A 1 111 ? -8.037  5.009   2.293   1.000 13.776 ? 108 LYS AAA CA  1 
ATOM   822  C C   . LYS A 1 111 ? -8.026  6.439   1.773   1.000 13.631 ? 108 LYS AAA C   1 
ATOM   823  O O   . LYS A 1 111 ? -6.899  7.039   1.566   1.000 12.349 ? 108 LYS AAA O   1 
ATOM   824  C CB  . LYS A 1 111 ? -7.807  5.014   3.806   1.000 18.113 ? 108 LYS AAA CB  1 
ATOM   825  C CG  . LYS A 1 111 ? -8.652  5.937   4.644   1.000 20.828 ? 108 LYS AAA CG  1 
ATOM   826  C CD  . LYS A 1 111 ? -8.342  5.753   6.129   1.000 20.140 ? 108 LYS AAA CD  1 
ATOM   827  C CE  . LYS A 1 111 ? -7.057  6.402   6.594   1.000 22.797 ? 108 LYS AAA CE  1 
ATOM   828  N NZ  . LYS A 1 111 ? -7.018  6.372   8.070   1.000 25.333 ? 108 LYS AAA NZ  1 
ATOM   829  N N   . SER A 1 112 ? -9.199  6.993   1.592   1.000 13.844 ? 109 SER AAA N   1 
ATOM   830  C CA  . SER A 1 112 ? -9.388  8.354   1.057   1.000 13.765 ? 109 SER AAA CA  1 
ATOM   831  C C   . SER A 1 112 ? -8.893  9.378   2.074   1.000 12.893 ? 109 SER AAA C   1 
ATOM   832  O O   . SER A 1 112 ? -9.176  9.209   3.261   1.000 15.322 ? 109 SER AAA O   1 
ATOM   833  C CB  . SER A 1 112 ? -10.835 8.581   0.781   1.000 14.017 ? 109 SER AAA CB  1 
ATOM   834  O OG  . SER A 1 112 ? -11.231 7.767   -0.317  1.000 16.188 ? 109 SER AAA OG  1 
ATOM   835  N N   . VAL A 1 113 ? -8.327  10.477  1.591   1.000 13.980 ? 110 VAL AAA N   1 
ATOM   836  C CA  . VAL A 1 113 ? -8.164  11.730  2.352   1.000 12.734 ? 110 VAL AAA CA  1 
ATOM   837  C C   . VAL A 1 113 ? -9.333  12.619  1.977   1.000 12.030 ? 110 VAL AAA C   1 
ATOM   838  O O   . VAL A 1 113 ? -9.516  12.922  0.807   1.000 12.768 ? 110 VAL AAA O   1 
ATOM   839  C CB  . VAL A 1 113 ? -6.823  12.430  2.086   1.000 12.633 ? 110 VAL AAA CB  1 
ATOM   840  C CG1 . VAL A 1 113 ? -6.711  13.720  2.906   1.000 14.038 ? 110 VAL AAA CG1 1 
ATOM   841  C CG2 . VAL A 1 113 ? -5.678  11.452  2.403   1.000 13.189 ? 110 VAL AAA CG2 1 
ATOM   842  N N   . ARG A 1 114 ? -10.153 12.949  2.940   1.000 13.423 ? 111 ARG AAA N   1 
ATOM   843  C CA  . ARG A 1 114 ? -11.246 13.916  2.712   1.000 12.717 ? 111 ARG AAA CA  1 
ATOM   844  C C   . ARG A 1 114 ? -12.100 13.519  1.505   1.000 13.697 ? 111 ARG AAA C   1 
ATOM   845  O O   . ARG A 1 114 ? -12.454 14.377  0.729   1.000 14.898 ? 111 ARG AAA O   1 
ATOM   846  C CB  . ARG A 1 114 ? -10.699 15.338  2.598   1.000 14.884 ? 111 ARG AAA CB  1 
ATOM   847  C CG  . ARG A 1 114 ? -10.191 15.850  3.937   1.000 13.526 ? 111 ARG AAA CG  1 
ATOM   848  C CD  . ARG A 1 114 ? -9.537  17.228  3.853   1.000 13.941 ? 111 ARG AAA CD  1 
ATOM   849  N NE  . ARG A 1 114 ? -8.266  17.211  3.164   1.000 13.823 ? 111 ARG AAA NE  1 
ATOM   850  C CZ  . ARG A 1 114 ? -7.054  17.042  3.706   1.000 14.300 ? 111 ARG AAA CZ  1 
ATOM   851  N NH1 . ARG A 1 114 ? -6.894  16.931  5.008   1.000 13.526 ? 111 ARG AAA NH1 1 
ATOM   852  N NH2 . ARG A 1 114 ? -5.982  17.023  2.922   1.000 13.921 ? 111 ARG AAA NH2 1 
ATOM   853  N N   . GLY A 1 115 ? -12.487 12.265  1.444   1.000 15.220 ? 112 GLY AAA N   1 
ATOM   854  C CA  . GLY A 1 115 ? -13.478 11.812  0.454   1.000 15.267 ? 112 GLY AAA CA  1 
ATOM   855  C C   . GLY A 1 115 ? -12.916 11.657  -0.932  1.000 14.848 ? 112 GLY AAA C   1 
ATOM   856  O O   . GLY A 1 115 ? -13.741 11.521  -1.877  1.000 17.075 ? 112 GLY AAA O   1 
ATOM   857  N N   . SER A 1 116 ? -11.594 11.689  -1.089  1.000 13.443 ? 113 SER AAA N   1 
ATOM   858  C CA  . SER A 1 116 ? -10.972 11.547  -2.422  1.000 13.458 ? 113 SER AAA CA  1 
ATOM   859  C C   . SER A 1 116 ? -11.278 10.218  -3.076  1.000 12.716 ? 113 SER AAA C   1 
ATOM   860  O O   . SER A 1 116 ? -11.203 9.188   -2.402  1.000 15.088 ? 113 SER AAA O   1 
ATOM   861  C CB  . SER A 1 116 ? -9.480  11.692  -2.315  1.000 14.272 ? 113 SER AAA CB  1 
ATOM   862  O OG  . SER A 1 116 ? -9.114  12.947  -1.835  1.000 15.193 ? 113 SER AAA OG  1 
ATOM   863  N N   . ALA A 1 117 ? -11.488 10.215  -4.379  1.000 12.147 ? 114 ALA AAA N   1 
ATOM   864  C CA  . ALA A 1 117 ? -11.456 8.978   -5.165  1.000 13.282 ? 114 ALA AAA CA  1 
ATOM   865  C C   . ALA A 1 117 ? -10.006 8.600   -5.436  1.000 13.774 ? 114 ALA AAA C   1 
ATOM   866  O O   . ALA A 1 117 ? -9.194  9.456   -5.730  1.000 15.364 ? 114 ALA AAA O   1 
ATOM   867  C CB  . ALA A 1 117 ? -12.230 9.133   -6.445  1.000 14.106 ? 114 ALA AAA CB  1 
ATOM   868  N N   . MET A 1 118 ? -9.716  7.315   -5.317  1.000 12.738 ? 115 MET AAA N   1 
ATOM   869  C CA  . MET A 1 118 ? -8.350  6.790   -5.337  1.000 12.697 ? 115 MET AAA CA  1 
ATOM   870  C C   . MET A 1 118 ? -8.036  6.144   -6.681  1.000 12.994 ? 115 MET AAA C   1 
ATOM   871  O O   . MET A 1 118 ? -8.771  5.228   -7.140  1.000 12.862 ? 115 MET AAA O   1 
ATOM   872  C CB  . MET A 1 118 ? -8.141  5.838   -4.166  1.000 13.367 ? 115 MET AAA CB  1 
ATOM   873  C CG  . MET A 1 118 ? -8.480  6.515   -2.832  1.000 14.387 ? 115 MET AAA CG  1 
ATOM   874  S SD  . MET A 1 118 ? -8.053  5.498   -1.428  1.000 14.339 ? 115 MET AAA SD  1 
ATOM   875  C CE  . MET A 1 118 ? -9.357  4.281   -1.472  1.000 16.271 ? 115 MET AAA CE  1 
ATOM   876  N N   . HIS A 1 119 ? -6.945  6.545   -7.313  1.000 11.814 ? 116 HIS AAA N   1 
ATOM   877  C CA  . HIS A 1 119 ? -6.647  6.114   -8.701  1.000 13.444 ? 116 HIS AAA CA  1 
ATOM   878  C C   . HIS A 1 119 ? -5.258  5.495   -8.832  1.000 13.855 ? 116 HIS AAA C   1 
ATOM   879  O O   . HIS A 1 119 ? -4.256  6.173   -8.517  1.000 12.458 ? 116 HIS AAA O   1 
ATOM   880  C CB  . HIS A 1 119 ? -6.676  7.287   -9.642  1.000 13.813 ? 116 HIS AAA CB  1 
ATOM   881  C CG  . HIS A 1 119 ? -7.997  7.936   -9.754  1.000 14.299 ? 116 HIS AAA CG  1 
ATOM   882  N ND1 . HIS A 1 119 ? -8.798  7.683   -10.854 1.000 16.262 ? 116 HIS AAA ND1 1 
ATOM   883  C CD2 . HIS A 1 119 ? -8.642  8.830   -8.977  1.000 16.117 ? 116 HIS AAA CD2 1 
ATOM   884  C CE1 . HIS A 1 119 ? -9.892  8.417   -10.719 1.000 15.808 ? 116 HIS AAA CE1 1 
ATOM   885  N NE2 . HIS A 1 119 ? -9.818  9.109   -9.570  1.000 17.173 ? 116 HIS AAA NE2 1 
ATOM   886  N N   . ILE A 1 120 ? -5.225  4.251   -9.265  1.000 13.372 ? 117 ILE AAA N   1 
ATOM   887  C CA  . ILE A 1 120 ? -4.024  3.561   -9.788  1.000 12.310 ? 117 ILE AAA CA  1 
ATOM   888  C C   . ILE A 1 120 ? -4.317  3.154   -11.212 1.000 10.870 ? 117 ILE AAA C   1 
ATOM   889  O O   . ILE A 1 120 ? -5.298  2.419   -11.411 1.000 11.717 ? 117 ILE AAA O   1 
ATOM   890  C CB  . ILE A 1 120 ? -3.579  2.386   -8.932  1.000 11.961 ? 117 ILE AAA CB  1 
ATOM   891  C CG1 . ILE A 1 120 ? -3.054  2.895   -7.583  1.000 11.478 ? 117 ILE AAA CG1 1 
ATOM   892  C CG2 . ILE A 1 120 ? -2.545  1.536   -9.660  1.000 12.891 ? 117 ILE AAA CG2 1 
ATOM   893  C CD1 . ILE A 1 120 ? -2.845  1.796   -6.590  1.000 13.177 ? 117 ILE AAA CD1 1 
ATOM   894  N N   . ASP A 1 121 ? -3.513  3.550   -12.171 1.000 10.684 ? 118 ASP AAA N   1 
ATOM   895  C CA  . ASP A 1 121 ? -3.753  3.162   -13.580 1.000 11.811 ? 118 ASP AAA CA  1 
ATOM   896  C C   . ASP A 1 121 ? -2.453  2.764   -14.244 1.000 12.447 ? 118 ASP AAA C   1 
ATOM   897  O O   . ASP A 1 121 ? -2.377  2.744   -15.531 1.000 12.247 ? 118 ASP AAA O   1 
ATOM   898  C CB  . ASP A 1 121 ? -4.455  4.288   -14.328 1.000 12.883 ? 118 ASP AAA CB  1 
ATOM   899  C CG  . ASP A 1 121 ? -3.583  5.501   -14.539 1.000 14.229 ? 118 ASP AAA CG  1 
ATOM   900  O OD1 . ASP A 1 121 ? -2.432  5.493   -14.047 1.000 14.318 ? 118 ASP AAA OD1 1 
ATOM   901  O OD2 . ASP A 1 121 ? -4.103  6.481   -15.157 1.000 13.569 ? 118 ASP AAA OD2 1 
ATOM   902  N N   . SER A 1 122 ? -1.446  2.425   -13.438 1.000 12.237 ? 119 SER AAA N   1 
ATOM   903  C CA  . SER A 1 122 ? -0.158  1.920   -13.939 1.000 12.210 ? 119 SER AAA CA  1 
ATOM   904  C C   . SER A 1 122 ? 0.504   1.114   -12.831 1.000 11.498 ? 119 SER AAA C   1 
ATOM   905  O O   . SER A 1 122 ? -0.040  1.101   -11.711 1.000 12.703 ? 119 SER AAA O   1 
ATOM   906  C CB  . SER A 1 122 ? 0.726   3.045   -14.469 1.000 13.231 ? 119 SER AAA CB  1 
ATOM   907  O OG  . SER A 1 122 ? 1.013   4.006   -13.479 1.000 12.352 ? 119 SER AAA OG  1 
ATOM   908  N N   . TYR A 1 123 ? 1.658   0.560   -13.129 1.000 12.065 ? 120 TYR AAA N   1 
ATOM   909  C CA  . TYR A 1 123 ? 2.464   -0.289  -12.231 1.000 10.864 ? 120 TYR AAA CA  1 
ATOM   910  C C   . TYR A 1 123 ? 2.508   0.213   -10.774 1.000 11.890 ? 120 TYR AAA C   1 
ATOM   911  O O   . TYR A 1 123 ? 2.805   1.356   -10.508 1.000 11.207 ? 120 TYR AAA O   1 
ATOM   912  C CB  . TYR A 1 123 ? 3.904   -0.352  -12.733 1.000 11.327 ? 120 TYR AAA CB  1 
ATOM   913  C CG  . TYR A 1 123 ? 4.795   -1.284  -11.961 1.000 12.732 ? 120 TYR AAA CG  1 
ATOM   914  C CD1 . TYR A 1 123 ? 4.896   -2.620  -12.242 1.000 14.030 ? 120 TYR AAA CD1 1 
ATOM   915  C CD2 . TYR A 1 123 ? 5.500   -0.799  -10.858 1.000 12.734 ? 120 TYR AAA CD2 1 
ATOM   916  C CE1 . TYR A 1 123 ? 5.740   -3.441  -11.500 1.000 14.106 ? 120 TYR AAA CE1 1 
ATOM   917  C CE2 . TYR A 1 123 ? 6.333   -1.590  -10.109 1.000 14.156 ? 120 TYR AAA CE2 1 
ATOM   918  C CZ  . TYR A 1 123 ? 6.448   -2.915  -10.427 1.000 12.618 ? 120 TYR AAA CZ  1 
ATOM   919  O OH  . TYR A 1 123 ? 7.275   -3.718  -9.687  1.000 16.645 ? 120 TYR AAA OH  1 
ATOM   920  N N   . ALA A 1 124 ? 2.239   -0.716  -9.860  1.000 11.112 ? 121 ALA AAA N   1 
ATOM   921  C CA  . ALA A 1 124 ? 2.405   -0.590  -8.401  1.000 11.441 ? 121 ALA AAA CA  1 
ATOM   922  C C   . ALA A 1 124 ? 2.861   -1.960  -7.908  1.000 11.654 ? 121 ALA AAA C   1 
ATOM   923  O O   . ALA A 1 124 ? 2.460   -2.975  -8.490  1.000 12.913 ? 121 ALA AAA O   1 
ATOM   924  C CB  . ALA A 1 124 ? 1.153   -0.096  -7.734  1.000 12.586 ? 121 ALA AAA CB  1 
ATOM   925  N N   . SER A 1 125 ? 3.592   -1.977  -6.829  1.000 11.181 ? 122 SER AAA N   1 
ATOM   926  C CA  . SER A 1 125 ? 4.120   -3.275  -6.325  1.000 11.563 ? 122 SER AAA CA  1 
ATOM   927  C C   . SER A 1 125 ? 4.126   -3.364  -4.806  1.000 13.191 ? 122 SER AAA C   1 
ATOM   928  O O   . SER A 1 125 ? 4.193   -2.356  -4.110  1.000 12.705 ? 122 SER AAA O   1 
ATOM   929  C CB  . SER A 1 125 ? 5.460   -3.516  -6.852  1.000 11.888 ? 122 SER AAA CB  1 
ATOM   930  O OG  . SER A 1 125 ? 6.366   -2.570  -6.325  1.000 14.084 ? 122 SER AAA OG  1 
ATOM   931  N N   . LEU A 1 126 ? 4.129   -4.595  -4.317  1.000 13.178 ? 123 LEU AAA N   1 
ATOM   932  C CA  . LEU A 1 126 ? 4.347   -4.893  -2.899  1.000 12.530 ? 123 LEU AAA CA  1 
ATOM   933  C C   . LEU A 1 126 ? 5.443   -5.944  -2.893  1.000 13.777 ? 123 LEU AAA C   1 
ATOM   934  O O   . LEU A 1 126 ? 5.296   -6.924  -3.604  1.000 14.601 ? 123 LEU AAA O   1 
ATOM   935  C CB  . LEU A 1 126 ? 3.068   -5.428  -2.279  1.000 13.510 ? 123 LEU AAA CB  1 
ATOM   936  C CG  . LEU A 1 126 ? 3.116   -5.769  -0.788  1.000 13.874 ? 123 LEU AAA CG  1 
ATOM   937  C CD1 . LEU A 1 126 ? 3.386   -4.550  0.097   1.000 14.808 ? 123 LEU AAA CD1 1 
ATOM   938  C CD2 . LEU A 1 126 ? 1.806   -6.452  -0.389  1.000 14.835 ? 123 LEU AAA CD2 1 
ATOM   939  N N   . SER A 1 127 ? 6.527   -5.701  -2.174  1.000 14.105 ? 124 SER AAA N   1 
ATOM   940  C CA  . SER A 1 127 ? 7.751   -6.535  -2.212  1.000 15.320 ? 124 SER AAA CA  1 
ATOM   941  C C   . SER A 1 127 ? 8.114   -6.897  -0.789  1.000 15.858 ? 124 SER AAA C   1 
ATOM   942  O O   . SER A 1 127 ? 7.893   -6.101  0.095   1.000 14.147 ? 124 SER AAA O   1 
ATOM   943  C CB  . SER A 1 127 ? 8.932   -5.771  -2.865  1.000 15.119 ? 124 SER AAA CB  1 
ATOM   944  O OG  . SER A 1 127 ? 8.568   -5.195  -4.081  1.000 17.671 ? 124 SER AAA OG  1 
ATOM   945  N N   . ALA A 1 128 ? 8.750   -8.050  -0.587  1.000 16.816 ? 125 ALA AAA N   1 
ATOM   946  C CA  . ALA A 1 128 ? 9.239   -8.417  0.748   1.000 18.946 ? 125 ALA AAA CA  1 
ATOM   947  C C   . ALA A 1 128 ? 10.531  -9.190  0.614   1.000 20.398 ? 125 ALA AAA C   1 
ATOM   948  O O   . ALA A 1 128 ? 10.623  -10.053 -0.266  1.000 19.865 ? 125 ALA AAA O   1 
ATOM   949  C CB  . ALA A 1 128 ? 8.206   -9.232  1.448   1.000 20.114 ? 125 ALA AAA CB  1 
ATOM   950  N N   . ILE A 1 129 ? 11.497  -8.850  1.453   1.000 21.065 ? 126 ILE AAA N   1 
ATOM   951  C CA  . ILE A 1 129 ? 12.784  -9.578  1.547   1.000 21.989 ? 126 ILE AAA CA  1 
ATOM   952  C C   . ILE A 1 129 ? 12.852  -10.225 2.915   1.000 22.163 ? 126 ILE AAA C   1 
ATOM   953  O O   . ILE A 1 129 ? 12.669  -9.520  3.927   1.000 19.479 ? 126 ILE AAA O   1 
ATOM   954  C CB  . ILE A 1 129 ? 13.947  -8.625  1.286   1.000 21.300 ? 126 ILE AAA CB  1 
ATOM   955  C CG1 . ILE A 1 129 ? 13.888  -8.180  -0.174  1.000 20.186 ? 126 ILE AAA CG1 1 
ATOM   956  C CG2 . ILE A 1 129 ? 15.274  -9.269  1.636   1.000 22.421 ? 126 ILE AAA CG2 1 
ATOM   957  C CD1 . ILE A 1 129 ? 15.016  -7.276  -0.559  1.000 18.827 ? 126 ILE AAA CD1 1 
ATOM   958  N N   . TRP A 1 130 ? 13.146  -11.536 2.912   1.000 24.382 ? 127 TRP AAA N   1 
ATOM   959  C CA  . TRP A 1 130 ? 13.224  -12.326 4.153   1.000 30.545 ? 127 TRP AAA CA  1 
ATOM   960  C C   . TRP A 1 130 ? 14.618  -12.172 4.763   1.000 29.024 ? 127 TRP AAA C   1 
ATOM   961  O O   . TRP A 1 130 ? 15.620  -12.096 4.039   1.000 27.168 ? 127 TRP AAA O   1 
ATOM   962  C CB  . TRP A 1 130 ? 12.816  -13.784 3.900   1.000 34.289 ? 127 TRP AAA CB  1 
ATOM   963  C CG  . TRP A 1 130 ? 12.829  -14.562 5.175   1.000 41.303 ? 127 TRP AAA CG  1 
ATOM   964  C CD1 . TRP A 1 130 ? 11.911  -14.535 6.185   1.000 44.540 ? 127 TRP AAA CD1 1 
ATOM   965  C CD2 . TRP A 1 130 ? 13.912  -15.382 5.634   1.000 44.970 ? 127 TRP AAA CD2 1 
ATOM   966  N NE1 . TRP A 1 130 ? 12.330  -15.317 7.231   1.000 46.645 ? 127 TRP AAA NE1 1 
ATOM   967  C CE2 . TRP A 1 130 ? 13.557  -15.846 6.921   1.000 47.947 ? 127 TRP AAA CE2 1 
ATOM   968  C CE3 . TRP A 1 130 ? 15.140  -15.757 5.077   1.000 45.366 ? 127 TRP AAA CE3 1 
ATOM   969  C CZ2 . TRP A 1 130 ? 14.384  -16.703 7.640   1.000 45.908 ? 127 TRP AAA CZ2 1 
ATOM   970  C CZ3 . TRP A 1 130 ? 15.959  -16.595 5.797   1.000 41.679 ? 127 TRP AAA CZ3 1 
ATOM   971  C CH2 . TRP A 1 130 ? 15.577  -17.062 7.057   1.000 42.970 ? 127 TRP AAA CH2 1 
ATOM   972  N N   . GLY A 1 131 ? 14.657  -12.024 6.069   1.000 27.897 ? 128 GLY AAA N   1 
ATOM   973  C CA  . GLY A 1 131 ? 15.902  -11.958 6.845   1.000 30.793 ? 128 GLY AAA CA  1 
ATOM   974  C C   . GLY A 1 131 ? 15.633  -12.510 8.226   1.000 32.913 ? 128 GLY AAA C   1 
ATOM   975  O O   . GLY A 1 131 ? 14.560  -13.107 8.431   1.000 32.780 ? 128 GLY AAA O   1 
ATOM   976  N N   . THR A 1 132 ? 16.595  -12.363 9.109   1.000 32.281 ? 129 THR AAA N   1 
ATOM   977  C CA  . THR A 1 132 ? 16.527  -12.884 10.489  1.000 35.779 ? 129 THR AAA CA  1 
ATOM   978  C C   . THR A 1 132 ? 16.616  -11.686 11.417  1.000 35.832 ? 129 THR AAA C   1 
ATOM   979  O O   . THR A 1 132 ? 16.981  -10.574 10.962  1.000 38.224 ? 129 THR AAA O   1 
ATOM   980  C CB  . THR A 1 132 ? 17.649  -13.896 10.770  1.000 33.362 ? 129 THR AAA CB  1 
ATOM   981  O OG1 . THR A 1 132 ? 18.910  -13.211 10.768  1.000 29.629 ? 129 THR AAA OG1 1 
ATOM   982  C CG2 . THR A 1 132 ? 17.637  -15.039 9.779   1.000 38.248 ? 129 THR AAA CG2 1 
ATOM   983  N N   . ALA A 1 133 ? 16.324  -11.893 12.693  1.000 36.619 ? 130 ALA AAA N   1 
ATOM   984  C CA  . ALA A 1 133 ? 16.732  -10.906 13.706  1.000 38.558 ? 130 ALA AAA CA  1 
ATOM   985  C C   . ALA A 1 133 ? 18.269  -10.848 13.682  1.000 37.428 ? 130 ALA AAA C   1 
ATOM   986  O O   . ALA A 1 133 ? 18.920  -11.678 12.989  1.000 39.626 ? 130 ALA AAA O   1 
ATOM   987  C CB  . ALA A 1 133 ? 16.124  -11.257 15.045  1.000 38.485 ? 130 ALA AAA CB  1 
ATOM   988  N N   . ALA A 1 134 ? 18.844  -9.842  14.321  1.000 43.331 ? 131 ALA AAA N   1 
ATOM   989  C CA  . ALA A 1 134 ? 20.309  -9.674  14.421  1.000 49.393 ? 131 ALA AAA CA  1 
ATOM   990  C C   . ALA A 1 134 ? 20.827  -10.532 15.581  1.000 50.732 ? 131 ALA AAA C   1 
ATOM   991  O O   . ALA A 1 134 ? 21.801  -11.238 15.366  1.000 46.842 ? 131 ALA AAA O   1 
ATOM   992  C CB  . ALA A 1 134 ? 20.670  -8.215  14.601  1.000 50.933 ? 131 ALA AAA CB  1 
ATOM   993  O OXT . ALA A 1 134 ? 20.308  -10.520 16.709  1.000 55.203 ? 131 ALA AAA OXT 1 
HETATM 994  C C1  . NAG B 2 .   ? -7.143  16.284  -17.524 1.000 29.867 ? 1   NAG A   C1  1 
HETATM 995  C C2  . NAG B 2 .   ? -5.943  15.303  -17.484 1.000 23.493 ? 1   NAG A   C2  1 
HETATM 996  C C3  . NAG B 2 .   ? -6.053  14.166  -18.501 1.000 26.044 ? 1   NAG A   C3  1 
HETATM 997  C C4  . NAG B 2 .   ? -7.412  13.504  -18.292 1.000 33.926 ? 1   NAG A   C4  1 
HETATM 998  C C5  . NAG B 2 .   ? -8.538  14.555  -18.355 1.000 39.328 ? 1   NAG A   C5  1 
HETATM 999  C C6  . NAG B 2 .   ? -9.949  13.981  -18.186 1.000 43.828 ? 1   NAG A   C6  1 
HETATM 1000 C C7  . NAG B 2 .   ? -4.073  16.637  -16.780 1.000 19.354 ? 1   NAG A   C7  1 
HETATM 1001 C C8  . NAG B 2 .   ? -2.901  17.496  -17.173 1.000 19.650 ? 1   NAG A   C8  1 
HETATM 1002 N N2  . NAG B 2 .   ? -4.743  16.048  -17.779 1.000 22.599 ? 1   NAG A   N2  1 
HETATM 1003 O O1  . NAG B 2 .   ? -7.056  17.283  -16.508 0.600 26.401 ? 1   NAG A   O1  1 
HETATM 1004 O O3  . NAG B 2 .   ? -5.055  13.184  -18.188 1.000 20.988 ? 1   NAG A   O3  1 
HETATM 1005 O O4  . NAG B 2 .   ? -7.554  12.486  -19.298 1.000 39.107 ? 1   NAG A   O4  1 
HETATM 1006 O O5  . NAG B 2 .   ? -8.345  15.543  -17.330 1.000 35.880 ? 1   NAG A   O5  1 
HETATM 1007 O O6  . NAG B 2 .   ? -9.939  12.878  -17.274 1.000 52.056 ? 1   NAG A   O6  1 
HETATM 1008 O O7  . NAG B 2 .   ? -4.413  16.461  -15.614 1.000 19.411 ? 1   NAG A   O7  1 
HETATM 1009 C C1  . GAL B 2 .   ? -4.181  12.982  -19.217 1.000 20.773 ? 2   GAL A   C1  1 
HETATM 1010 C C2  . GAL B 2 .   ? -3.072  12.054  -18.684 1.000 16.058 ? 2   GAL A   C2  1 
HETATM 1011 C C3  . GAL B 2 .   ? -2.087  11.722  -19.770 1.000 19.386 ? 2   GAL A   C3  1 
HETATM 1012 C C4  . GAL B 2 .   ? -2.836  11.119  -20.942 1.000 21.873 ? 2   GAL A   C4  1 
HETATM 1013 C C5  . GAL B 2 .   ? -3.998  12.014  -21.305 1.000 22.910 ? 2   GAL A   C5  1 
HETATM 1014 C C6  . GAL B 2 .   ? -4.793  11.352  -22.485 1.000 25.065 ? 2   GAL A   C6  1 
HETATM 1015 O O2  . GAL B 2 .   ? -2.289  12.845  -17.727 1.000 14.771 ? 2   GAL A   O2  1 
HETATM 1016 O O3  . GAL B 2 .   ? -1.132  10.782  -19.323 1.000 19.529 ? 2   GAL A   O3  1 
HETATM 1017 O O4  . GAL B 2 .   ? -3.350  9.828   -20.618 1.000 22.904 ? 2   GAL A   O4  1 
HETATM 1018 O O5  . GAL B 2 .   ? -4.870  12.237  -20.250 1.000 22.492 ? 2   GAL A   O5  1 
HETATM 1019 O O6  . GAL B 2 .   ? -5.574  12.375  -23.108 1.000 31.182 ? 2   GAL A   O6  1 
HETATM 1020 C C1  . FUC B 2 .   ? -1.873  12.090  -16.578 1.000 14.987 ? 3   FUC A   C1  1 
HETATM 1021 C C2  . FUC B 2 .   ? -0.761  12.884  -15.898 1.000 13.706 ? 3   FUC A   C2  1 
HETATM 1022 C C3  . FUC B 2 .   ? -1.286  14.205  -15.357 1.000 14.195 ? 3   FUC A   C3  1 
HETATM 1023 C C4  . FUC B 2 .   ? -2.420  13.928  -14.377 1.000 14.257 ? 3   FUC A   C4  1 
HETATM 1024 C C5  . FUC B 2 .   ? -3.476  13.130  -15.115 1.000 13.792 ? 3   FUC A   C5  1 
HETATM 1025 C C6  . FUC B 2 .   ? -4.638  12.759  -14.181 1.000 15.973 ? 3   FUC A   C6  1 
HETATM 1026 O O2  . FUC B 2 .   ? 0.304   13.172  -16.831 1.000 14.328 ? 3   FUC A   O2  1 
HETATM 1027 O O3  . FUC B 2 .   ? -0.224  14.900  -14.709 1.000 14.317 ? 3   FUC A   O3  1 
HETATM 1028 O O4  . FUC B 2 .   ? -1.982  13.180  -13.232 1.000 14.625 ? 3   FUC A   O4  1 
HETATM 1029 O O5  . FUC B 2 .   ? -2.911  11.928  -15.618 1.000 15.217 ? 3   FUC A   O5  1 
HETATM 1030 O O   . HOH C 3 .   ? -5.286  -5.818  14.311  0.330 9.652  ? 301 HOH AAA O   1 
HETATM 1031 O O   . HOH C 3 .   ? -6.706  -11.144 10.566  1.000 32.293 ? 302 HOH AAA O   1 
HETATM 1032 O O   . HOH C 3 .   ? -3.447  26.185  -6.464  1.000 31.322 ? 303 HOH AAA O   1 
HETATM 1033 O O   . HOH C 3 .   ? 4.083   -17.568 8.227   1.000 32.658 ? 304 HOH AAA O   1 
HETATM 1034 O O   . HOH C 3 .   ? -8.001  14.537  -12.410 1.000 24.496 ? 305 HOH AAA O   1 
HETATM 1035 O O   . HOH C 3 .   ? -8.855  20.971  -13.476 1.000 44.765 ? 306 HOH AAA O   1 
HETATM 1036 O O   . HOH C 3 .   ? 4.070   -16.825 -1.395  1.000 36.912 ? 307 HOH AAA O   1 
HETATM 1037 O O   . HOH C 3 .   ? -6.691  -2.596  7.865   1.000 28.739 ? 308 HOH AAA O   1 
HETATM 1038 O O   . HOH C 3 .   ? -5.866  24.153  -16.862 1.000 30.720 ? 309 HOH AAA O   1 
HETATM 1039 O O   . HOH C 3 .   ? -11.553 8.536   7.257   1.000 36.564 ? 310 HOH AAA O   1 
HETATM 1040 O O   . HOH C 3 .   ? -8.973  9.615   5.780   1.000 39.481 ? 311 HOH AAA O   1 
HETATM 1041 O O   . HOH C 3 .   ? -2.756  26.636  -11.502 1.000 26.917 ? 312 HOH AAA O   1 
HETATM 1042 O O   . HOH C 3 .   ? 15.057  -3.386  -0.076  0.330 19.261 ? 313 HOH AAA O   1 
HETATM 1043 O O   . HOH C 3 .   ? -1.216  -17.111 4.190   1.000 42.908 ? 314 HOH AAA O   1 
HETATM 1044 O O   . HOH C 3 .   ? 11.413  -1.132  8.227   1.000 22.233 ? 315 HOH AAA O   1 
HETATM 1045 O O   . HOH C 3 .   ? -0.523  -11.956 -4.924  1.000 34.533 ? 316 HOH AAA O   1 
HETATM 1046 O O   . HOH C 3 .   ? -0.649  17.381  -14.086 1.000 17.852 ? 317 HOH AAA O   1 
HETATM 1047 O O   . HOH C 3 .   ? -12.483 -0.748  5.535   1.000 20.525 ? 318 HOH AAA O   1 
HETATM 1048 O O   . HOH C 3 .   ? -14.885 1.120   2.772   1.000 35.703 ? 319 HOH AAA O   1 
HETATM 1049 O O   . HOH C 3 .   ? 7.452   -2.824  -3.799  1.000 14.726 ? 320 HOH AAA O   1 
HETATM 1050 O O   . HOH C 3 .   ? -14.225 22.448  -3.524  1.000 30.296 ? 321 HOH AAA O   1 
HETATM 1051 O O   . HOH C 3 .   ? -15.790 1.780   5.803   1.000 40.844 ? 322 HOH AAA O   1 
HETATM 1052 O O   . HOH C 3 .   ? -7.880  3.089   -8.988  1.000 13.547 ? 323 HOH AAA O   1 
HETATM 1053 O O   . HOH C 3 .   ? 3.315   3.371   -12.311 1.000 12.397 ? 324 HOH AAA O   1 
HETATM 1054 O O   . HOH C 3 .   ? -3.198  3.965   10.746  1.000 21.734 ? 325 HOH AAA O   1 
HETATM 1055 O O   . HOH C 3 .   ? -4.477  -6.330  -1.090  1.000 20.879 ? 326 HOH AAA O   1 
HETATM 1056 O O   . HOH C 3 .   ? -12.393 10.082  -9.883  1.000 31.905 ? 327 HOH AAA O   1 
HETATM 1057 O O   . HOH C 3 .   ? -3.481  0.205   -16.246 1.000 15.794 ? 328 HOH AAA O   1 
HETATM 1058 O O   . HOH C 3 .   ? -5.929  -4.612  -8.990  1.000 25.670 ? 329 HOH AAA O   1 
HETATM 1059 O O   . HOH C 3 .   ? -6.360  6.210   -16.609 1.000 18.340 ? 330 HOH AAA O   1 
HETATM 1060 O O   . HOH C 3 .   ? 6.130   -8.446  -9.292  1.000 29.963 ? 331 HOH AAA O   1 
HETATM 1061 O O   . HOH C 3 .   ? -0.926  4.568   -11.287 1.000 11.592 ? 332 HOH AAA O   1 
HETATM 1062 O O   . HOH C 3 .   ? 1.975   -7.976  12.102  1.000 23.104 ? 333 HOH AAA O   1 
HETATM 1063 O O   . HOH C 3 .   ? -1.614  22.354  -6.341  1.000 27.031 ? 334 HOH AAA O   1 
HETATM 1064 O O   . HOH C 3 .   ? 1.904   10.974  -16.914 1.000 24.727 ? 335 HOH AAA O   1 
HETATM 1065 O O   . HOH C 3 .   ? 11.993  -5.137  0.793   1.000 17.407 ? 336 HOH AAA O   1 
HETATM 1066 O O   . HOH C 3 .   ? -8.694  19.062  -9.526  1.000 29.162 ? 337 HOH AAA O   1 
HETATM 1067 O O   . HOH C 3 .   ? -8.005  5.847   -12.714 1.000 24.378 ? 338 HOH AAA O   1 
HETATM 1068 O O   . HOH C 3 .   ? -6.683  -9.651  3.013   1.000 44.314 ? 339 HOH AAA O   1 
HETATM 1069 O O   . HOH C 3 .   ? 5.711   -12.476 -8.204  1.000 39.646 ? 340 HOH AAA O   1 
HETATM 1070 O O   . HOH C 3 .   ? -1.002  -9.330  -8.132  1.000 26.238 ? 341 HOH AAA O   1 
HETATM 1071 O O   . HOH C 3 .   ? 15.745  -13.073 1.198   1.000 32.284 ? 342 HOH AAA O   1 
HETATM 1072 O O   . HOH C 3 .   ? -8.192  4.350   9.500   1.000 27.541 ? 343 HOH AAA O   1 
HETATM 1073 O O   . HOH C 3 .   ? 1.539   18.517  -2.190  1.000 14.843 ? 344 HOH AAA O   1 
HETATM 1074 O O   . HOH C 3 .   ? 1.577   -7.931  -12.342 1.000 38.788 ? 345 HOH AAA O   1 
HETATM 1075 O O   . HOH C 3 .   ? -16.308 3.654   -6.674  1.000 25.647 ? 346 HOH AAA O   1 
HETATM 1076 O O   . HOH C 3 .   ? -9.821  -0.996  -3.023  1.000 13.935 ? 347 HOH AAA O   1 
HETATM 1077 O O   . HOH C 3 .   ? 14.596  -4.034  7.459   1.000 25.046 ? 348 HOH AAA O   1 
HETATM 1078 O O   . HOH C 3 .   ? -9.584  -3.563  5.344   1.000 28.163 ? 349 HOH AAA O   1 
HETATM 1079 O O   . HOH C 3 .   ? -14.340 16.334  1.272   1.000 40.058 ? 350 HOH AAA O   1 
HETATM 1080 O O   A HOH C 3 .   ? -3.681  26.825  -17.632 0.500 15.005 ? 351 HOH AAA O   1 
HETATM 1081 O O   B HOH C 3 .   ? -2.914  27.052  -16.833 0.500 19.043 ? 351 HOH AAA O   1 
HETATM 1082 O O   . HOH C 3 .   ? 1.457   3.677   11.029  1.000 34.125 ? 352 HOH AAA O   1 
HETATM 1083 O O   . HOH C 3 .   ? -5.759  -7.651  8.445   1.000 33.237 ? 353 HOH AAA O   1 
HETATM 1084 O O   . HOH C 3 .   ? -14.827 1.058   -9.177  1.000 19.963 ? 354 HOH AAA O   1 
HETATM 1085 O O   . HOH C 3 .   ? -7.125  -2.069  -16.136 1.000 13.907 ? 355 HOH AAA O   1 
HETATM 1086 O O   . HOH C 3 .   ? -8.477  25.613  -8.598  1.000 14.892 ? 356 HOH AAA O   1 
HETATM 1087 O O   . HOH C 3 .   ? 7.759   6.718   -4.529  1.000 18.066 ? 357 HOH AAA O   1 
HETATM 1088 O O   . HOH C 3 .   ? -1.881  4.883   -17.297 0.500 14.193 ? 358 HOH AAA O   1 
HETATM 1089 O O   . HOH C 3 .   ? -7.911  3.172   -12.153 1.000 18.746 ? 359 HOH AAA O   1 
HETATM 1090 O O   . HOH C 3 .   ? -1.445  8.209   -18.201 1.000 31.942 ? 360 HOH AAA O   1 
HETATM 1091 O O   . HOH C 3 .   ? 2.327   -5.163  -12.774 1.000 24.243 ? 361 HOH AAA O   1 
HETATM 1092 O O   . HOH C 3 .   ? 4.714   12.359  -3.986  1.000 24.787 ? 362 HOH AAA O   1 
HETATM 1093 O O   . HOH C 3 .   ? 8.033   -6.378  -10.270 1.000 25.598 ? 363 HOH AAA O   1 
HETATM 1094 O O   . HOH C 3 .   ? 6.324   -7.040  13.767  0.600 29.195 ? 364 HOH AAA O   1 
HETATM 1095 O O   . HOH C 3 .   ? -0.727  25.770  -3.389  1.000 20.473 ? 365 HOH AAA O   1 
HETATM 1096 O O   . HOH C 3 .   ? -6.439  -4.530  -12.123 1.000 28.158 ? 366 HOH AAA O   1 
HETATM 1097 O O   . HOH C 3 .   ? -13.733 12.508  -7.085  1.000 28.282 ? 367 HOH AAA O   1 
HETATM 1098 O O   . HOH C 3 .   ? 0.220   6.205   -15.103 1.000 24.699 ? 368 HOH AAA O   1 
HETATM 1099 O O   . HOH C 3 .   ? -16.069 4.105   3.610   1.000 30.891 ? 369 HOH AAA O   1 
HETATM 1100 O O   . HOH C 3 .   ? -9.290  1.905   8.593   1.000 22.888 ? 370 HOH AAA O   1 
HETATM 1101 O O   . HOH C 3 .   ? -3.408  -5.232  -12.254 1.000 22.275 ? 371 HOH AAA O   1 
HETATM 1102 O O   . HOH C 3 .   ? -14.473 25.255  -1.825  1.000 36.721 ? 372 HOH AAA O   1 
HETATM 1103 O O   . HOH C 3 .   ? 2.690   -12.624 -6.575  1.000 37.646 ? 373 HOH AAA O   1 
HETATM 1104 O O   . HOH C 3 .   ? -10.451 -7.807  2.649   1.000 25.223 ? 374 HOH AAA O   1 
HETATM 1105 O O   . HOH C 3 .   ? 15.573  -14.515 13.558  1.000 35.833 ? 375 HOH AAA O   1 
HETATM 1106 O O   . HOH C 3 .   ? -5.952  -9.007  -3.468  1.000 27.715 ? 376 HOH AAA O   1 
HETATM 1107 O O   . HOH C 3 .   ? -4.187  16.515  -20.551 1.000 38.767 ? 377 HOH AAA O   1 
HETATM 1108 O O   . HOH C 3 .   ? -12.420 1.871   -12.017 1.000 18.998 ? 378 HOH AAA O   1 
HETATM 1109 O O   . HOH C 3 .   ? -8.935  -8.650  -0.965  1.000 28.440 ? 379 HOH AAA O   1 
HETATM 1110 O O   . HOH C 3 .   ? 1.203   3.551   -9.476  1.000 12.041 ? 380 HOH AAA O   1 
HETATM 1111 O O   . HOH C 3 .   ? -12.051 10.383  3.617   1.000 21.853 ? 381 HOH AAA O   1 
HETATM 1112 O O   . HOH C 3 .   ? -5.600  25.385  -7.574  1.000 25.334 ? 382 HOH AAA O   1 
HETATM 1113 O O   . HOH C 3 .   ? 1.200   -14.692 -2.881  1.000 39.349 ? 383 HOH AAA O   1 
HETATM 1114 O O   . HOH C 3 .   ? -0.483  20.195  -5.187  1.000 20.868 ? 384 HOH AAA O   1 
HETATM 1115 O O   . HOH C 3 .   ? 2.181   -10.113 -9.318  1.000 25.135 ? 385 HOH AAA O   1 
HETATM 1116 O O   . HOH C 3 .   ? -5.311  -2.240  11.757  1.000 29.618 ? 386 HOH AAA O   1 
HETATM 1117 O O   . HOH C 3 .   ? -6.227  -13.313 3.160   1.000 44.414 ? 387 HOH AAA O   1 
HETATM 1118 O O   . HOH C 3 .   ? -14.279 12.578  -4.580  1.000 38.913 ? 388 HOH AAA O   1 
HETATM 1119 O O   . HOH C 3 .   ? -9.630  12.487  5.810   1.000 24.809 ? 389 HOH AAA O   1 
HETATM 1120 O O   . HOH C 3 .   ? -0.749  7.316   11.226  1.000 21.992 ? 390 HOH AAA O   1 
HETATM 1121 O O   . HOH C 3 .   ? 2.568   0.192   -15.920 1.000 17.184 ? 391 HOH AAA O   1 
HETATM 1122 O O   A HOH C 3 .   ? -17.931 5.093   -0.996  0.500 21.943 ? 392 HOH AAA O   1 
HETATM 1123 O O   B HOH C 3 .   ? -16.779 3.519   -0.449  0.500 10.632 ? 392 HOH AAA O   1 
HETATM 1124 O O   . HOH C 3 .   ? -15.049 6.741   -6.261  0.500 18.337 ? 393 HOH AAA O   1 
HETATM 1125 O O   . HOH C 3 .   ? 18.297  -10.875 3.632   1.000 29.261 ? 394 HOH AAA O   1 
HETATM 1126 O O   . HOH C 3 .   ? 8.112   9.291   -3.076  0.330 17.175 ? 395 HOH AAA O   1 
HETATM 1127 O O   . HOH C 3 .   ? -1.565  -4.085  13.937  1.000 27.882 ? 396 HOH AAA O   1 
HETATM 1128 O O   . HOH C 3 .   ? -8.927  16.880  7.209   1.000 25.136 ? 397 HOH AAA O   1 
HETATM 1129 O O   . HOH C 3 .   ? -8.066  9.167   8.353   1.000 38.335 ? 398 HOH AAA O   1 
HETATM 1130 O O   . HOH C 3 .   ? 6.119   -1.445  11.619  1.000 36.673 ? 399 HOH AAA O   1 
HETATM 1131 O O   . HOH C 3 .   ? -10.798 15.886  -1.268  1.000 20.367 ? 400 HOH AAA O   1 
HETATM 1132 O O   . HOH C 3 .   ? -13.701 15.301  -1.850  1.000 33.120 ? 401 HOH AAA O   1 
HETATM 1133 O O   . HOH C 3 .   ? -6.543  16.571  -13.487 1.000 20.939 ? 402 HOH AAA O   1 
HETATM 1134 O O   . HOH C 3 .   ? 6.283   -13.790 -4.874  1.000 30.292 ? 403 HOH AAA O   1 
HETATM 1135 O O   . HOH C 3 .   ? -10.518 -4.422  2.867   1.000 20.309 ? 404 HOH AAA O   1 
HETATM 1136 O O   . HOH C 3 .   ? -15.063 22.283  1.954   1.000 37.726 ? 405 HOH AAA O   1 
HETATM 1137 O O   A HOH C 3 .   ? -10.528 16.306  -8.801  0.500 20.329 ? 406 HOH AAA O   1 
HETATM 1138 O O   B HOH C 3 .   ? -9.815  17.031  -8.123  0.500 18.870 ? 406 HOH AAA O   1 
HETATM 1139 O O   . HOH C 3 .   ? -7.164  -5.792  7.153   1.000 36.773 ? 407 HOH AAA O   1 
HETATM 1140 O O   . HOH C 3 .   ? -6.458  9.009   -16.415 1.000 41.218 ? 408 HOH AAA O   1 
HETATM 1141 O O   . HOH C 3 .   ? -8.344  18.719  -12.183 1.000 31.811 ? 409 HOH AAA O   1 
HETATM 1142 O O   . HOH C 3 .   ? -4.313  -3.489  14.007  1.000 28.216 ? 410 HOH AAA O   1 
HETATM 1143 O O   . HOH C 3 .   ? -12.921 27.234  -1.002  1.000 40.937 ? 411 HOH AAA O   1 
HETATM 1144 O O   . HOH C 3 .   ? 11.476  -19.021 8.694   0.500 22.692 ? 412 HOH AAA O   1 
HETATM 1145 O O   . HOH C 3 .   ? -9.046  9.685   -17.310 1.000 44.250 ? 413 HOH AAA O   1 
HETATM 1146 O O   . HOH C 3 .   ? -1.653  13.255  7.678   1.000 30.771 ? 414 HOH AAA O   1 
HETATM 1147 O O   . HOH C 3 .   ? -5.651  -8.611  -0.941  1.000 34.793 ? 415 HOH AAA O   1 
HETATM 1148 O O   . HOH C 3 .   ? 0.003   -15.683 16.649  0.330 37.149 ? 416 HOH AAA O   1 
HETATM 1149 O O   . HOH C 3 .   ? 1.051   12.591  -21.893 1.000 45.969 ? 417 HOH AAA O   1 
HETATM 1150 O O   . HOH C 3 .   ? 0.448   23.859  -6.532  0.330 45.099 ? 418 HOH AAA O   1 
HETATM 1151 O O   . HOH C 3 .   ? -12.247 11.356  -12.277 1.000 46.021 ? 419 HOH AAA O   1 
HETATM 1152 O O   . HOH C 3 .   ? -2.156  -7.249  -13.286 1.000 36.523 ? 420 HOH AAA O   1 
HETATM 1153 O O   . HOH C 3 .   ? -10.338 8.729   9.575   1.000 40.114 ? 421 HOH AAA O   1 
HETATM 1154 O O   . HOH C 3 .   ? -11.756 9.338   -15.519 1.000 50.082 ? 422 HOH AAA O   1 
HETATM 1155 O O   . HOH C 3 .   ? -3.468  -9.101  -9.578  1.000 35.004 ? 423 HOH AAA O   1 
HETATM 1156 O O   . HOH C 3 .   ? -8.528  -5.237  -9.318  1.000 31.173 ? 424 HOH AAA O   1 
HETATM 1157 O O   . HOH C 3 .   ? -10.233 -5.015  -11.177 0.330 28.988 ? 425 HOH AAA O   1 
HETATM 1158 O O   . HOH C 3 .   ? -15.434 8.055   -7.990  0.500 24.898 ? 426 HOH AAA O   1 
HETATM 1159 O O   . HOH C 3 .   ? -7.133  3.733   11.742  1.000 40.178 ? 427 HOH AAA O   1 
HETATM 1160 O O   . HOH C 3 .   ? -10.320 15.756  -11.523 1.000 28.023 ? 428 HOH AAA O   1 
HETATM 1161 O O   . HOH C 3 .   ? -7.546  -0.644  9.555   1.000 45.680 ? 429 HOH AAA O   1 
HETATM 1162 O O   . HOH C 3 .   ? -6.246  -0.011  11.499  1.000 40.563 ? 430 HOH AAA O   1 
HETATM 1163 O O   . HOH C 3 .   ? -5.394  2.169   10.844  1.000 35.090 ? 431 HOH AAA O   1 
HETATM 1164 O O   . HOH C 3 .   ? -8.122  -8.217  -8.929  1.000 32.766 ? 432 HOH AAA O   1 
# 
